data_2V7S
# 
_entry.id   2V7S 
# 
_audit_conform.dict_name       mmcif_pdbx.dic 
_audit_conform.dict_version    5.398 
_audit_conform.dict_location   http://mmcif.pdb.org/dictionaries/ascii/mmcif_pdbx.dic 
# 
loop_
_database_2.database_id 
_database_2.database_code 
_database_2.pdbx_database_accession 
_database_2.pdbx_DOI 
PDB   2V7S         pdb_00002v7s 10.2210/pdb2v7s/pdb 
PDBE  EBI-33303    ?            ?                   
WWPDB D_1290033303 ?            ?                   
# 
loop_
_pdbx_audit_revision_history.ordinal 
_pdbx_audit_revision_history.data_content_type 
_pdbx_audit_revision_history.major_revision 
_pdbx_audit_revision_history.minor_revision 
_pdbx_audit_revision_history.revision_date 
1 'Structure model' 1 0 2008-08-26 
2 'Structure model' 1 1 2011-07-13 
3 'Structure model' 1 2 2011-09-28 
4 'Structure model' 1 3 2024-11-06 
# 
_pdbx_audit_revision_details.ordinal             1 
_pdbx_audit_revision_details.revision_ordinal    1 
_pdbx_audit_revision_details.data_content_type   'Structure model' 
_pdbx_audit_revision_details.provider            repository 
_pdbx_audit_revision_details.type                'Initial release' 
_pdbx_audit_revision_details.description         ? 
_pdbx_audit_revision_details.details             ? 
# 
loop_
_pdbx_audit_revision_group.ordinal 
_pdbx_audit_revision_group.revision_ordinal 
_pdbx_audit_revision_group.data_content_type 
_pdbx_audit_revision_group.group 
1 2 'Structure model' Advisory                    
2 2 'Structure model' 'Version format compliance' 
3 3 'Structure model' 'Database references'       
4 3 'Structure model' 'Non-polymer description'   
5 4 'Structure model' 'Data collection'           
6 4 'Structure model' 'Database references'       
7 4 'Structure model' 'Derived calculations'      
8 4 'Structure model' Other                       
9 4 'Structure model' 'Structure summary'         
# 
loop_
_pdbx_audit_revision_category.ordinal 
_pdbx_audit_revision_category.revision_ordinal 
_pdbx_audit_revision_category.data_content_type 
_pdbx_audit_revision_category.category 
1 4 'Structure model' chem_comp_atom            
2 4 'Structure model' chem_comp_bond            
3 4 'Structure model' database_2                
4 4 'Structure model' pdbx_database_status      
5 4 'Structure model' pdbx_entry_details        
6 4 'Structure model' pdbx_modification_feature 
7 4 'Structure model' struct_conn               
8 4 'Structure model' struct_site               
# 
loop_
_pdbx_audit_revision_item.ordinal 
_pdbx_audit_revision_item.revision_ordinal 
_pdbx_audit_revision_item.data_content_type 
_pdbx_audit_revision_item.item 
1 4 'Structure model' '_database_2.pdbx_DOI'                         
2 4 'Structure model' '_database_2.pdbx_database_accession'          
3 4 'Structure model' '_pdbx_database_status.status_code_sf'         
4 4 'Structure model' '_pdbx_entry_details.has_protein_modification' 
5 4 'Structure model' '_struct_conn.pdbx_leaving_atom_flag'          
6 4 'Structure model' '_struct_site.pdbx_auth_asym_id'               
7 4 'Structure model' '_struct_site.pdbx_auth_comp_id'               
8 4 'Structure model' '_struct_site.pdbx_auth_seq_id'                
# 
_pdbx_database_status.status_code                     REL 
_pdbx_database_status.entry_id                        2V7S 
_pdbx_database_status.deposit_site                    PDBE 
_pdbx_database_status.process_site                    PDBE 
_pdbx_database_status.SG_entry                        . 
_pdbx_database_status.recvd_initial_deposition_date   2007-08-01 
_pdbx_database_status.pdb_format_compatible           Y 
_pdbx_database_status.status_code_sf                  REL 
_pdbx_database_status.status_code_mr                  ? 
_pdbx_database_status.status_code_cs                  ? 
_pdbx_database_status.methods_development_category    ? 
_pdbx_database_status.status_code_nmr_data            ? 
# 
loop_
_audit_author.name 
_audit_author.pdbx_ordinal 
'Grana, M.'      1 
'Miras, I.'      2 
'Haouz, A.'      3 
'Winter, N.'     4 
'Buschiazzo, A.' 5 
'Bellinzoni, M.' 6 
'Alzari, P.M.'   7 
# 
_citation.id                        primary 
_citation.title                     
'Crystal Structure of Mycobacterium Tuberculosis Lppa, a Lipoprotein Confined to Pathogenic Mycobacteria.' 
_citation.journal_abbrev            Proteins 
_citation.journal_volume            78 
_citation.page_first                769 
_citation.page_last                 ? 
_citation.year                      2010 
_citation.journal_id_ASTM           PSFGEY 
_citation.country                   US 
_citation.journal_id_ISSN           0887-3585 
_citation.journal_id_CSD            0867 
_citation.book_publisher            ? 
_citation.pdbx_database_id_PubMed   19899167 
_citation.pdbx_database_id_DOI      10.1002/PROT.22603 
# 
loop_
_citation_author.citation_id 
_citation_author.name 
_citation_author.ordinal 
_citation_author.identifier_ORCID 
primary 'Grana, M.'      1 ? 
primary 'Bellinzoni, M.' 2 ? 
primary 'Bellalou, J.'   3 ? 
primary 'Haouz, A.'      4 ? 
primary 'Miras, I.'      5 ? 
primary 'Buschiazzo, A.' 6 ? 
primary 'Winter, N.'     7 ? 
primary 'Alzari, P.M.'   8 ? 
# 
loop_
_entity.id 
_entity.type 
_entity.src_method 
_entity.pdbx_description 
_entity.formula_weight 
_entity.pdbx_number_of_molecules 
_entity.pdbx_ec 
_entity.pdbx_mutation 
_entity.pdbx_fragment 
_entity.details 
1 polymer     man 'PROBABLE CONSERVED LIPOPROTEIN LPPA' 24337.549 1  ? ? 'RESIDUES 34-219' ? 
2 non-polymer syn GLYCEROL                              92.094    3  ? ? ?                 ? 
3 water       nat water                                 18.015    62 ? ? ?                 ? 
# 
_entity_name_com.entity_id   1 
_entity_name_com.name        'LPPA, LIPOPROTEIN, PUTATIVE' 
# 
_entity_poly.entity_id                      1 
_entity_poly.type                           'polypeptide(L)' 
_entity_poly.nstd_linkage                   no 
_entity_poly.nstd_monomer                   yes 
_entity_poly.pdbx_seq_one_letter_code       
;(MSE)SYYHHHHHHLESTSLYKKAGSENLYFQGT(MSE)DHNPDTSRRLTGEQKIQLIDS(MSE)RNKGSYEAARERLTA
TARIIADRVSAAIPGQTWKFDDDPNIQQSDRNGALCDKLTADIARRPIANSV(MSE)FGATFSAEDFKIAANIVREEAAK
YGATTESSLFNESAKRDYDVQGNGYEFRLLQIKFATLNITGDCFLLQKVLDLPAGQLPPEPPIWPTTSTPH
;
_entity_poly.pdbx_seq_one_letter_code_can   
;MSYYHHHHHHLESTSLYKKAGSENLYFQGTMDHNPDTSRRLTGEQKIQLIDSMRNKGSYEAARERLTATARIIADRVSAA
IPGQTWKFDDDPNIQQSDRNGALCDKLTADIARRPIANSVMFGATFSAEDFKIAANIVREEAAKYGATTESSLFNESAKR
DYDVQGNGYEFRLLQIKFATLNITGDCFLLQKVLDLPAGQLPPEPPIWPTTSTPH
;
_entity_poly.pdbx_strand_id                 A 
_entity_poly.pdbx_target_identifier         ? 
# 
loop_
_pdbx_entity_nonpoly.entity_id 
_pdbx_entity_nonpoly.name 
_pdbx_entity_nonpoly.comp_id 
2 GLYCEROL GOL 
3 water    HOH 
# 
loop_
_entity_poly_seq.entity_id 
_entity_poly_seq.num 
_entity_poly_seq.mon_id 
_entity_poly_seq.hetero 
1 1   MSE n 
1 2   SER n 
1 3   TYR n 
1 4   TYR n 
1 5   HIS n 
1 6   HIS n 
1 7   HIS n 
1 8   HIS n 
1 9   HIS n 
1 10  HIS n 
1 11  LEU n 
1 12  GLU n 
1 13  SER n 
1 14  THR n 
1 15  SER n 
1 16  LEU n 
1 17  TYR n 
1 18  LYS n 
1 19  LYS n 
1 20  ALA n 
1 21  GLY n 
1 22  SER n 
1 23  GLU n 
1 24  ASN n 
1 25  LEU n 
1 26  TYR n 
1 27  PHE n 
1 28  GLN n 
1 29  GLY n 
1 30  THR n 
1 31  MSE n 
1 32  ASP n 
1 33  HIS n 
1 34  ASN n 
1 35  PRO n 
1 36  ASP n 
1 37  THR n 
1 38  SER n 
1 39  ARG n 
1 40  ARG n 
1 41  LEU n 
1 42  THR n 
1 43  GLY n 
1 44  GLU n 
1 45  GLN n 
1 46  LYS n 
1 47  ILE n 
1 48  GLN n 
1 49  LEU n 
1 50  ILE n 
1 51  ASP n 
1 52  SER n 
1 53  MSE n 
1 54  ARG n 
1 55  ASN n 
1 56  LYS n 
1 57  GLY n 
1 58  SER n 
1 59  TYR n 
1 60  GLU n 
1 61  ALA n 
1 62  ALA n 
1 63  ARG n 
1 64  GLU n 
1 65  ARG n 
1 66  LEU n 
1 67  THR n 
1 68  ALA n 
1 69  THR n 
1 70  ALA n 
1 71  ARG n 
1 72  ILE n 
1 73  ILE n 
1 74  ALA n 
1 75  ASP n 
1 76  ARG n 
1 77  VAL n 
1 78  SER n 
1 79  ALA n 
1 80  ALA n 
1 81  ILE n 
1 82  PRO n 
1 83  GLY n 
1 84  GLN n 
1 85  THR n 
1 86  TRP n 
1 87  LYS n 
1 88  PHE n 
1 89  ASP n 
1 90  ASP n 
1 91  ASP n 
1 92  PRO n 
1 93  ASN n 
1 94  ILE n 
1 95  GLN n 
1 96  GLN n 
1 97  SER n 
1 98  ASP n 
1 99  ARG n 
1 100 ASN n 
1 101 GLY n 
1 102 ALA n 
1 103 LEU n 
1 104 CYS n 
1 105 ASP n 
1 106 LYS n 
1 107 LEU n 
1 108 THR n 
1 109 ALA n 
1 110 ASP n 
1 111 ILE n 
1 112 ALA n 
1 113 ARG n 
1 114 ARG n 
1 115 PRO n 
1 116 ILE n 
1 117 ALA n 
1 118 ASN n 
1 119 SER n 
1 120 VAL n 
1 121 MSE n 
1 122 PHE n 
1 123 GLY n 
1 124 ALA n 
1 125 THR n 
1 126 PHE n 
1 127 SER n 
1 128 ALA n 
1 129 GLU n 
1 130 ASP n 
1 131 PHE n 
1 132 LYS n 
1 133 ILE n 
1 134 ALA n 
1 135 ALA n 
1 136 ASN n 
1 137 ILE n 
1 138 VAL n 
1 139 ARG n 
1 140 GLU n 
1 141 GLU n 
1 142 ALA n 
1 143 ALA n 
1 144 LYS n 
1 145 TYR n 
1 146 GLY n 
1 147 ALA n 
1 148 THR n 
1 149 THR n 
1 150 GLU n 
1 151 SER n 
1 152 SER n 
1 153 LEU n 
1 154 PHE n 
1 155 ASN n 
1 156 GLU n 
1 157 SER n 
1 158 ALA n 
1 159 LYS n 
1 160 ARG n 
1 161 ASP n 
1 162 TYR n 
1 163 ASP n 
1 164 VAL n 
1 165 GLN n 
1 166 GLY n 
1 167 ASN n 
1 168 GLY n 
1 169 TYR n 
1 170 GLU n 
1 171 PHE n 
1 172 ARG n 
1 173 LEU n 
1 174 LEU n 
1 175 GLN n 
1 176 ILE n 
1 177 LYS n 
1 178 PHE n 
1 179 ALA n 
1 180 THR n 
1 181 LEU n 
1 182 ASN n 
1 183 ILE n 
1 184 THR n 
1 185 GLY n 
1 186 ASP n 
1 187 CYS n 
1 188 PHE n 
1 189 LEU n 
1 190 LEU n 
1 191 GLN n 
1 192 LYS n 
1 193 VAL n 
1 194 LEU n 
1 195 ASP n 
1 196 LEU n 
1 197 PRO n 
1 198 ALA n 
1 199 GLY n 
1 200 GLN n 
1 201 LEU n 
1 202 PRO n 
1 203 PRO n 
1 204 GLU n 
1 205 PRO n 
1 206 PRO n 
1 207 ILE n 
1 208 TRP n 
1 209 PRO n 
1 210 THR n 
1 211 THR n 
1 212 SER n 
1 213 THR n 
1 214 PRO n 
1 215 HIS n 
# 
_entity_src_gen.entity_id                          1 
_entity_src_gen.pdbx_src_id                        1 
_entity_src_gen.pdbx_alt_source_flag               sample 
_entity_src_gen.pdbx_seq_type                      ? 
_entity_src_gen.pdbx_beg_seq_num                   ? 
_entity_src_gen.pdbx_end_seq_num                   ? 
_entity_src_gen.gene_src_common_name               ? 
_entity_src_gen.gene_src_genus                     ? 
_entity_src_gen.pdbx_gene_src_gene                 ? 
_entity_src_gen.gene_src_species                   ? 
_entity_src_gen.gene_src_strain                    H37RV 
_entity_src_gen.gene_src_tissue                    ? 
_entity_src_gen.gene_src_tissue_fraction           ? 
_entity_src_gen.gene_src_details                   ? 
_entity_src_gen.pdbx_gene_src_fragment             ? 
_entity_src_gen.pdbx_gene_src_scientific_name      'MYCOBACTERIUM TUBERCULOSIS' 
_entity_src_gen.pdbx_gene_src_ncbi_taxonomy_id     83332 
_entity_src_gen.pdbx_gene_src_variant              ? 
_entity_src_gen.pdbx_gene_src_cell_line            ? 
_entity_src_gen.pdbx_gene_src_atcc                 ? 
_entity_src_gen.pdbx_gene_src_organ                ? 
_entity_src_gen.pdbx_gene_src_organelle            ? 
_entity_src_gen.pdbx_gene_src_cell                 ? 
_entity_src_gen.pdbx_gene_src_cellular_location    ? 
_entity_src_gen.host_org_common_name               ? 
_entity_src_gen.pdbx_host_org_scientific_name      'ESCHERICHIA COLI' 
_entity_src_gen.pdbx_host_org_ncbi_taxonomy_id     511693 
_entity_src_gen.host_org_genus                     ? 
_entity_src_gen.pdbx_host_org_gene                 ? 
_entity_src_gen.pdbx_host_org_organ                ? 
_entity_src_gen.host_org_species                   ? 
_entity_src_gen.pdbx_host_org_tissue               ? 
_entity_src_gen.pdbx_host_org_tissue_fraction      ? 
_entity_src_gen.pdbx_host_org_strain               BL21 
_entity_src_gen.pdbx_host_org_variant              ? 
_entity_src_gen.pdbx_host_org_cell_line            ? 
_entity_src_gen.pdbx_host_org_atcc                 ? 
_entity_src_gen.pdbx_host_org_culture_collection   ? 
_entity_src_gen.pdbx_host_org_cell                 ? 
_entity_src_gen.pdbx_host_org_organelle            ? 
_entity_src_gen.pdbx_host_org_cellular_location    ? 
_entity_src_gen.pdbx_host_org_vector_type          ? 
_entity_src_gen.pdbx_host_org_vector               PDEST17 
_entity_src_gen.host_org_details                   ? 
_entity_src_gen.expression_system_id               ? 
_entity_src_gen.plasmid_name                       ? 
_entity_src_gen.plasmid_details                    ? 
_entity_src_gen.pdbx_description                   ? 
# 
loop_
_chem_comp.id 
_chem_comp.type 
_chem_comp.mon_nstd_flag 
_chem_comp.name 
_chem_comp.pdbx_synonyms 
_chem_comp.formula 
_chem_comp.formula_weight 
ALA 'L-peptide linking' y ALANINE          ?                               'C3 H7 N O2'     89.093  
ARG 'L-peptide linking' y ARGININE         ?                               'C6 H15 N4 O2 1' 175.209 
ASN 'L-peptide linking' y ASPARAGINE       ?                               'C4 H8 N2 O3'    132.118 
ASP 'L-peptide linking' y 'ASPARTIC ACID'  ?                               'C4 H7 N O4'     133.103 
CYS 'L-peptide linking' y CYSTEINE         ?                               'C3 H7 N O2 S'   121.158 
GLN 'L-peptide linking' y GLUTAMINE        ?                               'C5 H10 N2 O3'   146.144 
GLU 'L-peptide linking' y 'GLUTAMIC ACID'  ?                               'C5 H9 N O4'     147.129 
GLY 'peptide linking'   y GLYCINE          ?                               'C2 H5 N O2'     75.067  
GOL non-polymer         . GLYCEROL         'GLYCERIN; PROPANE-1,2,3-TRIOL' 'C3 H8 O3'       92.094  
HIS 'L-peptide linking' y HISTIDINE        ?                               'C6 H10 N3 O2 1' 156.162 
HOH non-polymer         . WATER            ?                               'H2 O'           18.015  
ILE 'L-peptide linking' y ISOLEUCINE       ?                               'C6 H13 N O2'    131.173 
LEU 'L-peptide linking' y LEUCINE          ?                               'C6 H13 N O2'    131.173 
LYS 'L-peptide linking' y LYSINE           ?                               'C6 H15 N2 O2 1' 147.195 
MSE 'L-peptide linking' n SELENOMETHIONINE ?                               'C5 H11 N O2 Se' 196.106 
PHE 'L-peptide linking' y PHENYLALANINE    ?                               'C9 H11 N O2'    165.189 
PRO 'L-peptide linking' y PROLINE          ?                               'C5 H9 N O2'     115.130 
SER 'L-peptide linking' y SERINE           ?                               'C3 H7 N O3'     105.093 
THR 'L-peptide linking' y THREONINE        ?                               'C4 H9 N O3'     119.119 
TRP 'L-peptide linking' y TRYPTOPHAN       ?                               'C11 H12 N2 O2'  204.225 
TYR 'L-peptide linking' y TYROSINE         ?                               'C9 H11 N O3'    181.189 
VAL 'L-peptide linking' y VALINE           ?                               'C5 H11 N O2'    117.146 
# 
loop_
_pdbx_poly_seq_scheme.asym_id 
_pdbx_poly_seq_scheme.entity_id 
_pdbx_poly_seq_scheme.seq_id 
_pdbx_poly_seq_scheme.mon_id 
_pdbx_poly_seq_scheme.ndb_seq_num 
_pdbx_poly_seq_scheme.pdb_seq_num 
_pdbx_poly_seq_scheme.auth_seq_num 
_pdbx_poly_seq_scheme.pdb_mon_id 
_pdbx_poly_seq_scheme.auth_mon_id 
_pdbx_poly_seq_scheme.pdb_strand_id 
_pdbx_poly_seq_scheme.pdb_ins_code 
_pdbx_poly_seq_scheme.hetero 
A 1 1   MSE 1   5   ?   ?   ?   A . n 
A 1 2   SER 2   6   ?   ?   ?   A . n 
A 1 3   TYR 3   7   ?   ?   ?   A . n 
A 1 4   TYR 4   8   ?   ?   ?   A . n 
A 1 5   HIS 5   9   ?   ?   ?   A . n 
A 1 6   HIS 6   10  ?   ?   ?   A . n 
A 1 7   HIS 7   11  ?   ?   ?   A . n 
A 1 8   HIS 8   12  ?   ?   ?   A . n 
A 1 9   HIS 9   13  ?   ?   ?   A . n 
A 1 10  HIS 10  14  ?   ?   ?   A . n 
A 1 11  LEU 11  15  ?   ?   ?   A . n 
A 1 12  GLU 12  16  ?   ?   ?   A . n 
A 1 13  SER 13  17  ?   ?   ?   A . n 
A 1 14  THR 14  18  ?   ?   ?   A . n 
A 1 15  SER 15  19  ?   ?   ?   A . n 
A 1 16  LEU 16  20  ?   ?   ?   A . n 
A 1 17  TYR 17  21  ?   ?   ?   A . n 
A 1 18  LYS 18  22  ?   ?   ?   A . n 
A 1 19  LYS 19  23  ?   ?   ?   A . n 
A 1 20  ALA 20  24  ?   ?   ?   A . n 
A 1 21  GLY 21  25  ?   ?   ?   A . n 
A 1 22  SER 22  26  ?   ?   ?   A . n 
A 1 23  GLU 23  27  ?   ?   ?   A . n 
A 1 24  ASN 24  28  ?   ?   ?   A . n 
A 1 25  LEU 25  29  ?   ?   ?   A . n 
A 1 26  TYR 26  30  ?   ?   ?   A . n 
A 1 27  PHE 27  31  ?   ?   ?   A . n 
A 1 28  GLN 28  32  ?   ?   ?   A . n 
A 1 29  GLY 29  33  ?   ?   ?   A . n 
A 1 30  THR 30  34  ?   ?   ?   A . n 
A 1 31  MSE 31  35  ?   ?   ?   A . n 
A 1 32  ASP 32  36  ?   ?   ?   A . n 
A 1 33  HIS 33  37  ?   ?   ?   A . n 
A 1 34  ASN 34  38  ?   ?   ?   A . n 
A 1 35  PRO 35  39  39  PRO PRO A . n 
A 1 36  ASP 36  40  40  ASP ASP A . n 
A 1 37  THR 37  41  41  THR THR A . n 
A 1 38  SER 38  42  42  SER SER A . n 
A 1 39  ARG 39  43  43  ARG ARG A . n 
A 1 40  ARG 40  44  44  ARG ARG A . n 
A 1 41  LEU 41  45  45  LEU LEU A . n 
A 1 42  THR 42  46  46  THR THR A . n 
A 1 43  GLY 43  47  47  GLY GLY A . n 
A 1 44  GLU 44  48  48  GLU GLU A . n 
A 1 45  GLN 45  49  49  GLN GLN A . n 
A 1 46  LYS 46  50  50  LYS LYS A . n 
A 1 47  ILE 47  51  51  ILE ILE A . n 
A 1 48  GLN 48  52  52  GLN GLN A . n 
A 1 49  LEU 49  53  53  LEU LEU A . n 
A 1 50  ILE 50  54  54  ILE ILE A . n 
A 1 51  ASP 51  55  55  ASP ASP A . n 
A 1 52  SER 52  56  56  SER SER A . n 
A 1 53  MSE 53  57  57  MSE MSE A . n 
A 1 54  ARG 54  58  58  ARG ARG A . n 
A 1 55  ASN 55  59  59  ASN ASN A . n 
A 1 56  LYS 56  60  60  LYS LYS A . n 
A 1 57  GLY 57  61  61  GLY GLY A . n 
A 1 58  SER 58  62  62  SER SER A . n 
A 1 59  TYR 59  63  63  TYR TYR A . n 
A 1 60  GLU 60  64  64  GLU GLU A . n 
A 1 61  ALA 61  65  65  ALA ALA A . n 
A 1 62  ALA 62  66  66  ALA ALA A . n 
A 1 63  ARG 63  67  67  ARG ARG A . n 
A 1 64  GLU 64  68  68  GLU GLU A . n 
A 1 65  ARG 65  69  69  ARG ARG A . n 
A 1 66  LEU 66  70  70  LEU LEU A . n 
A 1 67  THR 67  71  71  THR THR A . n 
A 1 68  ALA 68  72  72  ALA ALA A . n 
A 1 69  THR 69  73  73  THR THR A . n 
A 1 70  ALA 70  74  74  ALA ALA A . n 
A 1 71  ARG 71  75  75  ARG ARG A . n 
A 1 72  ILE 72  76  76  ILE ILE A . n 
A 1 73  ILE 73  77  77  ILE ILE A . n 
A 1 74  ALA 74  78  78  ALA ALA A . n 
A 1 75  ASP 75  79  79  ASP ASP A . n 
A 1 76  ARG 76  80  80  ARG ARG A . n 
A 1 77  VAL 77  81  81  VAL VAL A . n 
A 1 78  SER 78  82  82  SER SER A . n 
A 1 79  ALA 79  83  83  ALA ALA A . n 
A 1 80  ALA 80  84  84  ALA ALA A . n 
A 1 81  ILE 81  85  85  ILE ILE A . n 
A 1 82  PRO 82  86  86  PRO PRO A . n 
A 1 83  GLY 83  87  87  GLY GLY A . n 
A 1 84  GLN 84  88  88  GLN GLN A . n 
A 1 85  THR 85  89  89  THR THR A . n 
A 1 86  TRP 86  90  90  TRP TRP A . n 
A 1 87  LYS 87  91  91  LYS LYS A . n 
A 1 88  PHE 88  92  92  PHE PHE A . n 
A 1 89  ASP 89  93  93  ASP ASP A . n 
A 1 90  ASP 90  94  94  ASP ASP A . n 
A 1 91  ASP 91  95  95  ASP ASP A . n 
A 1 92  PRO 92  96  96  PRO PRO A . n 
A 1 93  ASN 93  97  97  ASN ASN A . n 
A 1 94  ILE 94  98  98  ILE ILE A . n 
A 1 95  GLN 95  99  99  GLN GLN A . n 
A 1 96  GLN 96  100 100 GLN GLN A . n 
A 1 97  SER 97  101 101 SER SER A . n 
A 1 98  ASP 98  102 102 ASP ASP A . n 
A 1 99  ARG 99  103 103 ARG ARG A . n 
A 1 100 ASN 100 104 104 ASN ASN A . n 
A 1 101 GLY 101 105 105 GLY GLY A . n 
A 1 102 ALA 102 106 106 ALA ALA A . n 
A 1 103 LEU 103 107 107 LEU LEU A . n 
A 1 104 CYS 104 108 108 CYS CYS A . n 
A 1 105 ASP 105 109 109 ASP ASP A . n 
A 1 106 LYS 106 110 110 LYS LYS A . n 
A 1 107 LEU 107 111 111 LEU LEU A . n 
A 1 108 THR 108 112 112 THR THR A . n 
A 1 109 ALA 109 113 113 ALA ALA A . n 
A 1 110 ASP 110 114 114 ASP ASP A . n 
A 1 111 ILE 111 115 115 ILE ILE A . n 
A 1 112 ALA 112 116 116 ALA ALA A . n 
A 1 113 ARG 113 117 117 ARG ARG A . n 
A 1 114 ARG 114 118 118 ARG ARG A . n 
A 1 115 PRO 115 119 119 PRO PRO A . n 
A 1 116 ILE 116 120 120 ILE ILE A . n 
A 1 117 ALA 117 121 121 ALA ALA A . n 
A 1 118 ASN 118 122 122 ASN ASN A . n 
A 1 119 SER 119 123 123 SER SER A . n 
A 1 120 VAL 120 124 124 VAL VAL A . n 
A 1 121 MSE 121 125 125 MSE MSE A . n 
A 1 122 PHE 122 126 126 PHE PHE A . n 
A 1 123 GLY 123 127 127 GLY GLY A . n 
A 1 124 ALA 124 128 128 ALA ALA A . n 
A 1 125 THR 125 129 129 THR THR A . n 
A 1 126 PHE 126 130 130 PHE PHE A . n 
A 1 127 SER 127 131 131 SER SER A . n 
A 1 128 ALA 128 132 132 ALA ALA A . n 
A 1 129 GLU 129 133 133 GLU GLU A . n 
A 1 130 ASP 130 134 134 ASP ASP A . n 
A 1 131 PHE 131 135 135 PHE PHE A . n 
A 1 132 LYS 132 136 136 LYS LYS A . n 
A 1 133 ILE 133 137 137 ILE ILE A . n 
A 1 134 ALA 134 138 138 ALA ALA A . n 
A 1 135 ALA 135 139 139 ALA ALA A . n 
A 1 136 ASN 136 140 140 ASN ASN A . n 
A 1 137 ILE 137 141 141 ILE ILE A . n 
A 1 138 VAL 138 142 142 VAL VAL A . n 
A 1 139 ARG 139 143 143 ARG ARG A . n 
A 1 140 GLU 140 144 144 GLU GLU A . n 
A 1 141 GLU 141 145 145 GLU GLU A . n 
A 1 142 ALA 142 146 146 ALA ALA A . n 
A 1 143 ALA 143 147 147 ALA ALA A . n 
A 1 144 LYS 144 148 148 LYS LYS A . n 
A 1 145 TYR 145 149 149 TYR TYR A . n 
A 1 146 GLY 146 150 150 GLY GLY A . n 
A 1 147 ALA 147 151 151 ALA ALA A . n 
A 1 148 THR 148 152 152 THR THR A . n 
A 1 149 THR 149 153 153 THR THR A . n 
A 1 150 GLU 150 154 154 GLU GLU A . n 
A 1 151 SER 151 155 155 SER SER A . n 
A 1 152 SER 152 156 156 SER SER A . n 
A 1 153 LEU 153 157 157 LEU LEU A . n 
A 1 154 PHE 154 158 158 PHE PHE A . n 
A 1 155 ASN 155 159 159 ASN ASN A . n 
A 1 156 GLU 156 160 160 GLU GLU A . n 
A 1 157 SER 157 161 161 SER SER A . n 
A 1 158 ALA 158 162 162 ALA ALA A . n 
A 1 159 LYS 159 163 163 LYS LYS A . n 
A 1 160 ARG 160 164 164 ARG ARG A . n 
A 1 161 ASP 161 165 165 ASP ASP A . n 
A 1 162 TYR 162 166 166 TYR TYR A . n 
A 1 163 ASP 163 167 167 ASP ASP A . n 
A 1 164 VAL 164 168 168 VAL VAL A . n 
A 1 165 GLN 165 169 169 GLN GLN A . n 
A 1 166 GLY 166 170 170 GLY GLY A . n 
A 1 167 ASN 167 171 171 ASN ASN A . n 
A 1 168 GLY 168 172 172 GLY GLY A . n 
A 1 169 TYR 169 173 173 TYR TYR A . n 
A 1 170 GLU 170 174 174 GLU GLU A . n 
A 1 171 PHE 171 175 175 PHE PHE A . n 
A 1 172 ARG 172 176 176 ARG ARG A . n 
A 1 173 LEU 173 177 177 LEU LEU A . n 
A 1 174 LEU 174 178 178 LEU LEU A . n 
A 1 175 GLN 175 179 179 GLN GLN A . n 
A 1 176 ILE 176 180 180 ILE ILE A . n 
A 1 177 LYS 177 181 181 LYS LYS A . n 
A 1 178 PHE 178 182 182 PHE PHE A . n 
A 1 179 ALA 179 183 183 ALA ALA A . n 
A 1 180 THR 180 184 184 THR THR A . n 
A 1 181 LEU 181 185 185 LEU LEU A . n 
A 1 182 ASN 182 186 186 ASN ASN A . n 
A 1 183 ILE 183 187 187 ILE ILE A . n 
A 1 184 THR 184 188 188 THR THR A . n 
A 1 185 GLY 185 189 189 GLY GLY A . n 
A 1 186 ASP 186 190 190 ASP ASP A . n 
A 1 187 CYS 187 191 191 CYS CYS A . n 
A 1 188 PHE 188 192 192 PHE PHE A . n 
A 1 189 LEU 189 193 193 LEU LEU A . n 
A 1 190 LEU 190 194 194 LEU LEU A . n 
A 1 191 GLN 191 195 195 GLN GLN A . n 
A 1 192 LYS 192 196 196 LYS LYS A . n 
A 1 193 VAL 193 197 197 VAL VAL A . n 
A 1 194 LEU 194 198 198 LEU LEU A . n 
A 1 195 ASP 195 199 199 ASP ASP A . n 
A 1 196 LEU 196 200 200 LEU LEU A . n 
A 1 197 PRO 197 201 201 PRO PRO A . n 
A 1 198 ALA 198 202 202 ALA ALA A . n 
A 1 199 GLY 199 203 203 GLY GLY A . n 
A 1 200 GLN 200 204 204 GLN GLN A . n 
A 1 201 LEU 201 205 205 LEU LEU A . n 
A 1 202 PRO 202 206 206 PRO PRO A . n 
A 1 203 PRO 203 207 207 PRO PRO A . n 
A 1 204 GLU 204 208 ?   ?   ?   A . n 
A 1 205 PRO 205 209 ?   ?   ?   A . n 
A 1 206 PRO 206 210 ?   ?   ?   A . n 
A 1 207 ILE 207 211 ?   ?   ?   A . n 
A 1 208 TRP 208 212 ?   ?   ?   A . n 
A 1 209 PRO 209 213 ?   ?   ?   A . n 
A 1 210 THR 210 214 ?   ?   ?   A . n 
A 1 211 THR 211 215 ?   ?   ?   A . n 
A 1 212 SER 212 216 ?   ?   ?   A . n 
A 1 213 THR 213 217 ?   ?   ?   A . n 
A 1 214 PRO 214 218 ?   ?   ?   A . n 
A 1 215 HIS 215 219 ?   ?   ?   A . n 
# 
loop_
_pdbx_nonpoly_scheme.asym_id 
_pdbx_nonpoly_scheme.entity_id 
_pdbx_nonpoly_scheme.mon_id 
_pdbx_nonpoly_scheme.ndb_seq_num 
_pdbx_nonpoly_scheme.pdb_seq_num 
_pdbx_nonpoly_scheme.auth_seq_num 
_pdbx_nonpoly_scheme.pdb_mon_id 
_pdbx_nonpoly_scheme.auth_mon_id 
_pdbx_nonpoly_scheme.pdb_strand_id 
_pdbx_nonpoly_scheme.pdb_ins_code 
B 2 GOL 1  1208 1208 GOL GOL A . 
C 2 GOL 1  1209 1209 GOL GOL A . 
D 2 GOL 1  1210 1210 GOL GOL A . 
E 3 HOH 1  2001 2001 HOH HOH A . 
E 3 HOH 2  2002 2002 HOH HOH A . 
E 3 HOH 3  2003 2003 HOH HOH A . 
E 3 HOH 4  2004 2004 HOH HOH A . 
E 3 HOH 5  2005 2005 HOH HOH A . 
E 3 HOH 6  2006 2006 HOH HOH A . 
E 3 HOH 7  2007 2007 HOH HOH A . 
E 3 HOH 8  2008 2008 HOH HOH A . 
E 3 HOH 9  2009 2009 HOH HOH A . 
E 3 HOH 10 2010 2010 HOH HOH A . 
E 3 HOH 11 2011 2011 HOH HOH A . 
E 3 HOH 12 2012 2012 HOH HOH A . 
E 3 HOH 13 2013 2013 HOH HOH A . 
E 3 HOH 14 2014 2014 HOH HOH A . 
E 3 HOH 15 2015 2015 HOH HOH A . 
E 3 HOH 16 2016 2016 HOH HOH A . 
E 3 HOH 17 2017 2017 HOH HOH A . 
E 3 HOH 18 2018 2018 HOH HOH A . 
E 3 HOH 19 2019 2019 HOH HOH A . 
E 3 HOH 20 2020 2020 HOH HOH A . 
E 3 HOH 21 2021 2021 HOH HOH A . 
E 3 HOH 22 2022 2022 HOH HOH A . 
E 3 HOH 23 2023 2023 HOH HOH A . 
E 3 HOH 24 2024 2024 HOH HOH A . 
E 3 HOH 25 2025 2025 HOH HOH A . 
E 3 HOH 26 2026 2026 HOH HOH A . 
E 3 HOH 27 2027 2027 HOH HOH A . 
E 3 HOH 28 2028 2028 HOH HOH A . 
E 3 HOH 29 2029 2029 HOH HOH A . 
E 3 HOH 30 2030 2030 HOH HOH A . 
E 3 HOH 31 2031 2031 HOH HOH A . 
E 3 HOH 32 2032 2032 HOH HOH A . 
E 3 HOH 33 2033 2033 HOH HOH A . 
E 3 HOH 34 2034 2034 HOH HOH A . 
E 3 HOH 35 2035 2035 HOH HOH A . 
E 3 HOH 36 2036 2036 HOH HOH A . 
E 3 HOH 37 2037 2037 HOH HOH A . 
E 3 HOH 38 2038 2038 HOH HOH A . 
E 3 HOH 39 2039 2039 HOH HOH A . 
E 3 HOH 40 2040 2040 HOH HOH A . 
E 3 HOH 41 2041 2041 HOH HOH A . 
E 3 HOH 42 2042 2042 HOH HOH A . 
E 3 HOH 43 2043 2043 HOH HOH A . 
E 3 HOH 44 2044 2044 HOH HOH A . 
E 3 HOH 45 2045 2045 HOH HOH A . 
E 3 HOH 46 2046 2046 HOH HOH A . 
E 3 HOH 47 2047 2047 HOH HOH A . 
E 3 HOH 48 2048 2048 HOH HOH A . 
E 3 HOH 49 2049 2049 HOH HOH A . 
E 3 HOH 50 2050 2050 HOH HOH A . 
E 3 HOH 51 2051 2051 HOH HOH A . 
E 3 HOH 52 2052 2052 HOH HOH A . 
E 3 HOH 53 2053 2053 HOH HOH A . 
E 3 HOH 54 2054 2054 HOH HOH A . 
E 3 HOH 55 2055 2055 HOH HOH A . 
E 3 HOH 56 2056 2056 HOH HOH A . 
E 3 HOH 57 2057 2057 HOH HOH A . 
E 3 HOH 58 2058 2058 HOH HOH A . 
E 3 HOH 59 2059 2059 HOH HOH A . 
E 3 HOH 60 2060 2060 HOH HOH A . 
E 3 HOH 61 2061 2061 HOH HOH A . 
E 3 HOH 62 2062 2062 HOH HOH A . 
# 
loop_
_pdbx_unobs_or_zero_occ_atoms.id 
_pdbx_unobs_or_zero_occ_atoms.PDB_model_num 
_pdbx_unobs_or_zero_occ_atoms.polymer_flag 
_pdbx_unobs_or_zero_occ_atoms.occupancy_flag 
_pdbx_unobs_or_zero_occ_atoms.auth_asym_id 
_pdbx_unobs_or_zero_occ_atoms.auth_comp_id 
_pdbx_unobs_or_zero_occ_atoms.auth_seq_id 
_pdbx_unobs_or_zero_occ_atoms.PDB_ins_code 
_pdbx_unobs_or_zero_occ_atoms.auth_atom_id 
_pdbx_unobs_or_zero_occ_atoms.label_alt_id 
_pdbx_unobs_or_zero_occ_atoms.label_asym_id 
_pdbx_unobs_or_zero_occ_atoms.label_comp_id 
_pdbx_unobs_or_zero_occ_atoms.label_seq_id 
_pdbx_unobs_or_zero_occ_atoms.label_atom_id 
1  1 Y 1 A ARG 43  ? CZ  ? A ARG 39  CZ  
2  1 Y 1 A ARG 43  ? NH1 ? A ARG 39  NH1 
3  1 Y 1 A ARG 43  ? NH2 ? A ARG 39  NH2 
4  1 Y 1 A GLU 133 ? CD  ? A GLU 129 CD  
5  1 Y 1 A GLU 133 ? OE1 ? A GLU 129 OE1 
6  1 Y 1 A GLU 133 ? OE2 ? A GLU 129 OE2 
7  1 Y 1 A LYS 163 ? CG  ? A LYS 159 CG  
8  1 Y 1 A LYS 163 ? CD  ? A LYS 159 CD  
9  1 Y 1 A LYS 163 ? CE  ? A LYS 159 CE  
10 1 Y 1 A LYS 163 ? NZ  ? A LYS 159 NZ  
# 
loop_
_software.name 
_software.classification 
_software.version 
_software.citation_id 
_software.pdbx_ordinal 
REFMAC refinement       5.2.0005 ? 1 
MOSFLM 'data reduction' .        ? 2 
SCALA  'data scaling'   .        ? 3 
SHARP  phasing          .        ? 4 
# 
_cell.entry_id           2V7S 
_cell.length_a           105.000 
_cell.length_b           49.820 
_cell.length_c           42.210 
_cell.angle_alpha        90.00 
_cell.angle_beta         99.43 
_cell.angle_gamma        90.00 
_cell.Z_PDB              4 
_cell.pdbx_unique_axis   ? 
# 
_symmetry.entry_id                         2V7S 
_symmetry.space_group_name_H-M             'C 1 2 1' 
_symmetry.pdbx_full_space_group_name_H-M   ? 
_symmetry.cell_setting                     ? 
_symmetry.Int_Tables_number                5 
# 
_exptl.entry_id          2V7S 
_exptl.method            'X-RAY DIFFRACTION' 
_exptl.crystals_number   1 
# 
_exptl_crystal.id                    1 
_exptl_crystal.density_meas          ? 
_exptl_crystal.density_Matthews      2.81 
_exptl_crystal.density_percent_sol   56 
_exptl_crystal.description           NONE 
# 
_exptl_crystal_grow.crystal_id      1 
_exptl_crystal_grow.method          ? 
_exptl_crystal_grow.temp            ? 
_exptl_crystal_grow.temp_details    ? 
_exptl_crystal_grow.pH              9 
_exptl_crystal_grow.pdbx_pH_range   ? 
_exptl_crystal_grow.pdbx_details    '20% PEG-3350, BICINE 0.1 M, PH 9, 50 MM MGCL2' 
# 
_diffrn.id                     1 
_diffrn.ambient_temp           100 
_diffrn.ambient_temp_details   ? 
_diffrn.crystal_id             1 
# 
_diffrn_detector.diffrn_id              1 
_diffrn_detector.detector               CCD 
_diffrn_detector.type                   'ADSC CCD' 
_diffrn_detector.pdbx_collection_date   2006-03-21 
_diffrn_detector.details                ? 
# 
_diffrn_radiation.diffrn_id                        1 
_diffrn_radiation.wavelength_id                    1 
_diffrn_radiation.pdbx_monochromatic_or_laue_m_l   M 
_diffrn_radiation.monochromator                    ? 
_diffrn_radiation.pdbx_diffrn_protocol             'SINGLE WAVELENGTH' 
_diffrn_radiation.pdbx_scattering_type             x-ray 
# 
_diffrn_radiation_wavelength.id           1 
_diffrn_radiation_wavelength.wavelength   0.9790 
_diffrn_radiation_wavelength.wt           1.0 
# 
_diffrn_source.diffrn_id                   1 
_diffrn_source.source                      SYNCHROTRON 
_diffrn_source.type                        'ESRF BEAMLINE ID14-4' 
_diffrn_source.pdbx_synchrotron_site       ESRF 
_diffrn_source.pdbx_synchrotron_beamline   ID14-4 
_diffrn_source.pdbx_wavelength             0.9790 
_diffrn_source.pdbx_wavelength_list        ? 
# 
_reflns.pdbx_diffrn_id               1 
_reflns.pdbx_ordinal                 1 
_reflns.entry_id                     2V7S 
_reflns.observed_criterion_sigma_I   0.0 
_reflns.observed_criterion_sigma_F   ? 
_reflns.d_resolution_low             45.00 
_reflns.d_resolution_high            1.96 
_reflns.number_obs                   15229 
_reflns.number_all                   ? 
_reflns.percent_possible_obs         97.8 
_reflns.pdbx_Rmerge_I_obs            0.11 
_reflns.pdbx_Rsym_value              ? 
_reflns.pdbx_netI_over_sigmaI        8.60 
_reflns.B_iso_Wilson_estimate        ? 
_reflns.pdbx_redundancy              3.9 
# 
_reflns_shell.pdbx_diffrn_id         1 
_reflns_shell.pdbx_ordinal           1 
_reflns_shell.d_res_high             1.96 
_reflns_shell.d_res_low              2.07 
_reflns_shell.percent_possible_all   85.6 
_reflns_shell.Rmerge_I_obs           0.32 
_reflns_shell.pdbx_Rsym_value        ? 
_reflns_shell.meanI_over_sigI_obs    3.70 
_reflns_shell.pdbx_redundancy        3.1 
# 
_refine.pdbx_refine_id                           'X-RAY DIFFRACTION' 
_refine.entry_id                                 2V7S 
_refine.pdbx_diffrn_id                           1 
_refine.pdbx_TLS_residual_ADP_flag               'LIKELY RESIDUAL' 
_refine.ls_number_reflns_obs                     13939 
_refine.ls_number_reflns_all                     ? 
_refine.pdbx_ls_sigma_I                          ? 
_refine.pdbx_ls_sigma_F                          ? 
_refine.pdbx_data_cutoff_high_absF               ? 
_refine.pdbx_data_cutoff_low_absF                ? 
_refine.pdbx_data_cutoff_high_rms_absF           ? 
_refine.ls_d_res_low                             6.00 
_refine.ls_d_res_high                            1.96 
_refine.ls_percent_reflns_obs                    97.6 
_refine.ls_R_factor_obs                          0.192 
_refine.ls_R_factor_all                          ? 
_refine.ls_R_factor_R_work                       0.190 
_refine.ls_R_factor_R_free                       0.223 
_refine.ls_R_factor_R_free_error                 ? 
_refine.ls_R_factor_R_free_error_details         ? 
_refine.ls_percent_reflns_R_free                 5.000 
_refine.ls_number_reflns_R_free                  728 
_refine.ls_number_parameters                     ? 
_refine.ls_number_restraints                     ? 
_refine.occupancy_min                            ? 
_refine.occupancy_max                            ? 
_refine.correlation_coeff_Fo_to_Fc               0.939 
_refine.correlation_coeff_Fo_to_Fc_free          0.912 
_refine.B_iso_mean                               23.93 
_refine.aniso_B[1][1]                            -1.06000 
_refine.aniso_B[2][2]                            0.64000 
_refine.aniso_B[3][3]                            0.12000 
_refine.aniso_B[1][2]                            0.00000 
_refine.aniso_B[1][3]                            -0.90000 
_refine.aniso_B[2][3]                            0.00000 
_refine.solvent_model_details                    MASK 
_refine.solvent_model_param_ksol                 ? 
_refine.solvent_model_param_bsol                 ? 
_refine.pdbx_solvent_vdw_probe_radii             1.20 
_refine.pdbx_solvent_ion_probe_radii             0.80 
_refine.pdbx_solvent_shrinkage_radii             0.80 
_refine.pdbx_ls_cross_valid_method               THROUGHOUT 
_refine.details                                  'HYDROGENS HAVE BEEN ADDED IN THE RIDING POSITIONS.' 
_refine.pdbx_starting_model                      NONE 
_refine.pdbx_method_to_determine_struct          SAD 
_refine.pdbx_isotropic_thermal_model             ? 
_refine.pdbx_stereochemistry_target_values       'MAXIMUM LIKELIHOOD' 
_refine.pdbx_stereochem_target_val_spec_case     ? 
_refine.pdbx_R_Free_selection_details            RANDOM 
_refine.pdbx_overall_ESU_R                       0.155 
_refine.pdbx_overall_ESU_R_Free                  0.141 
_refine.overall_SU_ML                            0.086 
_refine.pdbx_overall_phase_error                 ? 
_refine.overall_SU_B                             5.910 
_refine.overall_SU_R_Cruickshank_DPI             ? 
_refine.pdbx_overall_SU_R_free_Cruickshank_DPI   ? 
_refine.pdbx_overall_SU_R_Blow_DPI               ? 
_refine.pdbx_overall_SU_R_free_Blow_DPI          ? 
# 
_refine_hist.pdbx_refine_id                   'X-RAY DIFFRACTION' 
_refine_hist.cycle_id                         LAST 
_refine_hist.pdbx_number_atoms_protein        1304 
_refine_hist.pdbx_number_atoms_nucleic_acid   0 
_refine_hist.pdbx_number_atoms_ligand         18 
_refine_hist.number_atoms_solvent             62 
_refine_hist.number_atoms_total               1384 
_refine_hist.d_res_high                       1.96 
_refine_hist.d_res_low                        6.00 
# 
loop_
_refine_ls_restr.type 
_refine_ls_restr.dev_ideal 
_refine_ls_restr.dev_ideal_target 
_refine_ls_restr.weight 
_refine_ls_restr.number 
_refine_ls_restr.pdbx_refine_id 
_refine_ls_restr.pdbx_restraint_function 
r_bond_refined_d             0.015  0.022  ? 1340 'X-RAY DIFFRACTION' ? 
r_bond_other_d               ?      ?      ? ?    'X-RAY DIFFRACTION' ? 
r_angle_refined_deg          1.496  1.969  ? 1806 'X-RAY DIFFRACTION' ? 
r_angle_other_deg            ?      ?      ? ?    'X-RAY DIFFRACTION' ? 
r_dihedral_angle_1_deg       5.494  5.000  ? 168  'X-RAY DIFFRACTION' ? 
r_dihedral_angle_2_deg       34.700 24.219 ? 64   'X-RAY DIFFRACTION' ? 
r_dihedral_angle_3_deg       13.764 15.000 ? 227  'X-RAY DIFFRACTION' ? 
r_dihedral_angle_4_deg       20.127 15.000 ? 12   'X-RAY DIFFRACTION' ? 
r_chiral_restr               0.107  0.200  ? 201  'X-RAY DIFFRACTION' ? 
r_gen_planes_refined         0.006  0.020  ? 1010 'X-RAY DIFFRACTION' ? 
r_gen_planes_other           ?      ?      ? ?    'X-RAY DIFFRACTION' ? 
r_nbd_refined                0.205  0.200  ? 610  'X-RAY DIFFRACTION' ? 
r_nbd_other                  ?      ?      ? ?    'X-RAY DIFFRACTION' ? 
r_nbtor_refined              0.301  0.200  ? 942  'X-RAY DIFFRACTION' ? 
r_nbtor_other                ?      ?      ? ?    'X-RAY DIFFRACTION' ? 
r_xyhbond_nbd_refined        0.147  0.200  ? 66   'X-RAY DIFFRACTION' ? 
r_xyhbond_nbd_other          ?      ?      ? ?    'X-RAY DIFFRACTION' ? 
r_metal_ion_refined          ?      ?      ? ?    'X-RAY DIFFRACTION' ? 
r_metal_ion_other            ?      ?      ? ?    'X-RAY DIFFRACTION' ? 
r_symmetry_vdw_refined       0.214  0.200  ? 40   'X-RAY DIFFRACTION' ? 
r_symmetry_vdw_other         ?      ?      ? ?    'X-RAY DIFFRACTION' ? 
r_symmetry_hbond_refined     0.122  0.200  ? 10   'X-RAY DIFFRACTION' ? 
r_symmetry_hbond_other       ?      ?      ? ?    'X-RAY DIFFRACTION' ? 
r_symmetry_metal_ion_refined ?      ?      ? ?    'X-RAY DIFFRACTION' ? 
r_symmetry_metal_ion_other   ?      ?      ? ?    'X-RAY DIFFRACTION' ? 
r_mcbond_it                  1.090  1.500  ? 874  'X-RAY DIFFRACTION' ? 
r_mcbond_other               ?      ?      ? ?    'X-RAY DIFFRACTION' ? 
r_mcangle_it                 1.491  2.000  ? 1345 'X-RAY DIFFRACTION' ? 
r_mcangle_other              ?      ?      ? ?    'X-RAY DIFFRACTION' ? 
r_scbond_it                  2.982  3.000  ? 527  'X-RAY DIFFRACTION' ? 
r_scbond_other               ?      ?      ? ?    'X-RAY DIFFRACTION' ? 
r_scangle_it                 4.448  4.500  ? 461  'X-RAY DIFFRACTION' ? 
r_scangle_other              ?      ?      ? ?    'X-RAY DIFFRACTION' ? 
r_long_range_B_refined       ?      ?      ? ?    'X-RAY DIFFRACTION' ? 
r_long_range_B_other         ?      ?      ? ?    'X-RAY DIFFRACTION' ? 
r_rigid_bond_restr           ?      ?      ? ?    'X-RAY DIFFRACTION' ? 
r_sphericity_free            ?      ?      ? ?    'X-RAY DIFFRACTION' ? 
r_sphericity_bonded          ?      ?      ? ?    'X-RAY DIFFRACTION' ? 
# 
_refine_ls_shell.pdbx_refine_id                   'X-RAY DIFFRACTION' 
_refine_ls_shell.pdbx_total_number_of_bins_used   20 
_refine_ls_shell.d_res_high                       1.96 
_refine_ls_shell.d_res_low                        2.00 
_refine_ls_shell.number_reflns_R_work             715 
_refine_ls_shell.R_factor_R_work                  0.1940 
_refine_ls_shell.percent_reflns_obs               ? 
_refine_ls_shell.R_factor_R_free                  0.2380 
_refine_ls_shell.R_factor_R_free_error            ? 
_refine_ls_shell.percent_reflns_R_free            ? 
_refine_ls_shell.number_reflns_R_free             29 
_refine_ls_shell.number_reflns_all                ? 
_refine_ls_shell.R_factor_all                     ? 
# 
_struct.entry_id                  2V7S 
_struct.title                     'Crystal structure of the putative lipoprotein LppA from Mycobacterium tuberculosis' 
_struct.pdbx_model_details        ? 
_struct.pdbx_CASP_flag            ? 
_struct.pdbx_model_type_details   ? 
# 
_struct_keywords.entry_id        2V7S 
_struct_keywords.pdbx_keywords   'UNKNOWN FUNCTION' 
_struct_keywords.text            'LIPOPROTEIN, UNKNOWN FUNCTION, PUTATIVE LIPOPROTEIN' 
# 
loop_
_struct_asym.id 
_struct_asym.pdbx_blank_PDB_chainid_flag 
_struct_asym.pdbx_modified 
_struct_asym.entity_id 
_struct_asym.details 
A N N 1 ? 
B N N 2 ? 
C N N 2 ? 
D N N 2 ? 
E N N 3 ? 
# 
loop_
_struct_ref.id 
_struct_ref.db_name 
_struct_ref.db_code 
_struct_ref.entity_id 
_struct_ref.pdbx_seq_one_letter_code 
_struct_ref.pdbx_align_begin 
_struct_ref.pdbx_db_accession 
_struct_ref.pdbx_db_isoform 
1 PDB 2V7S         1 ? ? 2V7S   ? 
2 UNP P95010_MYCTU 1 ? ? P95010 ? 
# 
loop_
_struct_ref_seq.align_id 
_struct_ref_seq.ref_id 
_struct_ref_seq.pdbx_PDB_id_code 
_struct_ref_seq.pdbx_strand_id 
_struct_ref_seq.seq_align_beg 
_struct_ref_seq.pdbx_seq_align_beg_ins_code 
_struct_ref_seq.seq_align_end 
_struct_ref_seq.pdbx_seq_align_end_ins_code 
_struct_ref_seq.pdbx_db_accession 
_struct_ref_seq.db_align_beg 
_struct_ref_seq.pdbx_db_align_beg_ins_code 
_struct_ref_seq.db_align_end 
_struct_ref_seq.pdbx_db_align_end_ins_code 
_struct_ref_seq.pdbx_auth_seq_align_beg 
_struct_ref_seq.pdbx_auth_seq_align_end 
1 1 2V7S A 1  ? 29  ? 2V7S   5  ? 33  ? 5  33  
2 2 2V7S A 30 ? 215 ? P95010 34 ? 219 ? 34 219 
# 
_pdbx_struct_assembly.id                   1 
_pdbx_struct_assembly.details              author_and_software_defined_assembly 
_pdbx_struct_assembly.method_details       PISA 
_pdbx_struct_assembly.oligomeric_details   dimeric 
_pdbx_struct_assembly.oligomeric_count     2 
# 
loop_
_pdbx_struct_assembly_prop.biol_id 
_pdbx_struct_assembly_prop.type 
_pdbx_struct_assembly_prop.value 
_pdbx_struct_assembly_prop.details 
1 'ABSA (A^2)' 2900  ? 
1 MORE         -9.87 ? 
1 'SSA (A^2)'  17100 ? 
# 
_pdbx_struct_assembly_gen.assembly_id       1 
_pdbx_struct_assembly_gen.oper_expression   1,2 
_pdbx_struct_assembly_gen.asym_id_list      A,B,C,D,E 
# 
loop_
_pdbx_struct_oper_list.id 
_pdbx_struct_oper_list.type 
_pdbx_struct_oper_list.name 
_pdbx_struct_oper_list.symmetry_operation 
_pdbx_struct_oper_list.matrix[1][1] 
_pdbx_struct_oper_list.matrix[1][2] 
_pdbx_struct_oper_list.matrix[1][3] 
_pdbx_struct_oper_list.vector[1] 
_pdbx_struct_oper_list.matrix[2][1] 
_pdbx_struct_oper_list.matrix[2][2] 
_pdbx_struct_oper_list.matrix[2][3] 
_pdbx_struct_oper_list.vector[2] 
_pdbx_struct_oper_list.matrix[3][1] 
_pdbx_struct_oper_list.matrix[3][2] 
_pdbx_struct_oper_list.matrix[3][3] 
_pdbx_struct_oper_list.vector[3] 
1 'identity operation'         1_555 x,y,z   1.0000000000  0.0000000000  0.0000000000 0.0000000000  0.0000000000  1.0000000000  0.0000000000  0.0000000000  0.0000000000 0.0000000000  1.0000000000 0.0000000000  
2 'crystal symmetry operation' 2_555 -x,y,-z -0.9786452877 -0.0798219143 0.1894250852 47.0394805906 -0.0798219143 -0.7016331615 -0.7080532244 -9.1461939330 0.1894250852 -0.7080532244 0.6802784492 -9.1570832975 
# 
_struct_biol.id   1 
# 
loop_
_struct_conf.conf_type_id 
_struct_conf.id 
_struct_conf.pdbx_PDB_helix_id 
_struct_conf.beg_label_comp_id 
_struct_conf.beg_label_asym_id 
_struct_conf.beg_label_seq_id 
_struct_conf.pdbx_beg_PDB_ins_code 
_struct_conf.end_label_comp_id 
_struct_conf.end_label_asym_id 
_struct_conf.end_label_seq_id 
_struct_conf.pdbx_end_PDB_ins_code 
_struct_conf.beg_auth_comp_id 
_struct_conf.beg_auth_asym_id 
_struct_conf.beg_auth_seq_id 
_struct_conf.end_auth_comp_id 
_struct_conf.end_auth_asym_id 
_struct_conf.end_auth_seq_id 
_struct_conf.pdbx_PDB_helix_class 
_struct_conf.details 
_struct_conf.pdbx_PDB_helix_length 
HELX_P HELX_P1 1 ASP A 36  ? ARG A 54  ? ASP A 40  ARG A 58  1 ? 19 
HELX_P HELX_P2 2 ASN A 55  ? GLY A 57  ? ASN A 59  GLY A 61  5 ? 3  
HELX_P HELX_P3 3 SER A 58  ? ILE A 81  ? SER A 62  ILE A 85  1 ? 24 
HELX_P HELX_P4 4 ASP A 91  ? GLY A 101 ? ASP A 95  GLY A 105 1 ? 11 
HELX_P HELX_P5 5 SER A 127 ? LYS A 144 ? SER A 131 LYS A 148 1 ? 18 
HELX_P HELX_P6 6 LEU A 190 ? ASP A 195 ? LEU A 194 ASP A 199 1 ? 6  
# 
_struct_conf_type.id          HELX_P 
_struct_conf_type.criteria    ? 
_struct_conf_type.reference   ? 
# 
loop_
_struct_conn.id 
_struct_conn.conn_type_id 
_struct_conn.pdbx_leaving_atom_flag 
_struct_conn.pdbx_PDB_id 
_struct_conn.ptnr1_label_asym_id 
_struct_conn.ptnr1_label_comp_id 
_struct_conn.ptnr1_label_seq_id 
_struct_conn.ptnr1_label_atom_id 
_struct_conn.pdbx_ptnr1_label_alt_id 
_struct_conn.pdbx_ptnr1_PDB_ins_code 
_struct_conn.pdbx_ptnr1_standard_comp_id 
_struct_conn.ptnr1_symmetry 
_struct_conn.ptnr2_label_asym_id 
_struct_conn.ptnr2_label_comp_id 
_struct_conn.ptnr2_label_seq_id 
_struct_conn.ptnr2_label_atom_id 
_struct_conn.pdbx_ptnr2_label_alt_id 
_struct_conn.pdbx_ptnr2_PDB_ins_code 
_struct_conn.ptnr1_auth_asym_id 
_struct_conn.ptnr1_auth_comp_id 
_struct_conn.ptnr1_auth_seq_id 
_struct_conn.ptnr2_auth_asym_id 
_struct_conn.ptnr2_auth_comp_id 
_struct_conn.ptnr2_auth_seq_id 
_struct_conn.ptnr2_symmetry 
_struct_conn.pdbx_ptnr3_label_atom_id 
_struct_conn.pdbx_ptnr3_label_seq_id 
_struct_conn.pdbx_ptnr3_label_comp_id 
_struct_conn.pdbx_ptnr3_label_asym_id 
_struct_conn.pdbx_ptnr3_label_alt_id 
_struct_conn.pdbx_ptnr3_PDB_ins_code 
_struct_conn.details 
_struct_conn.pdbx_dist_value 
_struct_conn.pdbx_value_order 
_struct_conn.pdbx_role 
disulf1 disulf ?    ? A CYS 104 SG ? ? ? 1_555 A CYS 187 SG ? ? A CYS 108 A CYS 191 1_555 ? ? ? ? ? ? ? 2.038 ? ? 
covale1 covale both ? A SER 52  C  ? ? ? 1_555 A MSE 53  N  ? ? A SER 56  A MSE 57  1_555 ? ? ? ? ? ? ? 1.331 ? ? 
covale2 covale both ? A MSE 53  C  ? ? ? 1_555 A ARG 54  N  ? ? A MSE 57  A ARG 58  1_555 ? ? ? ? ? ? ? 1.334 ? ? 
covale3 covale both ? A VAL 120 C  ? ? ? 1_555 A MSE 121 N  ? ? A VAL 124 A MSE 125 1_555 ? ? ? ? ? ? ? 1.343 ? ? 
covale4 covale both ? A MSE 121 C  ? ? ? 1_555 A PHE 122 N  ? ? A MSE 125 A PHE 126 1_555 ? ? ? ? ? ? ? 1.338 ? ? 
# 
loop_
_struct_conn_type.id 
_struct_conn_type.criteria 
_struct_conn_type.reference 
disulf ? ? 
covale ? ? 
# 
loop_
_pdbx_modification_feature.ordinal 
_pdbx_modification_feature.label_comp_id 
_pdbx_modification_feature.label_asym_id 
_pdbx_modification_feature.label_seq_id 
_pdbx_modification_feature.label_alt_id 
_pdbx_modification_feature.modified_residue_label_comp_id 
_pdbx_modification_feature.modified_residue_label_asym_id 
_pdbx_modification_feature.modified_residue_label_seq_id 
_pdbx_modification_feature.modified_residue_label_alt_id 
_pdbx_modification_feature.auth_comp_id 
_pdbx_modification_feature.auth_asym_id 
_pdbx_modification_feature.auth_seq_id 
_pdbx_modification_feature.PDB_ins_code 
_pdbx_modification_feature.symmetry 
_pdbx_modification_feature.modified_residue_auth_comp_id 
_pdbx_modification_feature.modified_residue_auth_asym_id 
_pdbx_modification_feature.modified_residue_auth_seq_id 
_pdbx_modification_feature.modified_residue_PDB_ins_code 
_pdbx_modification_feature.modified_residue_symmetry 
_pdbx_modification_feature.comp_id_linking_atom 
_pdbx_modification_feature.modified_residue_id_linking_atom 
_pdbx_modification_feature.modified_residue_id 
_pdbx_modification_feature.ref_pcm_id 
_pdbx_modification_feature.ref_comp_id 
_pdbx_modification_feature.type 
_pdbx_modification_feature.category 
1 MSE A 53  ? .   . .   . MSE A 57  ? 1_555 .   . .   . .     .  .  MET 1 MSE Selenomethionine 'Named protein modification' 
2 MSE A 121 ? .   . .   . MSE A 125 ? 1_555 .   . .   . .     .  .  MET 1 MSE Selenomethionine 'Named protein modification' 
3 CYS A 104 ? CYS A 187 ? CYS A 108 ? 1_555 CYS A 191 ? 1_555 SG SG .   . .   None             'Disulfide bridge'           
# 
loop_
_struct_sheet.id 
_struct_sheet.type 
_struct_sheet.number_strands 
_struct_sheet.details 
AA ? 6 ? 
AB ? 3 ? 
# 
loop_
_struct_sheet_order.sheet_id 
_struct_sheet_order.range_id_1 
_struct_sheet_order.range_id_2 
_struct_sheet_order.offset 
_struct_sheet_order.sense 
AA 1 2 ? anti-parallel 
AA 2 3 ? anti-parallel 
AA 3 4 ? anti-parallel 
AA 4 5 ? anti-parallel 
AA 5 6 ? anti-parallel 
AB 1 2 ? anti-parallel 
AB 2 3 ? anti-parallel 
# 
loop_
_struct_sheet_range.sheet_id 
_struct_sheet_range.id 
_struct_sheet_range.beg_label_comp_id 
_struct_sheet_range.beg_label_asym_id 
_struct_sheet_range.beg_label_seq_id 
_struct_sheet_range.pdbx_beg_PDB_ins_code 
_struct_sheet_range.end_label_comp_id 
_struct_sheet_range.end_label_asym_id 
_struct_sheet_range.end_label_seq_id 
_struct_sheet_range.pdbx_end_PDB_ins_code 
_struct_sheet_range.beg_auth_comp_id 
_struct_sheet_range.beg_auth_asym_id 
_struct_sheet_range.beg_auth_seq_id 
_struct_sheet_range.end_auth_comp_id 
_struct_sheet_range.end_auth_asym_id 
_struct_sheet_range.end_auth_seq_id 
AA 1 TRP A 86  ? PHE A 88  ? TRP A 90  PHE A 92  
AA 2 VAL A 120 ? PHE A 122 ? VAL A 124 PHE A 126 
AA 3 ALA A 179 ? THR A 184 ? ALA A 183 THR A 188 
AA 4 TYR A 169 ? GLN A 175 ? TYR A 173 GLN A 179 
AA 5 ARG A 160 ? GLY A 166 ? ARG A 164 GLY A 170 
AA 6 THR A 149 ? SER A 151 ? THR A 153 SER A 155 
AB 1 ALA A 102 ? LEU A 103 ? ALA A 106 LEU A 107 
AB 2 ALA A 112 ? ARG A 114 ? ALA A 116 ARG A 118 
AB 3 PHE A 188 ? LEU A 189 ? PHE A 192 LEU A 193 
# 
loop_
_pdbx_struct_sheet_hbond.sheet_id 
_pdbx_struct_sheet_hbond.range_id_1 
_pdbx_struct_sheet_hbond.range_id_2 
_pdbx_struct_sheet_hbond.range_1_label_atom_id 
_pdbx_struct_sheet_hbond.range_1_label_comp_id 
_pdbx_struct_sheet_hbond.range_1_label_asym_id 
_pdbx_struct_sheet_hbond.range_1_label_seq_id 
_pdbx_struct_sheet_hbond.range_1_PDB_ins_code 
_pdbx_struct_sheet_hbond.range_1_auth_atom_id 
_pdbx_struct_sheet_hbond.range_1_auth_comp_id 
_pdbx_struct_sheet_hbond.range_1_auth_asym_id 
_pdbx_struct_sheet_hbond.range_1_auth_seq_id 
_pdbx_struct_sheet_hbond.range_2_label_atom_id 
_pdbx_struct_sheet_hbond.range_2_label_comp_id 
_pdbx_struct_sheet_hbond.range_2_label_asym_id 
_pdbx_struct_sheet_hbond.range_2_label_seq_id 
_pdbx_struct_sheet_hbond.range_2_PDB_ins_code 
_pdbx_struct_sheet_hbond.range_2_auth_atom_id 
_pdbx_struct_sheet_hbond.range_2_auth_comp_id 
_pdbx_struct_sheet_hbond.range_2_auth_asym_id 
_pdbx_struct_sheet_hbond.range_2_auth_seq_id 
AA 1 2 N LYS A 87  ? N LYS A 91  O MSE A 121 ? O MSE A 125 
AA 2 3 N PHE A 122 ? N PHE A 126 O ALA A 179 ? O ALA A 183 
AA 3 4 N THR A 184 ? N THR A 188 O GLU A 170 ? O GLU A 174 
AA 4 5 N GLN A 175 ? N GLN A 179 O ARG A 160 ? O ARG A 164 
AA 5 6 N GLN A 165 ? N GLN A 169 O THR A 149 ? O THR A 153 
AB 1 2 N ALA A 102 ? N ALA A 106 O ARG A 114 ? O ARG A 118 
AB 2 3 N ARG A 113 ? N ARG A 117 O PHE A 188 ? O PHE A 192 
# 
loop_
_struct_site.id 
_struct_site.pdbx_evidence_code 
_struct_site.pdbx_auth_asym_id 
_struct_site.pdbx_auth_comp_id 
_struct_site.pdbx_auth_seq_id 
_struct_site.pdbx_auth_ins_code 
_struct_site.pdbx_num_residues 
_struct_site.details 
AC1 Software A GOL 1208 ? 8 'BINDING SITE FOR RESIDUE GOL A 1208' 
AC2 Software A GOL 1209 ? 4 'BINDING SITE FOR RESIDUE GOL A 1209' 
AC3 Software A GOL 1210 ? 6 'BINDING SITE FOR RESIDUE GOL A 1210' 
# 
loop_
_struct_site_gen.id 
_struct_site_gen.site_id 
_struct_site_gen.pdbx_num_res 
_struct_site_gen.label_comp_id 
_struct_site_gen.label_asym_id 
_struct_site_gen.label_seq_id 
_struct_site_gen.pdbx_auth_ins_code 
_struct_site_gen.auth_comp_id 
_struct_site_gen.auth_asym_id 
_struct_site_gen.auth_seq_id 
_struct_site_gen.label_atom_id 
_struct_site_gen.label_alt_id 
_struct_site_gen.symmetry 
_struct_site_gen.details 
1  AC1 8 ARG A 54  ? ARG A 58   . ? 4_454 ? 
2  AC1 8 GLY A 57  ? GLY A 61   . ? 4_454 ? 
3  AC1 8 THR A 85  ? THR A 89   . ? 1_555 ? 
4  AC1 8 LYS A 87  ? LYS A 91   . ? 1_555 ? 
5  AC1 8 MSE A 121 ? MSE A 125  . ? 1_555 ? 
6  AC1 8 PHE A 122 ? PHE A 126  . ? 1_555 ? 
7  AC1 8 GLY A 123 ? GLY A 127  . ? 1_555 ? 
8  AC1 8 HOH E .   ? HOH A 2061 . ? 1_555 ? 
9  AC2 4 TRP A 86  ? TRP A 90   . ? 1_555 ? 
10 AC2 4 LYS A 87  ? LYS A 91   . ? 1_555 ? 
11 AC2 4 PHE A 88  ? PHE A 92   . ? 1_555 ? 
12 AC2 4 HOH E .   ? HOH A 2062 . ? 1_555 ? 
13 AC3 6 GLU A 44  ? GLU A 48   . ? 3_455 ? 
14 AC3 6 SER A 127 ? SER A 131  . ? 1_555 ? 
15 AC3 6 ALA A 128 ? ALA A 132  . ? 1_555 ? 
16 AC3 6 GLU A 129 ? GLU A 133  . ? 1_555 ? 
17 AC3 6 ARG A 160 ? ARG A 164  . ? 1_555 ? 
18 AC3 6 GLY A 199 ? GLY A 203  . ? 3_455 ? 
# 
_pdbx_entry_details.entry_id                   2V7S 
_pdbx_entry_details.compound_details           ? 
_pdbx_entry_details.source_details             ? 
_pdbx_entry_details.nonpolymer_details         ? 
_pdbx_entry_details.sequence_details           
;THE RECOMBINANT PROTEIN INCLUDES A N-TERMINAL TAG (
SEQUENCE MSYYHHHHHHLESTSLYKKAGSENLYFQG) FUSED TO RESIDUES
34-219 OF THE NP-217059 GENE)
;
_pdbx_entry_details.has_ligand_of_interest     ? 
_pdbx_entry_details.has_protein_modification   Y 
# 
_pdbx_validate_rmsd_angle.id                         1 
_pdbx_validate_rmsd_angle.PDB_model_num              1 
_pdbx_validate_rmsd_angle.auth_atom_id_1             NE 
_pdbx_validate_rmsd_angle.auth_asym_id_1             A 
_pdbx_validate_rmsd_angle.auth_comp_id_1             ARG 
_pdbx_validate_rmsd_angle.auth_seq_id_1              67 
_pdbx_validate_rmsd_angle.PDB_ins_code_1             ? 
_pdbx_validate_rmsd_angle.label_alt_id_1             ? 
_pdbx_validate_rmsd_angle.auth_atom_id_2             CZ 
_pdbx_validate_rmsd_angle.auth_asym_id_2             A 
_pdbx_validate_rmsd_angle.auth_comp_id_2             ARG 
_pdbx_validate_rmsd_angle.auth_seq_id_2              67 
_pdbx_validate_rmsd_angle.PDB_ins_code_2             ? 
_pdbx_validate_rmsd_angle.label_alt_id_2             ? 
_pdbx_validate_rmsd_angle.auth_atom_id_3             NH2 
_pdbx_validate_rmsd_angle.auth_asym_id_3             A 
_pdbx_validate_rmsd_angle.auth_comp_id_3             ARG 
_pdbx_validate_rmsd_angle.auth_seq_id_3              67 
_pdbx_validate_rmsd_angle.PDB_ins_code_3             ? 
_pdbx_validate_rmsd_angle.label_alt_id_3             ? 
_pdbx_validate_rmsd_angle.angle_value                117.11 
_pdbx_validate_rmsd_angle.angle_target_value         120.30 
_pdbx_validate_rmsd_angle.angle_deviation            -3.19 
_pdbx_validate_rmsd_angle.angle_standard_deviation   0.50 
_pdbx_validate_rmsd_angle.linker_flag                N 
# 
loop_
_pdbx_validate_torsion.id 
_pdbx_validate_torsion.PDB_model_num 
_pdbx_validate_torsion.auth_comp_id 
_pdbx_validate_torsion.auth_asym_id 
_pdbx_validate_torsion.auth_seq_id 
_pdbx_validate_torsion.PDB_ins_code 
_pdbx_validate_torsion.label_alt_id 
_pdbx_validate_torsion.phi 
_pdbx_validate_torsion.psi 
1 1 ASN A 159 ? ? -157.54 88.69  
2 1 ILE A 180 ? ? -112.43 -82.24 
# 
loop_
_pdbx_struct_mod_residue.id 
_pdbx_struct_mod_residue.label_asym_id 
_pdbx_struct_mod_residue.label_comp_id 
_pdbx_struct_mod_residue.label_seq_id 
_pdbx_struct_mod_residue.auth_asym_id 
_pdbx_struct_mod_residue.auth_comp_id 
_pdbx_struct_mod_residue.auth_seq_id 
_pdbx_struct_mod_residue.PDB_ins_code 
_pdbx_struct_mod_residue.parent_comp_id 
_pdbx_struct_mod_residue.details 
1 A MSE 53  A MSE 57  ? MET SELENOMETHIONINE 
2 A MSE 121 A MSE 125 ? MET SELENOMETHIONINE 
# 
_pdbx_refine_tls.pdbx_refine_id   'X-RAY DIFFRACTION' 
_pdbx_refine_tls.id               1 
_pdbx_refine_tls.details          ? 
_pdbx_refine_tls.method           refined 
_pdbx_refine_tls.origin_x         0.0109 
_pdbx_refine_tls.origin_y         -0.1410 
_pdbx_refine_tls.origin_z         -0.1721 
_pdbx_refine_tls.T[1][1]          -0.0858 
_pdbx_refine_tls.T[2][2]          -0.1028 
_pdbx_refine_tls.T[3][3]          -0.1350 
_pdbx_refine_tls.T[1][2]          -0.0086 
_pdbx_refine_tls.T[1][3]          0.0096 
_pdbx_refine_tls.T[2][3]          0.0285 
_pdbx_refine_tls.L[1][1]          2.8795 
_pdbx_refine_tls.L[2][2]          1.5371 
_pdbx_refine_tls.L[3][3]          0.7060 
_pdbx_refine_tls.L[1][2]          -1.0647 
_pdbx_refine_tls.L[1][3]          0.1613 
_pdbx_refine_tls.L[2][3]          0.2804 
_pdbx_refine_tls.S[1][1]          -0.0544 
_pdbx_refine_tls.S[1][2]          0.0991 
_pdbx_refine_tls.S[1][3]          0.1491 
_pdbx_refine_tls.S[2][1]          -0.0693 
_pdbx_refine_tls.S[2][2]          0.0198 
_pdbx_refine_tls.S[2][3]          -0.1050 
_pdbx_refine_tls.S[3][1]          -0.0174 
_pdbx_refine_tls.S[3][2]          0.0054 
_pdbx_refine_tls.S[3][3]          0.0346 
# 
_pdbx_refine_tls_group.pdbx_refine_id      'X-RAY DIFFRACTION' 
_pdbx_refine_tls_group.id                  1 
_pdbx_refine_tls_group.refine_tls_id       1 
_pdbx_refine_tls_group.beg_auth_asym_id    A 
_pdbx_refine_tls_group.beg_auth_seq_id     39 
_pdbx_refine_tls_group.beg_label_asym_id   ? 
_pdbx_refine_tls_group.beg_label_seq_id    ? 
_pdbx_refine_tls_group.end_auth_asym_id    A 
_pdbx_refine_tls_group.end_auth_seq_id     207 
_pdbx_refine_tls_group.end_label_asym_id   ? 
_pdbx_refine_tls_group.end_label_seq_id    ? 
_pdbx_refine_tls_group.selection           ? 
_pdbx_refine_tls_group.selection_details   ? 
# 
loop_
_pdbx_unobs_or_zero_occ_residues.id 
_pdbx_unobs_or_zero_occ_residues.PDB_model_num 
_pdbx_unobs_or_zero_occ_residues.polymer_flag 
_pdbx_unobs_or_zero_occ_residues.occupancy_flag 
_pdbx_unobs_or_zero_occ_residues.auth_asym_id 
_pdbx_unobs_or_zero_occ_residues.auth_comp_id 
_pdbx_unobs_or_zero_occ_residues.auth_seq_id 
_pdbx_unobs_or_zero_occ_residues.PDB_ins_code 
_pdbx_unobs_or_zero_occ_residues.label_asym_id 
_pdbx_unobs_or_zero_occ_residues.label_comp_id 
_pdbx_unobs_or_zero_occ_residues.label_seq_id 
1  1 Y 1 A MSE 5   ? A MSE 1   
2  1 Y 1 A SER 6   ? A SER 2   
3  1 Y 1 A TYR 7   ? A TYR 3   
4  1 Y 1 A TYR 8   ? A TYR 4   
5  1 Y 1 A HIS 9   ? A HIS 5   
6  1 Y 1 A HIS 10  ? A HIS 6   
7  1 Y 1 A HIS 11  ? A HIS 7   
8  1 Y 1 A HIS 12  ? A HIS 8   
9  1 Y 1 A HIS 13  ? A HIS 9   
10 1 Y 1 A HIS 14  ? A HIS 10  
11 1 Y 1 A LEU 15  ? A LEU 11  
12 1 Y 1 A GLU 16  ? A GLU 12  
13 1 Y 1 A SER 17  ? A SER 13  
14 1 Y 1 A THR 18  ? A THR 14  
15 1 Y 1 A SER 19  ? A SER 15  
16 1 Y 1 A LEU 20  ? A LEU 16  
17 1 Y 1 A TYR 21  ? A TYR 17  
18 1 Y 1 A LYS 22  ? A LYS 18  
19 1 Y 1 A LYS 23  ? A LYS 19  
20 1 Y 1 A ALA 24  ? A ALA 20  
21 1 Y 1 A GLY 25  ? A GLY 21  
22 1 Y 1 A SER 26  ? A SER 22  
23 1 Y 1 A GLU 27  ? A GLU 23  
24 1 Y 1 A ASN 28  ? A ASN 24  
25 1 Y 1 A LEU 29  ? A LEU 25  
26 1 Y 1 A TYR 30  ? A TYR 26  
27 1 Y 1 A PHE 31  ? A PHE 27  
28 1 Y 1 A GLN 32  ? A GLN 28  
29 1 Y 1 A GLY 33  ? A GLY 29  
30 1 Y 1 A THR 34  ? A THR 30  
31 1 Y 1 A MSE 35  ? A MSE 31  
32 1 Y 1 A ASP 36  ? A ASP 32  
33 1 Y 1 A HIS 37  ? A HIS 33  
34 1 Y 1 A ASN 38  ? A ASN 34  
35 1 Y 1 A GLU 208 ? A GLU 204 
36 1 Y 1 A PRO 209 ? A PRO 205 
37 1 Y 1 A PRO 210 ? A PRO 206 
38 1 Y 1 A ILE 211 ? A ILE 207 
39 1 Y 1 A TRP 212 ? A TRP 208 
40 1 Y 1 A PRO 213 ? A PRO 209 
41 1 Y 1 A THR 214 ? A THR 210 
42 1 Y 1 A THR 215 ? A THR 211 
43 1 Y 1 A SER 216 ? A SER 212 
44 1 Y 1 A THR 217 ? A THR 213 
45 1 Y 1 A PRO 218 ? A PRO 214 
46 1 Y 1 A HIS 219 ? A HIS 215 
# 
loop_
_chem_comp_atom.comp_id 
_chem_comp_atom.atom_id 
_chem_comp_atom.type_symbol 
_chem_comp_atom.pdbx_aromatic_flag 
_chem_comp_atom.pdbx_stereo_config 
_chem_comp_atom.pdbx_ordinal 
ALA N    N  N N 1   
ALA CA   C  N S 2   
ALA C    C  N N 3   
ALA O    O  N N 4   
ALA CB   C  N N 5   
ALA OXT  O  N N 6   
ALA H    H  N N 7   
ALA H2   H  N N 8   
ALA HA   H  N N 9   
ALA HB1  H  N N 10  
ALA HB2  H  N N 11  
ALA HB3  H  N N 12  
ALA HXT  H  N N 13  
ARG N    N  N N 14  
ARG CA   C  N S 15  
ARG C    C  N N 16  
ARG O    O  N N 17  
ARG CB   C  N N 18  
ARG CG   C  N N 19  
ARG CD   C  N N 20  
ARG NE   N  N N 21  
ARG CZ   C  N N 22  
ARG NH1  N  N N 23  
ARG NH2  N  N N 24  
ARG OXT  O  N N 25  
ARG H    H  N N 26  
ARG H2   H  N N 27  
ARG HA   H  N N 28  
ARG HB2  H  N N 29  
ARG HB3  H  N N 30  
ARG HG2  H  N N 31  
ARG HG3  H  N N 32  
ARG HD2  H  N N 33  
ARG HD3  H  N N 34  
ARG HE   H  N N 35  
ARG HH11 H  N N 36  
ARG HH12 H  N N 37  
ARG HH21 H  N N 38  
ARG HH22 H  N N 39  
ARG HXT  H  N N 40  
ASN N    N  N N 41  
ASN CA   C  N S 42  
ASN C    C  N N 43  
ASN O    O  N N 44  
ASN CB   C  N N 45  
ASN CG   C  N N 46  
ASN OD1  O  N N 47  
ASN ND2  N  N N 48  
ASN OXT  O  N N 49  
ASN H    H  N N 50  
ASN H2   H  N N 51  
ASN HA   H  N N 52  
ASN HB2  H  N N 53  
ASN HB3  H  N N 54  
ASN HD21 H  N N 55  
ASN HD22 H  N N 56  
ASN HXT  H  N N 57  
ASP N    N  N N 58  
ASP CA   C  N S 59  
ASP C    C  N N 60  
ASP O    O  N N 61  
ASP CB   C  N N 62  
ASP CG   C  N N 63  
ASP OD1  O  N N 64  
ASP OD2  O  N N 65  
ASP OXT  O  N N 66  
ASP H    H  N N 67  
ASP H2   H  N N 68  
ASP HA   H  N N 69  
ASP HB2  H  N N 70  
ASP HB3  H  N N 71  
ASP HD2  H  N N 72  
ASP HXT  H  N N 73  
CYS N    N  N N 74  
CYS CA   C  N R 75  
CYS C    C  N N 76  
CYS O    O  N N 77  
CYS CB   C  N N 78  
CYS SG   S  N N 79  
CYS OXT  O  N N 80  
CYS H    H  N N 81  
CYS H2   H  N N 82  
CYS HA   H  N N 83  
CYS HB2  H  N N 84  
CYS HB3  H  N N 85  
CYS HG   H  N N 86  
CYS HXT  H  N N 87  
GLN N    N  N N 88  
GLN CA   C  N S 89  
GLN C    C  N N 90  
GLN O    O  N N 91  
GLN CB   C  N N 92  
GLN CG   C  N N 93  
GLN CD   C  N N 94  
GLN OE1  O  N N 95  
GLN NE2  N  N N 96  
GLN OXT  O  N N 97  
GLN H    H  N N 98  
GLN H2   H  N N 99  
GLN HA   H  N N 100 
GLN HB2  H  N N 101 
GLN HB3  H  N N 102 
GLN HG2  H  N N 103 
GLN HG3  H  N N 104 
GLN HE21 H  N N 105 
GLN HE22 H  N N 106 
GLN HXT  H  N N 107 
GLU N    N  N N 108 
GLU CA   C  N S 109 
GLU C    C  N N 110 
GLU O    O  N N 111 
GLU CB   C  N N 112 
GLU CG   C  N N 113 
GLU CD   C  N N 114 
GLU OE1  O  N N 115 
GLU OE2  O  N N 116 
GLU OXT  O  N N 117 
GLU H    H  N N 118 
GLU H2   H  N N 119 
GLU HA   H  N N 120 
GLU HB2  H  N N 121 
GLU HB3  H  N N 122 
GLU HG2  H  N N 123 
GLU HG3  H  N N 124 
GLU HE2  H  N N 125 
GLU HXT  H  N N 126 
GLY N    N  N N 127 
GLY CA   C  N N 128 
GLY C    C  N N 129 
GLY O    O  N N 130 
GLY OXT  O  N N 131 
GLY H    H  N N 132 
GLY H2   H  N N 133 
GLY HA2  H  N N 134 
GLY HA3  H  N N 135 
GLY HXT  H  N N 136 
GOL C1   C  N N 137 
GOL O1   O  N N 138 
GOL C2   C  N N 139 
GOL O2   O  N N 140 
GOL C3   C  N N 141 
GOL O3   O  N N 142 
GOL H11  H  N N 143 
GOL H12  H  N N 144 
GOL HO1  H  N N 145 
GOL H2   H  N N 146 
GOL HO2  H  N N 147 
GOL H31  H  N N 148 
GOL H32  H  N N 149 
GOL HO3  H  N N 150 
HIS N    N  N N 151 
HIS CA   C  N S 152 
HIS C    C  N N 153 
HIS O    O  N N 154 
HIS CB   C  N N 155 
HIS CG   C  Y N 156 
HIS ND1  N  Y N 157 
HIS CD2  C  Y N 158 
HIS CE1  C  Y N 159 
HIS NE2  N  Y N 160 
HIS OXT  O  N N 161 
HIS H    H  N N 162 
HIS H2   H  N N 163 
HIS HA   H  N N 164 
HIS HB2  H  N N 165 
HIS HB3  H  N N 166 
HIS HD1  H  N N 167 
HIS HD2  H  N N 168 
HIS HE1  H  N N 169 
HIS HE2  H  N N 170 
HIS HXT  H  N N 171 
HOH O    O  N N 172 
HOH H1   H  N N 173 
HOH H2   H  N N 174 
ILE N    N  N N 175 
ILE CA   C  N S 176 
ILE C    C  N N 177 
ILE O    O  N N 178 
ILE CB   C  N S 179 
ILE CG1  C  N N 180 
ILE CG2  C  N N 181 
ILE CD1  C  N N 182 
ILE OXT  O  N N 183 
ILE H    H  N N 184 
ILE H2   H  N N 185 
ILE HA   H  N N 186 
ILE HB   H  N N 187 
ILE HG12 H  N N 188 
ILE HG13 H  N N 189 
ILE HG21 H  N N 190 
ILE HG22 H  N N 191 
ILE HG23 H  N N 192 
ILE HD11 H  N N 193 
ILE HD12 H  N N 194 
ILE HD13 H  N N 195 
ILE HXT  H  N N 196 
LEU N    N  N N 197 
LEU CA   C  N S 198 
LEU C    C  N N 199 
LEU O    O  N N 200 
LEU CB   C  N N 201 
LEU CG   C  N N 202 
LEU CD1  C  N N 203 
LEU CD2  C  N N 204 
LEU OXT  O  N N 205 
LEU H    H  N N 206 
LEU H2   H  N N 207 
LEU HA   H  N N 208 
LEU HB2  H  N N 209 
LEU HB3  H  N N 210 
LEU HG   H  N N 211 
LEU HD11 H  N N 212 
LEU HD12 H  N N 213 
LEU HD13 H  N N 214 
LEU HD21 H  N N 215 
LEU HD22 H  N N 216 
LEU HD23 H  N N 217 
LEU HXT  H  N N 218 
LYS N    N  N N 219 
LYS CA   C  N S 220 
LYS C    C  N N 221 
LYS O    O  N N 222 
LYS CB   C  N N 223 
LYS CG   C  N N 224 
LYS CD   C  N N 225 
LYS CE   C  N N 226 
LYS NZ   N  N N 227 
LYS OXT  O  N N 228 
LYS H    H  N N 229 
LYS H2   H  N N 230 
LYS HA   H  N N 231 
LYS HB2  H  N N 232 
LYS HB3  H  N N 233 
LYS HG2  H  N N 234 
LYS HG3  H  N N 235 
LYS HD2  H  N N 236 
LYS HD3  H  N N 237 
LYS HE2  H  N N 238 
LYS HE3  H  N N 239 
LYS HZ1  H  N N 240 
LYS HZ2  H  N N 241 
LYS HZ3  H  N N 242 
LYS HXT  H  N N 243 
MSE N    N  N N 244 
MSE CA   C  N S 245 
MSE C    C  N N 246 
MSE O    O  N N 247 
MSE OXT  O  N N 248 
MSE CB   C  N N 249 
MSE CG   C  N N 250 
MSE SE   SE N N 251 
MSE CE   C  N N 252 
MSE H    H  N N 253 
MSE H2   H  N N 254 
MSE HA   H  N N 255 
MSE HXT  H  N N 256 
MSE HB2  H  N N 257 
MSE HB3  H  N N 258 
MSE HG2  H  N N 259 
MSE HG3  H  N N 260 
MSE HE1  H  N N 261 
MSE HE2  H  N N 262 
MSE HE3  H  N N 263 
PHE N    N  N N 264 
PHE CA   C  N S 265 
PHE C    C  N N 266 
PHE O    O  N N 267 
PHE CB   C  N N 268 
PHE CG   C  Y N 269 
PHE CD1  C  Y N 270 
PHE CD2  C  Y N 271 
PHE CE1  C  Y N 272 
PHE CE2  C  Y N 273 
PHE CZ   C  Y N 274 
PHE OXT  O  N N 275 
PHE H    H  N N 276 
PHE H2   H  N N 277 
PHE HA   H  N N 278 
PHE HB2  H  N N 279 
PHE HB3  H  N N 280 
PHE HD1  H  N N 281 
PHE HD2  H  N N 282 
PHE HE1  H  N N 283 
PHE HE2  H  N N 284 
PHE HZ   H  N N 285 
PHE HXT  H  N N 286 
PRO N    N  N N 287 
PRO CA   C  N S 288 
PRO C    C  N N 289 
PRO O    O  N N 290 
PRO CB   C  N N 291 
PRO CG   C  N N 292 
PRO CD   C  N N 293 
PRO OXT  O  N N 294 
PRO H    H  N N 295 
PRO HA   H  N N 296 
PRO HB2  H  N N 297 
PRO HB3  H  N N 298 
PRO HG2  H  N N 299 
PRO HG3  H  N N 300 
PRO HD2  H  N N 301 
PRO HD3  H  N N 302 
PRO HXT  H  N N 303 
SER N    N  N N 304 
SER CA   C  N S 305 
SER C    C  N N 306 
SER O    O  N N 307 
SER CB   C  N N 308 
SER OG   O  N N 309 
SER OXT  O  N N 310 
SER H    H  N N 311 
SER H2   H  N N 312 
SER HA   H  N N 313 
SER HB2  H  N N 314 
SER HB3  H  N N 315 
SER HG   H  N N 316 
SER HXT  H  N N 317 
THR N    N  N N 318 
THR CA   C  N S 319 
THR C    C  N N 320 
THR O    O  N N 321 
THR CB   C  N R 322 
THR OG1  O  N N 323 
THR CG2  C  N N 324 
THR OXT  O  N N 325 
THR H    H  N N 326 
THR H2   H  N N 327 
THR HA   H  N N 328 
THR HB   H  N N 329 
THR HG1  H  N N 330 
THR HG21 H  N N 331 
THR HG22 H  N N 332 
THR HG23 H  N N 333 
THR HXT  H  N N 334 
TRP N    N  N N 335 
TRP CA   C  N S 336 
TRP C    C  N N 337 
TRP O    O  N N 338 
TRP CB   C  N N 339 
TRP CG   C  Y N 340 
TRP CD1  C  Y N 341 
TRP CD2  C  Y N 342 
TRP NE1  N  Y N 343 
TRP CE2  C  Y N 344 
TRP CE3  C  Y N 345 
TRP CZ2  C  Y N 346 
TRP CZ3  C  Y N 347 
TRP CH2  C  Y N 348 
TRP OXT  O  N N 349 
TRP H    H  N N 350 
TRP H2   H  N N 351 
TRP HA   H  N N 352 
TRP HB2  H  N N 353 
TRP HB3  H  N N 354 
TRP HD1  H  N N 355 
TRP HE1  H  N N 356 
TRP HE3  H  N N 357 
TRP HZ2  H  N N 358 
TRP HZ3  H  N N 359 
TRP HH2  H  N N 360 
TRP HXT  H  N N 361 
TYR N    N  N N 362 
TYR CA   C  N S 363 
TYR C    C  N N 364 
TYR O    O  N N 365 
TYR CB   C  N N 366 
TYR CG   C  Y N 367 
TYR CD1  C  Y N 368 
TYR CD2  C  Y N 369 
TYR CE1  C  Y N 370 
TYR CE2  C  Y N 371 
TYR CZ   C  Y N 372 
TYR OH   O  N N 373 
TYR OXT  O  N N 374 
TYR H    H  N N 375 
TYR H2   H  N N 376 
TYR HA   H  N N 377 
TYR HB2  H  N N 378 
TYR HB3  H  N N 379 
TYR HD1  H  N N 380 
TYR HD2  H  N N 381 
TYR HE1  H  N N 382 
TYR HE2  H  N N 383 
TYR HH   H  N N 384 
TYR HXT  H  N N 385 
VAL N    N  N N 386 
VAL CA   C  N S 387 
VAL C    C  N N 388 
VAL O    O  N N 389 
VAL CB   C  N N 390 
VAL CG1  C  N N 391 
VAL CG2  C  N N 392 
VAL OXT  O  N N 393 
VAL H    H  N N 394 
VAL H2   H  N N 395 
VAL HA   H  N N 396 
VAL HB   H  N N 397 
VAL HG11 H  N N 398 
VAL HG12 H  N N 399 
VAL HG13 H  N N 400 
VAL HG21 H  N N 401 
VAL HG22 H  N N 402 
VAL HG23 H  N N 403 
VAL HXT  H  N N 404 
# 
loop_
_chem_comp_bond.comp_id 
_chem_comp_bond.atom_id_1 
_chem_comp_bond.atom_id_2 
_chem_comp_bond.value_order 
_chem_comp_bond.pdbx_aromatic_flag 
_chem_comp_bond.pdbx_stereo_config 
_chem_comp_bond.pdbx_ordinal 
ALA N   CA   sing N N 1   
ALA N   H    sing N N 2   
ALA N   H2   sing N N 3   
ALA CA  C    sing N N 4   
ALA CA  CB   sing N N 5   
ALA CA  HA   sing N N 6   
ALA C   O    doub N N 7   
ALA C   OXT  sing N N 8   
ALA CB  HB1  sing N N 9   
ALA CB  HB2  sing N N 10  
ALA CB  HB3  sing N N 11  
ALA OXT HXT  sing N N 12  
ARG N   CA   sing N N 13  
ARG N   H    sing N N 14  
ARG N   H2   sing N N 15  
ARG CA  C    sing N N 16  
ARG CA  CB   sing N N 17  
ARG CA  HA   sing N N 18  
ARG C   O    doub N N 19  
ARG C   OXT  sing N N 20  
ARG CB  CG   sing N N 21  
ARG CB  HB2  sing N N 22  
ARG CB  HB3  sing N N 23  
ARG CG  CD   sing N N 24  
ARG CG  HG2  sing N N 25  
ARG CG  HG3  sing N N 26  
ARG CD  NE   sing N N 27  
ARG CD  HD2  sing N N 28  
ARG CD  HD3  sing N N 29  
ARG NE  CZ   sing N N 30  
ARG NE  HE   sing N N 31  
ARG CZ  NH1  sing N N 32  
ARG CZ  NH2  doub N N 33  
ARG NH1 HH11 sing N N 34  
ARG NH1 HH12 sing N N 35  
ARG NH2 HH21 sing N N 36  
ARG NH2 HH22 sing N N 37  
ARG OXT HXT  sing N N 38  
ASN N   CA   sing N N 39  
ASN N   H    sing N N 40  
ASN N   H2   sing N N 41  
ASN CA  C    sing N N 42  
ASN CA  CB   sing N N 43  
ASN CA  HA   sing N N 44  
ASN C   O    doub N N 45  
ASN C   OXT  sing N N 46  
ASN CB  CG   sing N N 47  
ASN CB  HB2  sing N N 48  
ASN CB  HB3  sing N N 49  
ASN CG  OD1  doub N N 50  
ASN CG  ND2  sing N N 51  
ASN ND2 HD21 sing N N 52  
ASN ND2 HD22 sing N N 53  
ASN OXT HXT  sing N N 54  
ASP N   CA   sing N N 55  
ASP N   H    sing N N 56  
ASP N   H2   sing N N 57  
ASP CA  C    sing N N 58  
ASP CA  CB   sing N N 59  
ASP CA  HA   sing N N 60  
ASP C   O    doub N N 61  
ASP C   OXT  sing N N 62  
ASP CB  CG   sing N N 63  
ASP CB  HB2  sing N N 64  
ASP CB  HB3  sing N N 65  
ASP CG  OD1  doub N N 66  
ASP CG  OD2  sing N N 67  
ASP OD2 HD2  sing N N 68  
ASP OXT HXT  sing N N 69  
CYS N   CA   sing N N 70  
CYS N   H    sing N N 71  
CYS N   H2   sing N N 72  
CYS CA  C    sing N N 73  
CYS CA  CB   sing N N 74  
CYS CA  HA   sing N N 75  
CYS C   O    doub N N 76  
CYS C   OXT  sing N N 77  
CYS CB  SG   sing N N 78  
CYS CB  HB2  sing N N 79  
CYS CB  HB3  sing N N 80  
CYS SG  HG   sing N N 81  
CYS OXT HXT  sing N N 82  
GLN N   CA   sing N N 83  
GLN N   H    sing N N 84  
GLN N   H2   sing N N 85  
GLN CA  C    sing N N 86  
GLN CA  CB   sing N N 87  
GLN CA  HA   sing N N 88  
GLN C   O    doub N N 89  
GLN C   OXT  sing N N 90  
GLN CB  CG   sing N N 91  
GLN CB  HB2  sing N N 92  
GLN CB  HB3  sing N N 93  
GLN CG  CD   sing N N 94  
GLN CG  HG2  sing N N 95  
GLN CG  HG3  sing N N 96  
GLN CD  OE1  doub N N 97  
GLN CD  NE2  sing N N 98  
GLN NE2 HE21 sing N N 99  
GLN NE2 HE22 sing N N 100 
GLN OXT HXT  sing N N 101 
GLU N   CA   sing N N 102 
GLU N   H    sing N N 103 
GLU N   H2   sing N N 104 
GLU CA  C    sing N N 105 
GLU CA  CB   sing N N 106 
GLU CA  HA   sing N N 107 
GLU C   O    doub N N 108 
GLU C   OXT  sing N N 109 
GLU CB  CG   sing N N 110 
GLU CB  HB2  sing N N 111 
GLU CB  HB3  sing N N 112 
GLU CG  CD   sing N N 113 
GLU CG  HG2  sing N N 114 
GLU CG  HG3  sing N N 115 
GLU CD  OE1  doub N N 116 
GLU CD  OE2  sing N N 117 
GLU OE2 HE2  sing N N 118 
GLU OXT HXT  sing N N 119 
GLY N   CA   sing N N 120 
GLY N   H    sing N N 121 
GLY N   H2   sing N N 122 
GLY CA  C    sing N N 123 
GLY CA  HA2  sing N N 124 
GLY CA  HA3  sing N N 125 
GLY C   O    doub N N 126 
GLY C   OXT  sing N N 127 
GLY OXT HXT  sing N N 128 
GOL C1  O1   sing N N 129 
GOL C1  C2   sing N N 130 
GOL C1  H11  sing N N 131 
GOL C1  H12  sing N N 132 
GOL O1  HO1  sing N N 133 
GOL C2  O2   sing N N 134 
GOL C2  C3   sing N N 135 
GOL C2  H2   sing N N 136 
GOL O2  HO2  sing N N 137 
GOL C3  O3   sing N N 138 
GOL C3  H31  sing N N 139 
GOL C3  H32  sing N N 140 
GOL O3  HO3  sing N N 141 
HIS N   CA   sing N N 142 
HIS N   H    sing N N 143 
HIS N   H2   sing N N 144 
HIS CA  C    sing N N 145 
HIS CA  CB   sing N N 146 
HIS CA  HA   sing N N 147 
HIS C   O    doub N N 148 
HIS C   OXT  sing N N 149 
HIS CB  CG   sing N N 150 
HIS CB  HB2  sing N N 151 
HIS CB  HB3  sing N N 152 
HIS CG  ND1  sing Y N 153 
HIS CG  CD2  doub Y N 154 
HIS ND1 CE1  doub Y N 155 
HIS ND1 HD1  sing N N 156 
HIS CD2 NE2  sing Y N 157 
HIS CD2 HD2  sing N N 158 
HIS CE1 NE2  sing Y N 159 
HIS CE1 HE1  sing N N 160 
HIS NE2 HE2  sing N N 161 
HIS OXT HXT  sing N N 162 
HOH O   H1   sing N N 163 
HOH O   H2   sing N N 164 
ILE N   CA   sing N N 165 
ILE N   H    sing N N 166 
ILE N   H2   sing N N 167 
ILE CA  C    sing N N 168 
ILE CA  CB   sing N N 169 
ILE CA  HA   sing N N 170 
ILE C   O    doub N N 171 
ILE C   OXT  sing N N 172 
ILE CB  CG1  sing N N 173 
ILE CB  CG2  sing N N 174 
ILE CB  HB   sing N N 175 
ILE CG1 CD1  sing N N 176 
ILE CG1 HG12 sing N N 177 
ILE CG1 HG13 sing N N 178 
ILE CG2 HG21 sing N N 179 
ILE CG2 HG22 sing N N 180 
ILE CG2 HG23 sing N N 181 
ILE CD1 HD11 sing N N 182 
ILE CD1 HD12 sing N N 183 
ILE CD1 HD13 sing N N 184 
ILE OXT HXT  sing N N 185 
LEU N   CA   sing N N 186 
LEU N   H    sing N N 187 
LEU N   H2   sing N N 188 
LEU CA  C    sing N N 189 
LEU CA  CB   sing N N 190 
LEU CA  HA   sing N N 191 
LEU C   O    doub N N 192 
LEU C   OXT  sing N N 193 
LEU CB  CG   sing N N 194 
LEU CB  HB2  sing N N 195 
LEU CB  HB3  sing N N 196 
LEU CG  CD1  sing N N 197 
LEU CG  CD2  sing N N 198 
LEU CG  HG   sing N N 199 
LEU CD1 HD11 sing N N 200 
LEU CD1 HD12 sing N N 201 
LEU CD1 HD13 sing N N 202 
LEU CD2 HD21 sing N N 203 
LEU CD2 HD22 sing N N 204 
LEU CD2 HD23 sing N N 205 
LEU OXT HXT  sing N N 206 
LYS N   CA   sing N N 207 
LYS N   H    sing N N 208 
LYS N   H2   sing N N 209 
LYS CA  C    sing N N 210 
LYS CA  CB   sing N N 211 
LYS CA  HA   sing N N 212 
LYS C   O    doub N N 213 
LYS C   OXT  sing N N 214 
LYS CB  CG   sing N N 215 
LYS CB  HB2  sing N N 216 
LYS CB  HB3  sing N N 217 
LYS CG  CD   sing N N 218 
LYS CG  HG2  sing N N 219 
LYS CG  HG3  sing N N 220 
LYS CD  CE   sing N N 221 
LYS CD  HD2  sing N N 222 
LYS CD  HD3  sing N N 223 
LYS CE  NZ   sing N N 224 
LYS CE  HE2  sing N N 225 
LYS CE  HE3  sing N N 226 
LYS NZ  HZ1  sing N N 227 
LYS NZ  HZ2  sing N N 228 
LYS NZ  HZ3  sing N N 229 
LYS OXT HXT  sing N N 230 
MSE N   CA   sing N N 231 
MSE N   H    sing N N 232 
MSE N   H2   sing N N 233 
MSE CA  C    sing N N 234 
MSE CA  CB   sing N N 235 
MSE CA  HA   sing N N 236 
MSE C   O    doub N N 237 
MSE C   OXT  sing N N 238 
MSE OXT HXT  sing N N 239 
MSE CB  CG   sing N N 240 
MSE CB  HB2  sing N N 241 
MSE CB  HB3  sing N N 242 
MSE CG  SE   sing N N 243 
MSE CG  HG2  sing N N 244 
MSE CG  HG3  sing N N 245 
MSE SE  CE   sing N N 246 
MSE CE  HE1  sing N N 247 
MSE CE  HE2  sing N N 248 
MSE CE  HE3  sing N N 249 
PHE N   CA   sing N N 250 
PHE N   H    sing N N 251 
PHE N   H2   sing N N 252 
PHE CA  C    sing N N 253 
PHE CA  CB   sing N N 254 
PHE CA  HA   sing N N 255 
PHE C   O    doub N N 256 
PHE C   OXT  sing N N 257 
PHE CB  CG   sing N N 258 
PHE CB  HB2  sing N N 259 
PHE CB  HB3  sing N N 260 
PHE CG  CD1  doub Y N 261 
PHE CG  CD2  sing Y N 262 
PHE CD1 CE1  sing Y N 263 
PHE CD1 HD1  sing N N 264 
PHE CD2 CE2  doub Y N 265 
PHE CD2 HD2  sing N N 266 
PHE CE1 CZ   doub Y N 267 
PHE CE1 HE1  sing N N 268 
PHE CE2 CZ   sing Y N 269 
PHE CE2 HE2  sing N N 270 
PHE CZ  HZ   sing N N 271 
PHE OXT HXT  sing N N 272 
PRO N   CA   sing N N 273 
PRO N   CD   sing N N 274 
PRO N   H    sing N N 275 
PRO CA  C    sing N N 276 
PRO CA  CB   sing N N 277 
PRO CA  HA   sing N N 278 
PRO C   O    doub N N 279 
PRO C   OXT  sing N N 280 
PRO CB  CG   sing N N 281 
PRO CB  HB2  sing N N 282 
PRO CB  HB3  sing N N 283 
PRO CG  CD   sing N N 284 
PRO CG  HG2  sing N N 285 
PRO CG  HG3  sing N N 286 
PRO CD  HD2  sing N N 287 
PRO CD  HD3  sing N N 288 
PRO OXT HXT  sing N N 289 
SER N   CA   sing N N 290 
SER N   H    sing N N 291 
SER N   H2   sing N N 292 
SER CA  C    sing N N 293 
SER CA  CB   sing N N 294 
SER CA  HA   sing N N 295 
SER C   O    doub N N 296 
SER C   OXT  sing N N 297 
SER CB  OG   sing N N 298 
SER CB  HB2  sing N N 299 
SER CB  HB3  sing N N 300 
SER OG  HG   sing N N 301 
SER OXT HXT  sing N N 302 
THR N   CA   sing N N 303 
THR N   H    sing N N 304 
THR N   H2   sing N N 305 
THR CA  C    sing N N 306 
THR CA  CB   sing N N 307 
THR CA  HA   sing N N 308 
THR C   O    doub N N 309 
THR C   OXT  sing N N 310 
THR CB  OG1  sing N N 311 
THR CB  CG2  sing N N 312 
THR CB  HB   sing N N 313 
THR OG1 HG1  sing N N 314 
THR CG2 HG21 sing N N 315 
THR CG2 HG22 sing N N 316 
THR CG2 HG23 sing N N 317 
THR OXT HXT  sing N N 318 
TRP N   CA   sing N N 319 
TRP N   H    sing N N 320 
TRP N   H2   sing N N 321 
TRP CA  C    sing N N 322 
TRP CA  CB   sing N N 323 
TRP CA  HA   sing N N 324 
TRP C   O    doub N N 325 
TRP C   OXT  sing N N 326 
TRP CB  CG   sing N N 327 
TRP CB  HB2  sing N N 328 
TRP CB  HB3  sing N N 329 
TRP CG  CD1  doub Y N 330 
TRP CG  CD2  sing Y N 331 
TRP CD1 NE1  sing Y N 332 
TRP CD1 HD1  sing N N 333 
TRP CD2 CE2  doub Y N 334 
TRP CD2 CE3  sing Y N 335 
TRP NE1 CE2  sing Y N 336 
TRP NE1 HE1  sing N N 337 
TRP CE2 CZ2  sing Y N 338 
TRP CE3 CZ3  doub Y N 339 
TRP CE3 HE3  sing N N 340 
TRP CZ2 CH2  doub Y N 341 
TRP CZ2 HZ2  sing N N 342 
TRP CZ3 CH2  sing Y N 343 
TRP CZ3 HZ3  sing N N 344 
TRP CH2 HH2  sing N N 345 
TRP OXT HXT  sing N N 346 
TYR N   CA   sing N N 347 
TYR N   H    sing N N 348 
TYR N   H2   sing N N 349 
TYR CA  C    sing N N 350 
TYR CA  CB   sing N N 351 
TYR CA  HA   sing N N 352 
TYR C   O    doub N N 353 
TYR C   OXT  sing N N 354 
TYR CB  CG   sing N N 355 
TYR CB  HB2  sing N N 356 
TYR CB  HB3  sing N N 357 
TYR CG  CD1  doub Y N 358 
TYR CG  CD2  sing Y N 359 
TYR CD1 CE1  sing Y N 360 
TYR CD1 HD1  sing N N 361 
TYR CD2 CE2  doub Y N 362 
TYR CD2 HD2  sing N N 363 
TYR CE1 CZ   doub Y N 364 
TYR CE1 HE1  sing N N 365 
TYR CE2 CZ   sing Y N 366 
TYR CE2 HE2  sing N N 367 
TYR CZ  OH   sing N N 368 
TYR OH  HH   sing N N 369 
TYR OXT HXT  sing N N 370 
VAL N   CA   sing N N 371 
VAL N   H    sing N N 372 
VAL N   H2   sing N N 373 
VAL CA  C    sing N N 374 
VAL CA  CB   sing N N 375 
VAL CA  HA   sing N N 376 
VAL C   O    doub N N 377 
VAL C   OXT  sing N N 378 
VAL CB  CG1  sing N N 379 
VAL CB  CG2  sing N N 380 
VAL CB  HB   sing N N 381 
VAL CG1 HG11 sing N N 382 
VAL CG1 HG12 sing N N 383 
VAL CG1 HG13 sing N N 384 
VAL CG2 HG21 sing N N 385 
VAL CG2 HG22 sing N N 386 
VAL CG2 HG23 sing N N 387 
VAL OXT HXT  sing N N 388 
# 
_atom_sites.entry_id                    2V7S 
_atom_sites.fract_transf_matrix[1][1]   0.00776413 
_atom_sites.fract_transf_matrix[1][2]   -0.00492222 
_atom_sites.fract_transf_matrix[1][3]   -0.00294946 
_atom_sites.fract_transf_matrix[2][1]   -0.00207407 
_atom_sites.fract_transf_matrix[2][2]   0.00775266 
_atom_sites.fract_transf_matrix[2][3]   -0.01839782 
_atom_sites.fract_transf_matrix[3][1]   0.01703157 
_atom_sites.fract_transf_matrix[3][2]   0.01620494 
_atom_sites.fract_transf_matrix[3][3]   0.00490856 
_atom_sites.fract_transf_vector[1]      -0.218624 
_atom_sites.fract_transf_vector[2]      -0.779217 
_atom_sites.fract_transf_vector[3]      -0.303997 
# 
loop_
_atom_type.symbol 
C  
N  
O  
S  
SE 
# 
loop_
_atom_site.group_PDB 
_atom_site.id 
_atom_site.type_symbol 
_atom_site.label_atom_id 
_atom_site.label_alt_id 
_atom_site.label_comp_id 
_atom_site.label_asym_id 
_atom_site.label_entity_id 
_atom_site.label_seq_id 
_atom_site.pdbx_PDB_ins_code 
_atom_site.Cartn_x 
_atom_site.Cartn_y 
_atom_site.Cartn_z 
_atom_site.occupancy 
_atom_site.B_iso_or_equiv 
_atom_site.pdbx_formal_charge 
_atom_site.auth_seq_id 
_atom_site.auth_comp_id 
_atom_site.auth_asym_id 
_atom_site.auth_atom_id 
_atom_site.pdbx_PDB_model_num 
ATOM   1    N  N   . PRO A 1 35  ? 35.048  -14.783 -9.262  1.00 15.22 ? 39   PRO A N   1 
ATOM   2    C  CA  . PRO A 1 35  ? 34.542  -13.596 -8.566  1.00 13.70 ? 39   PRO A CA  1 
ATOM   3    C  C   . PRO A 1 35  ? 35.551  -13.040 -7.536  1.00 13.82 ? 39   PRO A C   1 
ATOM   4    O  O   . PRO A 1 35  ? 36.269  -13.810 -6.892  1.00 13.31 ? 39   PRO A O   1 
ATOM   5    C  CB  . PRO A 1 35  ? 33.259  -14.111 -7.891  1.00 15.03 ? 39   PRO A CB  1 
ATOM   6    C  CG  . PRO A 1 35  ? 33.498  -15.621 -7.698  1.00 15.21 ? 39   PRO A CG  1 
ATOM   7    C  CD  . PRO A 1 35  ? 34.588  -16.052 -8.661  1.00 15.28 ? 39   PRO A CD  1 
ATOM   8    N  N   . ASP A 1 36  ? 35.632  -11.717 -7.373  1.00 13.28 ? 40   ASP A N   1 
ATOM   9    C  CA  . ASP A 1 36  ? 36.509  -11.198 -6.328  1.00 12.22 ? 40   ASP A CA  1 
ATOM   10   C  C   . ASP A 1 36  ? 35.761  -11.237 -5.007  1.00 10.98 ? 40   ASP A C   1 
ATOM   11   O  O   . ASP A 1 36  ? 34.598  -11.628 -4.977  1.00 10.34 ? 40   ASP A O   1 
ATOM   12   C  CB  . ASP A 1 36  ? 37.173  -9.844  -6.682  1.00 12.95 ? 40   ASP A CB  1 
ATOM   13   C  CG  . ASP A 1 36  ? 36.199  -8.655  -6.708  1.00 12.16 ? 40   ASP A CG  1 
ATOM   14   O  OD1 . ASP A 1 36  ? 35.200  -8.605  -5.983  1.00 11.13 ? 40   ASP A OD1 1 
ATOM   15   O  OD2 . ASP A 1 36  ? 36.502  -7.702  -7.449  1.00 17.90 ? 40   ASP A OD2 1 
ATOM   16   N  N   . THR A 1 37  ? 36.417  -10.889 -3.908  1.00 10.47 ? 41   THR A N   1 
ATOM   17   C  CA  . THR A 1 37  ? 35.701  -10.846 -2.597  1.00 10.56 ? 41   THR A CA  1 
ATOM   18   C  C   . THR A 1 37  ? 34.442  -10.004 -2.547  1.00 10.46 ? 41   THR A C   1 
ATOM   19   O  O   . THR A 1 37  ? 33.443  -10.394 -1.902  1.00 11.41 ? 41   THR A O   1 
ATOM   20   C  CB  . THR A 1 37  ? 36.677  -10.529 -1.425  1.00 9.56  ? 41   THR A CB  1 
ATOM   21   O  OG1 . THR A 1 37  ? 37.573  -11.623 -1.301  1.00 10.40 ? 41   THR A OG1 1 
ATOM   22   C  CG2 . THR A 1 37  ? 35.935  -10.383 -0.116  1.00 11.60 ? 41   THR A CG2 1 
ATOM   23   N  N   . SER A 1 38  ? 34.427  -8.842  -3.197  1.00 10.52 ? 42   SER A N   1 
ATOM   24   C  CA  . SER A 1 38  ? 33.204  -8.042  -3.115  1.00 11.17 ? 42   SER A CA  1 
ATOM   25   C  C   . SER A 1 38  ? 32.021  -8.756  -3.770  1.00 12.58 ? 42   SER A C   1 
ATOM   26   O  O   . SER A 1 38  ? 30.911  -8.677  -3.266  1.00 11.40 ? 42   SER A O   1 
ATOM   27   C  CB  . SER A 1 38  ? 33.358  -6.620  -3.668  1.00 11.13 ? 42   SER A CB  1 
ATOM   28   O  OG  . SER A 1 38  ? 33.866  -6.623  -4.990  1.00 12.46 ? 42   SER A OG  1 
ATOM   29   N  N   . ARG A 1 39  ? 32.277  -9.459  -4.870  1.00 13.86 ? 43   ARG A N   1 
ATOM   30   C  CA  . ARG A 1 39  ? 31.228  -10.219 -5.584  1.00 15.62 ? 43   ARG A CA  1 
ATOM   31   C  C   . ARG A 1 39  ? 30.751  -11.424 -4.756  1.00 15.31 ? 43   ARG A C   1 
ATOM   32   O  O   . ARG A 1 39  ? 29.560  -11.638 -4.597  1.00 17.21 ? 43   ARG A O   1 
ATOM   33   C  CB  . ARG A 1 39  ? 31.752  -10.691 -6.962  1.00 14.40 ? 43   ARG A CB  1 
ATOM   34   C  CG  . ARG A 1 39  ? 30.626  -11.258 -7.878  1.00 17.43 ? 43   ARG A CG  1 
ATOM   35   C  CD  . ARG A 1 39  ? 31.172  -11.605 -9.284  1.00 18.49 ? 43   ARG A CD  1 
ATOM   36   N  NE  . ARG A 1 39  ? 30.079  -11.631 -10.266 1.00 25.14 ? 43   ARG A NE  1 
ATOM   37   N  N   . ARG A 1 40  ? 31.687  -12.201 -4.237  1.00 16.02 ? 44   ARG A N   1 
ATOM   38   C  CA  . ARG A 1 40  ? 31.373  -13.320 -3.345  1.00 17.42 ? 44   ARG A CA  1 
ATOM   39   C  C   . ARG A 1 40  ? 30.510  -12.884 -2.159  1.00 18.10 ? 44   ARG A C   1 
ATOM   40   O  O   . ARG A 1 40  ? 29.429  -13.438 -1.927  1.00 19.16 ? 44   ARG A O   1 
ATOM   41   C  CB  . ARG A 1 40  ? 32.671  -13.984 -2.869  1.00 17.37 ? 44   ARG A CB  1 
ATOM   42   C  CG  . ARG A 1 40  ? 33.335  -14.792 -3.976  1.00 18.75 ? 44   ARG A CG  1 
ATOM   43   C  CD  . ARG A 1 40  ? 34.776  -14.430 -4.117  1.00 25.47 ? 44   ARG A CD  1 
ATOM   44   N  NE  . ARG A 1 40  ? 35.631  -15.200 -3.238  1.00 26.82 ? 44   ARG A NE  1 
ATOM   45   C  CZ  . ARG A 1 40  ? 36.946  -15.029 -3.142  1.00 28.52 ? 44   ARG A CZ  1 
ATOM   46   N  NH1 . ARG A 1 40  ? 37.572  -14.104 -3.873  1.00 26.58 ? 44   ARG A NH1 1 
ATOM   47   N  NH2 . ARG A 1 40  ? 37.638  -15.804 -2.318  1.00 28.85 ? 44   ARG A NH2 1 
ATOM   48   N  N   . LEU A 1 41  ? 30.949  -11.869 -1.425  1.00 18.44 ? 45   LEU A N   1 
ATOM   49   C  CA  . LEU A 1 41  ? 30.126  -11.351 -0.310  1.00 19.37 ? 45   LEU A CA  1 
ATOM   50   C  C   . LEU A 1 41  ? 28.756  -10.796 -0.691  1.00 20.47 ? 45   LEU A C   1 
ATOM   51   O  O   . LEU A 1 41  ? 27.773  -11.035 0.036   1.00 20.60 ? 45   LEU A O   1 
ATOM   52   C  CB  . LEU A 1 41  ? 30.884  -10.330 0.534   1.00 18.91 ? 45   LEU A CB  1 
ATOM   53   C  CG  . LEU A 1 41  ? 32.217  -10.823 1.084   1.00 20.19 ? 45   LEU A CG  1 
ATOM   54   C  CD1 . LEU A 1 41  ? 33.014  -9.662  1.669   1.00 18.83 ? 45   LEU A CD1 1 
ATOM   55   C  CD2 . LEU A 1 41  ? 32.089  -12.000 2.088   1.00 22.97 ? 45   LEU A CD2 1 
ATOM   56   N  N   . THR A 1 42  ? 28.670  -10.036 -1.789  1.00 20.75 ? 46   THR A N   1 
ATOM   57   C  CA  . THR A 1 42  ? 27.375  -9.507  -2.241  1.00 21.54 ? 46   THR A CA  1 
ATOM   58   C  C   . THR A 1 42  ? 26.390  -10.662 -2.524  1.00 21.66 ? 46   THR A C   1 
ATOM   59   O  O   . THR A 1 42  ? 25.201  -10.546 -2.236  1.00 22.05 ? 46   THR A O   1 
ATOM   60   C  CB  . THR A 1 42  ? 27.505  -8.611  -3.505  1.00 21.56 ? 46   THR A CB  1 
ATOM   61   O  OG1 . THR A 1 42  ? 28.152  -9.358  -4.529  1.00 25.24 ? 46   THR A OG1 1 
ATOM   62   C  CG2 . THR A 1 42  ? 28.356  -7.368  -3.236  1.00 19.94 ? 46   THR A CG2 1 
ATOM   63   N  N   . GLY A 1 43  ? 26.901  -11.761 -3.085  1.00 22.33 ? 47   GLY A N   1 
ATOM   64   C  CA  . GLY A 1 43  ? 26.127  -13.004 -3.278  1.00 23.02 ? 47   GLY A CA  1 
ATOM   65   C  C   . GLY A 1 43  ? 25.622  -13.576 -1.961  1.00 23.24 ? 47   GLY A C   1 
ATOM   66   O  O   . GLY A 1 43  ? 24.472  -14.004 -1.862  1.00 23.40 ? 47   GLY A O   1 
ATOM   67   N  N   . GLU A 1 44  ? 26.471  -13.575 -0.937  1.00 22.56 ? 48   GLU A N   1 
ATOM   68   C  CA  . GLU A 1 44  ? 26.063  -14.018 0.390   1.00 22.31 ? 48   GLU A CA  1 
ATOM   69   C  C   . GLU A 1 44  ? 24.992  -13.099 0.938   1.00 22.18 ? 48   GLU A C   1 
ATOM   70   O  O   . GLU A 1 44  ? 24.048  -13.543 1.578   1.00 21.51 ? 48   GLU A O   1 
ATOM   71   C  CB  . GLU A 1 44  ? 27.259  -14.048 1.352   1.00 22.77 ? 48   GLU A CB  1 
ATOM   72   C  CG  . GLU A 1 44  ? 28.327  -14.996 0.938   1.00 23.55 ? 48   GLU A CG  1 
ATOM   73   C  CD  . GLU A 1 44  ? 27.813  -16.414 0.796   1.00 27.23 ? 48   GLU A CD  1 
ATOM   74   O  OE1 . GLU A 1 44  ? 27.192  -16.937 1.753   1.00 28.60 ? 48   GLU A OE1 1 
ATOM   75   O  OE2 . GLU A 1 44  ? 28.017  -16.996 -0.282  1.00 29.99 ? 48   GLU A OE2 1 
ATOM   76   N  N   . GLN A 1 45  ? 25.136  -11.808 0.650   1.00 21.69 ? 49   GLN A N   1 
ATOM   77   C  CA  . GLN A 1 45  ? 24.235  -10.810 1.181   1.00 20.65 ? 49   GLN A CA  1 
ATOM   78   C  C   . GLN A 1 45  ? 22.834  -10.833 0.563   1.00 20.79 ? 49   GLN A C   1 
ATOM   79   O  O   . GLN A 1 45  ? 21.919  -10.343 1.190   1.00 20.65 ? 49   GLN A O   1 
ATOM   80   C  CB  . GLN A 1 45  ? 24.841  -9.420  1.016   1.00 20.92 ? 49   GLN A CB  1 
ATOM   81   C  CG  . GLN A 1 45  ? 26.097  -9.159  1.852   1.00 22.18 ? 49   GLN A CG  1 
ATOM   82   C  CD  . GLN A 1 45  ? 26.346  -7.683  1.928   1.00 23.87 ? 49   GLN A CD  1 
ATOM   83   O  OE1 . GLN A 1 45  ? 26.248  -6.989  0.910   1.00 24.78 ? 49   GLN A OE1 1 
ATOM   84   N  NE2 . GLN A 1 45  ? 26.601  -7.170  3.136   1.00 22.73 ? 49   GLN A NE2 1 
ATOM   85   N  N   . LYS A 1 46  ? 22.698  -11.329 -0.671  1.00 20.94 ? 50   LYS A N   1 
ATOM   86   C  CA  . LYS A 1 46  ? 21.382  -11.529 -1.302  1.00 23.19 ? 50   LYS A CA  1 
ATOM   87   C  C   . LYS A 1 46  ? 20.581  -12.498 -0.451  1.00 21.78 ? 50   LYS A C   1 
ATOM   88   O  O   . LYS A 1 46  ? 19.381  -12.301 -0.207  1.00 21.59 ? 50   LYS A O   1 
ATOM   89   C  CB  . LYS A 1 46  ? 21.506  -12.164 -2.703  1.00 22.99 ? 50   LYS A CB  1 
ATOM   90   C  CG  . LYS A 1 46  ? 22.375  -11.427 -3.700  1.00 26.23 ? 50   LYS A CG  1 
ATOM   91   C  CD  . LYS A 1 46  ? 22.626  -12.281 -4.970  1.00 26.67 ? 50   LYS A CD  1 
ATOM   92   C  CE  . LYS A 1 46  ? 23.069  -11.376 -6.125  1.00 28.86 ? 50   LYS A CE  1 
ATOM   93   N  NZ  . LYS A 1 46  ? 23.577  -12.141 -7.298  1.00 34.50 ? 50   LYS A NZ  1 
ATOM   94   N  N   . ILE A 1 47  ? 21.256  -13.555 -0.004  1.00 20.60 ? 51   ILE A N   1 
ATOM   95   C  CA  . ILE A 1 47  ? 20.610  -14.559 0.804   1.00 21.39 ? 51   ILE A CA  1 
ATOM   96   C  C   . ILE A 1 47  ? 20.248  -13.951 2.161   1.00 20.84 ? 51   ILE A C   1 
ATOM   97   O  O   . ILE A 1 47  ? 19.125  -14.075 2.615   1.00 20.51 ? 51   ILE A O   1 
ATOM   98   C  CB  . ILE A 1 47  ? 21.477  -15.818 0.980   1.00 20.81 ? 51   ILE A CB  1 
ATOM   99   C  CG1 . ILE A 1 47  ? 21.708  -16.531 -0.357  1.00 21.94 ? 51   ILE A CG1 1 
ATOM   100  C  CG2 . ILE A 1 47  ? 20.819  -16.766 1.991   1.00 22.04 ? 51   ILE A CG2 1 
ATOM   101  C  CD1 . ILE A 1 47  ? 23.048  -17.338 -0.425  1.00 22.87 ? 51   ILE A CD1 1 
ATOM   102  N  N   . GLN A 1 48  ? 21.203  -13.272 2.788   1.00 21.21 ? 52   GLN A N   1 
ATOM   103  C  CA  . GLN A 1 48  ? 20.961  -12.602 4.069   1.00 21.36 ? 52   GLN A CA  1 
ATOM   104  C  C   . GLN A 1 48  ? 19.806  -11.586 4.031   1.00 20.69 ? 52   GLN A C   1 
ATOM   105  O  O   . GLN A 1 48  ? 19.042  -11.468 5.000   1.00 19.91 ? 52   GLN A O   1 
ATOM   106  C  CB  . GLN A 1 48  ? 22.255  -11.933 4.562   1.00 21.19 ? 52   GLN A CB  1 
ATOM   107  C  CG  . GLN A 1 48  ? 23.333  -12.951 4.945   1.00 22.83 ? 52   GLN A CG  1 
ATOM   108  C  CD  . GLN A 1 48  ? 24.701  -12.341 5.240   1.00 23.59 ? 52   GLN A CD  1 
ATOM   109  O  OE1 . GLN A 1 48  ? 24.901  -11.130 5.151   1.00 28.47 ? 52   GLN A OE1 1 
ATOM   110  N  NE2 . GLN A 1 48  ? 25.649  -13.194 5.595   1.00 26.21 ? 52   GLN A NE2 1 
ATOM   111  N  N   . LEU A 1 49  ? 19.701  -10.851 2.934   1.00 20.65 ? 53   LEU A N   1 
ATOM   112  C  CA  . LEU A 1 49  ? 18.640  -9.855  2.759   1.00 22.64 ? 53   LEU A CA  1 
ATOM   113  C  C   . LEU A 1 49  ? 17.280  -10.540 2.839   1.00 21.58 ? 53   LEU A C   1 
ATOM   114  O  O   . LEU A 1 49  ? 16.398  -10.150 3.619   1.00 21.97 ? 53   LEU A O   1 
ATOM   115  C  CB  . LEU A 1 49  ? 18.767  -9.132  1.406   1.00 22.76 ? 53   LEU A CB  1 
ATOM   116  C  CG  . LEU A 1 49  ? 17.707  -8.048  1.112   1.00 24.67 ? 53   LEU A CG  1 
ATOM   117  C  CD1 . LEU A 1 49  ? 17.901  -6.905  2.045   1.00 26.29 ? 53   LEU A CD1 1 
ATOM   118  C  CD2 . LEU A 1 49  ? 17.886  -7.527  -0.299  1.00 25.81 ? 53   LEU A CD2 1 
ATOM   119  N  N   . ILE A 1 50  ? 17.113  -11.569 2.024   1.00 21.33 ? 54   ILE A N   1 
ATOM   120  C  CA  . ILE A 1 50  ? 15.887  -12.362 2.054   1.00 22.06 ? 54   ILE A CA  1 
ATOM   121  C  C   . ILE A 1 50  ? 15.606  -12.903 3.457   1.00 21.72 ? 54   ILE A C   1 
ATOM   122  O  O   . ILE A 1 50  ? 14.505  -12.708 3.993   1.00 22.03 ? 54   ILE A O   1 
ATOM   123  C  CB  . ILE A 1 50  ? 15.974  -13.473 0.996   1.00 22.38 ? 54   ILE A CB  1 
ATOM   124  C  CG1 . ILE A 1 50  ? 15.906  -12.799 -0.396  1.00 23.28 ? 54   ILE A CG1 1 
ATOM   125  C  CG2 . ILE A 1 50  ? 14.867  -14.533 1.204   1.00 22.13 ? 54   ILE A CG2 1 
ATOM   126  C  CD1 . ILE A 1 50  ? 16.244  -13.701 -1.565  1.00 24.27 ? 54   ILE A CD1 1 
ATOM   127  N  N   . ASP A 1 51  ? 16.605  -13.540 4.067   1.00 22.59 ? 55   ASP A N   1 
ATOM   128  C  CA  . ASP A 1 51  ? 16.433  -14.172 5.380   1.00 22.11 ? 55   ASP A CA  1 
ATOM   129  C  C   . ASP A 1 51  ? 16.021  -13.150 6.437   1.00 22.09 ? 55   ASP A C   1 
ATOM   130  O  O   . ASP A 1 51  ? 15.154  -13.417 7.289   1.00 19.90 ? 55   ASP A O   1 
ATOM   131  C  CB  . ASP A 1 51  ? 17.676  -14.899 5.828   1.00 23.33 ? 55   ASP A CB  1 
ATOM   132  C  CG  . ASP A 1 51  ? 17.844  -16.265 5.159   1.00 25.07 ? 55   ASP A CG  1 
ATOM   133  O  OD1 . ASP A 1 51  ? 16.961  -16.731 4.388   1.00 26.34 ? 55   ASP A OD1 1 
ATOM   134  O  OD2 . ASP A 1 51  ? 18.898  -16.860 5.412   1.00 27.66 ? 55   ASP A OD2 1 
ATOM   135  N  N   . SER A 1 52  ? 16.595  -11.953 6.359   1.00 21.77 ? 56   SER A N   1 
ATOM   136  C  CA  . SER A 1 52  ? 16.233  -10.903 7.321   1.00 22.84 ? 56   SER A CA  1 
ATOM   137  C  C   . SER A 1 52  ? 14.789  -10.389 7.179   1.00 21.90 ? 56   SER A C   1 
ATOM   138  O  O   . SER A 1 52  ? 14.292  -9.682  8.060   1.00 22.22 ? 56   SER A O   1 
ATOM   139  C  CB  . SER A 1 52  ? 17.226  -9.738  7.241   1.00 23.44 ? 56   SER A CB  1 
ATOM   140  O  OG  . SER A 1 52  ? 16.960  -8.979  6.097   1.00 28.71 ? 56   SER A OG  1 
HETATM 141  N  N   . MSE A 1 53  ? 14.137  -10.718 6.066   1.00 20.49 ? 57   MSE A N   1 
HETATM 142  C  CA  . MSE A 1 53  ? 12.744  -10.261 5.788   1.00 22.86 ? 57   MSE A CA  1 
HETATM 143  C  C   . MSE A 1 53  ? 11.685  -11.335 6.095   1.00 20.99 ? 57   MSE A C   1 
HETATM 144  O  O   . MSE A 1 53  ? 10.462  -11.059 6.067   1.00 21.85 ? 57   MSE A O   1 
HETATM 145  C  CB  . MSE A 1 53  ? 12.609  -9.808  4.337   1.00 19.53 ? 57   MSE A CB  1 
HETATM 146  C  CG  . MSE A 1 53  ? 13.218  -8.438  4.084   1.00 23.25 ? 57   MSE A CG  1 
HETATM 147  SE SE  . MSE A 1 53  ? 13.265  -8.026  2.179   1.00 33.04 ? 57   MSE A SE  1 
HETATM 148  C  CE  . MSE A 1 53  ? 11.384  -7.881  1.919   1.00 26.78 ? 57   MSE A CE  1 
ATOM   149  N  N   . ARG A 1 54  ? 12.152  -12.551 6.380   1.00 20.66 ? 58   ARG A N   1 
ATOM   150  C  CA  . ARG A 1 54  ? 11.263  -13.659 6.751   1.00 20.91 ? 58   ARG A CA  1 
ATOM   151  C  C   . ARG A 1 54  ? 10.292  -13.319 7.897   1.00 22.46 ? 58   ARG A C   1 
ATOM   152  O  O   . ARG A 1 54  ? 9.052   -13.504 7.792   1.00 22.01 ? 58   ARG A O   1 
ATOM   153  C  CB  . ARG A 1 54  ? 12.068  -14.953 6.982   1.00 20.12 ? 58   ARG A CB  1 
ATOM   154  C  CG  . ARG A 1 54  ? 12.597  -15.552 5.670   1.00 18.43 ? 58   ARG A CG  1 
ATOM   155  C  CD  . ARG A 1 54  ? 13.488  -16.789 5.905   1.00 21.72 ? 58   ARG A CD  1 
ATOM   156  N  NE  . ARG A 1 54  ? 14.056  -17.224 4.629   1.00 24.63 ? 58   ARG A NE  1 
ATOM   157  C  CZ  . ARG A 1 54  ? 13.455  -18.079 3.809   1.00 24.72 ? 58   ARG A CZ  1 
ATOM   158  N  NH1 . ARG A 1 54  ? 14.014  -18.412 2.647   1.00 26.59 ? 58   ARG A NH1 1 
ATOM   159  N  NH2 . ARG A 1 54  ? 12.306  -18.606 4.161   1.00 22.10 ? 58   ARG A NH2 1 
ATOM   160  N  N   . ASN A 1 55  ? 10.832  -12.753 8.965   1.00 22.48 ? 59   ASN A N   1 
ATOM   161  C  CA  . ASN A 1 55  ? 10.005  -12.287 10.088  1.00 24.27 ? 59   ASN A CA  1 
ATOM   162  C  C   . ASN A 1 55  ? 8.801   -11.370 9.755   1.00 23.96 ? 59   ASN A C   1 
ATOM   163  O  O   . ASN A 1 55  ? 7.917   -11.179 10.594  1.00 23.12 ? 59   ASN A O   1 
ATOM   164  C  CB  . ASN A 1 55  ? 10.888  -11.570 11.101  1.00 25.66 ? 59   ASN A CB  1 
ATOM   165  C  CG  . ASN A 1 55  ? 11.159  -10.141 10.686  1.00 28.15 ? 59   ASN A CG  1 
ATOM   166  O  OD1 . ASN A 1 55  ? 10.617  -9.206  11.270  1.00 34.30 ? 59   ASN A OD1 1 
ATOM   167  N  ND2 . ASN A 1 55  ? 11.942  -9.969  9.634   1.00 32.63 ? 59   ASN A ND2 1 
ATOM   168  N  N   . LYS A 1 56  ? 8.770   -10.781 8.558   1.00 23.92 ? 60   LYS A N   1 
ATOM   169  C  CA  . LYS A 1 56  ? 7.708   -9.844  8.225   1.00 24.15 ? 60   LYS A CA  1 
ATOM   170  C  C   . LYS A 1 56  ? 6.439   -10.535 7.768   1.00 23.39 ? 60   LYS A C   1 
ATOM   171  O  O   . LYS A 1 56  ? 5.395   -9.886  7.655   1.00 22.27 ? 60   LYS A O   1 
ATOM   172  C  CB  . LYS A 1 56  ? 8.118   -8.841  7.125   1.00 24.26 ? 60   LYS A CB  1 
ATOM   173  C  CG  . LYS A 1 56  ? 9.337   -7.957  7.439   1.00 25.51 ? 60   LYS A CG  1 
ATOM   174  C  CD  . LYS A 1 56  ? 9.805   -7.179  6.180   1.00 26.28 ? 60   LYS A CD  1 
ATOM   175  C  CE  . LYS A 1 56  ? 8.712   -6.323  5.509   1.00 28.03 ? 60   LYS A CE  1 
ATOM   176  N  NZ  . LYS A 1 56  ? 8.141   -5.226  6.351   1.00 27.80 ? 60   LYS A NZ  1 
ATOM   177  N  N   . GLY A 1 57  ? 6.510   -11.828 7.457   1.00 21.88 ? 61   GLY A N   1 
ATOM   178  C  CA  . GLY A 1 57  ? 5.321   -12.462 6.894   1.00 21.14 ? 61   GLY A CA  1 
ATOM   179  C  C   . GLY A 1 57  ? 5.202   -12.238 5.401   1.00 20.61 ? 61   GLY A C   1 
ATOM   180  O  O   . GLY A 1 57  ? 6.039   -11.560 4.817   1.00 19.89 ? 61   GLY A O   1 
ATOM   181  N  N   . SER A 1 58  ? 4.147   -12.800 4.792   1.00 20.11 ? 62   SER A N   1 
ATOM   182  C  CA  . SER A 1 58  ? 3.998   -12.854 3.326   1.00 18.65 ? 62   SER A CA  1 
ATOM   183  C  C   . SER A 1 58  ? 3.353   -11.610 2.749   1.00 18.80 ? 62   SER A C   1 
ATOM   184  O  O   . SER A 1 58  ? 2.617   -10.900 3.420   1.00 18.31 ? 62   SER A O   1 
ATOM   185  C  CB  . SER A 1 58  ? 3.163   -14.074 2.899   1.00 18.33 ? 62   SER A CB  1 
ATOM   186  O  OG  . SER A 1 58  ? 1.840   -13.935 3.418   1.00 18.79 ? 62   SER A OG  1 
ATOM   187  N  N   . TYR A 1 59  ? 3.662   -11.375 1.489   1.00 18.82 ? 63   TYR A N   1 
ATOM   188  C  CA  . TYR A 1 59  ? 3.000   -10.392 0.672   1.00 18.87 ? 63   TYR A CA  1 
ATOM   189  C  C   . TYR A 1 59  ? 1.503   -10.671 0.616   1.00 19.33 ? 63   TYR A C   1 
ATOM   190  O  O   . TYR A 1 59  ? 0.719   -9.764  0.678   1.00 19.58 ? 63   TYR A O   1 
ATOM   191  C  CB  . TYR A 1 59  ? 3.591   -10.502 -0.720  1.00 19.63 ? 63   TYR A CB  1 
ATOM   192  C  CG  . TYR A 1 59  ? 2.727   -9.947  -1.806  1.00 19.48 ? 63   TYR A CG  1 
ATOM   193  C  CD1 . TYR A 1 59  ? 1.943   -10.785 -2.604  1.00 20.47 ? 63   TYR A CD1 1 
ATOM   194  C  CD2 . TYR A 1 59  ? 2.746   -8.598  -2.069  1.00 20.22 ? 63   TYR A CD2 1 
ATOM   195  C  CE1 . TYR A 1 59  ? 1.160   -10.268 -3.650  1.00 23.00 ? 63   TYR A CE1 1 
ATOM   196  C  CE2 . TYR A 1 59  ? 1.982   -8.067  -3.083  1.00 21.52 ? 63   TYR A CE2 1 
ATOM   197  C  CZ  . TYR A 1 59  ? 1.190   -8.890  -3.861  1.00 22.36 ? 63   TYR A CZ  1 
ATOM   198  O  OH  . TYR A 1 59  ? 0.464   -8.304  -4.870  1.00 25.91 ? 63   TYR A OH  1 
ATOM   199  N  N   . GLU A 1 60  ? 1.123   -11.944 0.493   1.00 19.23 ? 64   GLU A N   1 
ATOM   200  C  CA  . GLU A 1 60  ? -0.290  -12.332 0.400   1.00 20.36 ? 64   GLU A CA  1 
ATOM   201  C  C   . GLU A 1 60  ? -1.039  -11.957 1.667   1.00 19.08 ? 64   GLU A C   1 
ATOM   202  O  O   . GLU A 1 60  ? -2.143  -11.458 1.587   1.00 18.56 ? 64   GLU A O   1 
ATOM   203  C  CB  . GLU A 1 60  ? -0.426  -13.850 0.162   1.00 20.79 ? 64   GLU A CB  1 
ATOM   204  C  CG  . GLU A 1 60  ? 0.040   -14.317 -1.250  1.00 22.49 ? 64   GLU A CG  1 
ATOM   205  C  CD  . GLU A 1 60  ? 1.577   -14.550 -1.377  1.00 25.32 ? 64   GLU A CD  1 
ATOM   206  O  OE1 . GLU A 1 60  ? 2.346   -14.203 -0.453  1.00 21.77 ? 64   GLU A OE1 1 
ATOM   207  O  OE2 . GLU A 1 60  ? 2.024   -15.090 -2.420  1.00 23.30 ? 64   GLU A OE2 1 
ATOM   208  N  N   . ALA A 1 61  ? -0.435  -12.181 2.834   1.00 17.28 ? 65   ALA A N   1 
ATOM   209  C  CA  . ALA A 1 61  ? -1.094  -11.785 4.091   1.00 17.23 ? 65   ALA A CA  1 
ATOM   210  C  C   . ALA A 1 61  ? -1.174  -10.266 4.186   1.00 17.66 ? 65   ALA A C   1 
ATOM   211  O  O   . ALA A 1 61  ? -2.183  -9.706  4.604   1.00 18.25 ? 65   ALA A O   1 
ATOM   212  C  CB  . ALA A 1 61  ? -0.353  -12.354 5.335   1.00 16.72 ? 65   ALA A CB  1 
ATOM   213  N  N   . ALA A 1 62  ? -0.092  -9.598  3.839   1.00 16.61 ? 66   ALA A N   1 
ATOM   214  C  CA  . ALA A 1 62  ? -0.053  -8.134  3.915   1.00 18.42 ? 66   ALA A CA  1 
ATOM   215  C  C   . ALA A 1 62  ? -1.101  -7.466  3.038   1.00 18.38 ? 66   ALA A C   1 
ATOM   216  O  O   . ALA A 1 62  ? -1.607  -6.421  3.405   1.00 19.39 ? 66   ALA A O   1 
ATOM   217  C  CB  . ALA A 1 62  ? 1.311   -7.644  3.494   1.00 18.39 ? 66   ALA A CB  1 
ATOM   218  N  N   . ARG A 1 63  ? -1.346  -8.029  1.860   1.00 19.28 ? 67   ARG A N   1 
ATOM   219  C  CA  . ARG A 1 63  ? -2.282  -7.461  0.890   1.00 22.26 ? 67   ARG A CA  1 
ATOM   220  C  C   . ARG A 1 63  ? -3.693  -7.588  1.441   1.00 22.00 ? 67   ARG A C   1 
ATOM   221  O  O   . ARG A 1 63  ? -4.492  -6.656  1.332   1.00 22.45 ? 67   ARG A O   1 
ATOM   222  C  CB  . ARG A 1 63  ? -2.179  -8.177  -0.490  1.00 21.95 ? 67   ARG A CB  1 
ATOM   223  C  CG  . ARG A 1 63  ? -3.241  -7.636  -1.497  1.00 27.10 ? 67   ARG A CG  1 
ATOM   224  C  CD  . ARG A 1 63  ? -3.264  -8.407  -2.816  1.00 27.06 ? 67   ARG A CD  1 
ATOM   225  N  NE  . ARG A 1 63  ? -4.635  -8.667  -3.258  1.00 36.87 ? 67   ARG A NE  1 
ATOM   226  C  CZ  . ARG A 1 63  ? -5.531  -7.763  -3.665  1.00 40.27 ? 67   ARG A CZ  1 
ATOM   227  N  NH1 . ARG A 1 63  ? -5.261  -6.433  -3.725  1.00 37.22 ? 67   ARG A NH1 1 
ATOM   228  N  NH2 . ARG A 1 63  ? -6.738  -8.217  -4.012  1.00 39.48 ? 67   ARG A NH2 1 
ATOM   229  N  N   . GLU A 1 64  ? -3.992  -8.750  2.022   1.00 20.89 ? 68   GLU A N   1 
ATOM   230  C  CA  . GLU A 1 64  ? -5.262  -8.988  2.708   1.00 23.09 ? 68   GLU A CA  1 
ATOM   231  C  C   . GLU A 1 64  ? -5.535  -7.959  3.823   1.00 20.85 ? 68   GLU A C   1 
ATOM   232  O  O   . GLU A 1 64  ? -6.643  -7.373  3.914   1.00 21.40 ? 68   GLU A O   1 
ATOM   233  C  CB  . GLU A 1 64  ? -5.292  -10.441 3.257   1.00 22.28 ? 68   GLU A CB  1 
ATOM   234  C  CG  . GLU A 1 64  ? -6.555  -10.749 4.054   1.00 28.09 ? 68   GLU A CG  1 
ATOM   235  C  CD  . GLU A 1 64  ? -6.503  -12.117 4.736   1.00 28.78 ? 68   GLU A CD  1 
ATOM   236  O  OE1 . GLU A 1 64  ? -6.525  -13.120 4.013   1.00 36.99 ? 68   GLU A OE1 1 
ATOM   237  O  OE2 . GLU A 1 64  ? -6.472  -12.177 5.989   1.00 38.28 ? 68   GLU A OE2 1 
ATOM   238  N  N   . ARG A 1 65  ? -4.530  -7.740  4.650   1.00 18.80 ? 69   ARG A N   1 
ATOM   239  C  CA  . ARG A 1 65  ? -4.625  -6.846  5.794   1.00 19.54 ? 69   ARG A CA  1 
ATOM   240  C  C   . ARG A 1 65  ? -4.719  -5.384  5.371   1.00 18.50 ? 69   ARG A C   1 
ATOM   241  O  O   . ARG A 1 65  ? -5.409  -4.583  5.996   1.00 17.27 ? 69   ARG A O   1 
ATOM   242  C  CB  . ARG A 1 65  ? -3.422  -7.080  6.750   1.00 19.25 ? 69   ARG A CB  1 
ATOM   243  C  CG  . ARG A 1 65  ? -3.679  -8.349  7.661   1.00 21.43 ? 69   ARG A CG  1 
ATOM   244  C  CD  . ARG A 1 65  ? -2.537  -9.321  7.793   1.00 25.58 ? 69   ARG A CD  1 
ATOM   245  N  NE  . ARG A 1 65  ? -3.046  -10.549 8.424   1.00 25.66 ? 69   ARG A NE  1 
ATOM   246  C  CZ  . ARG A 1 65  ? -3.615  -11.571 7.796   1.00 29.30 ? 69   ARG A CZ  1 
ATOM   247  N  NH1 . ARG A 1 65  ? -3.687  -11.611 6.463   1.00 28.65 ? 69   ARG A NH1 1 
ATOM   248  N  NH2 . ARG A 1 65  ? -4.071  -12.589 8.506   1.00 28.90 ? 69   ARG A NH2 1 
ATOM   249  N  N   . LEU A 1 66  ? -4.016  -5.051  4.302   1.00 19.39 ? 70   LEU A N   1 
ATOM   250  C  CA  . LEU A 1 66  ? -4.079  -3.697  3.799   1.00 20.91 ? 70   LEU A CA  1 
ATOM   251  C  C   . LEU A 1 66  ? -5.418  -3.433  3.171   1.00 20.42 ? 70   LEU A C   1 
ATOM   252  O  O   . LEU A 1 66  ? -5.940  -2.335  3.308   1.00 20.45 ? 70   LEU A O   1 
ATOM   253  C  CB  . LEU A 1 66  ? -3.039  -3.480  2.731   1.00 22.10 ? 70   LEU A CB  1 
ATOM   254  C  CG  . LEU A 1 66  ? -2.349  -2.151  2.949   1.00 26.74 ? 70   LEU A CG  1 
ATOM   255  C  CD1 . LEU A 1 66  ? -1.629  -2.148  4.351   1.00 32.21 ? 70   LEU A CD1 1 
ATOM   256  C  CD2 . LEU A 1 66  ? -1.400  -1.929  1.742   1.00 32.20 ? 70   LEU A CD2 1 
ATOM   257  N  N   . THR A 1 67  ? -5.984  -4.428  2.490   1.00 20.28 ? 71   THR A N   1 
ATOM   258  C  CA  . THR A 1 67  ? -7.355  -4.256  1.940   1.00 21.58 ? 71   THR A CA  1 
ATOM   259  C  C   . THR A 1 67  ? -8.373  -4.076  3.068   1.00 20.98 ? 71   THR A C   1 
ATOM   260  O  O   . THR A 1 67  ? -9.284  -3.228  2.957   1.00 21.88 ? 71   THR A O   1 
ATOM   261  C  CB  . THR A 1 67  ? -7.737  -5.409  1.001   1.00 21.90 ? 71   THR A CB  1 
ATOM   262  O  OG1 . THR A 1 67  ? -6.829  -5.382  -0.098  1.00 22.54 ? 71   THR A OG1 1 
ATOM   263  C  CG2 . THR A 1 67  ? -9.187  -5.281  0.483   1.00 23.98 ? 71   THR A CG2 1 
ATOM   264  N  N   . ALA A 1 68  ? -8.215  -4.844  4.149   1.00 19.99 ? 72   ALA A N   1 
ATOM   265  C  CA  . ALA A 1 68  ? -9.058  -4.648  5.355   1.00 21.07 ? 72   ALA A CA  1 
ATOM   266  C  C   . ALA A 1 68  ? -8.912  -3.216  5.904   1.00 21.07 ? 72   ALA A C   1 
ATOM   267  O  O   . ALA A 1 68  ? -9.876  -2.631  6.365   1.00 21.02 ? 72   ALA A O   1 
ATOM   268  C  CB  . ALA A 1 68  ? -8.712  -5.665  6.469   1.00 21.57 ? 72   ALA A CB  1 
ATOM   269  N  N   . THR A 1 69  ? -7.707  -2.682  5.867   1.00 20.69 ? 73   THR A N   1 
ATOM   270  C  CA  . THR A 1 69  ? -7.469  -1.319  6.373   1.00 21.40 ? 73   THR A CA  1 
ATOM   271  C  C   . THR A 1 69  ? -8.144  -0.299  5.468   1.00 20.84 ? 73   THR A C   1 
ATOM   272  O  O   . THR A 1 69  ? -8.700  0.688   5.948   1.00 20.93 ? 73   THR A O   1 
ATOM   273  C  CB  . THR A 1 69  ? -5.960  -1.032  6.509   1.00 21.54 ? 73   THR A CB  1 
ATOM   274  O  OG1 . THR A 1 69  ? -5.492  -1.767  7.653   1.00 23.37 ? 73   THR A OG1 1 
ATOM   275  C  CG2 . THR A 1 69  ? -5.689  0.481   6.743   1.00 20.89 ? 73   THR A CG2 1 
ATOM   276  N  N   . ALA A 1 70  ? -8.092  -0.534  4.160   1.00 20.41 ? 74   ALA A N   1 
ATOM   277  C  CA  . ALA A 1 70  ? -8.787  0.362   3.227   1.00 21.21 ? 74   ALA A CA  1 
ATOM   278  C  C   . ALA A 1 70  ? -10.275 0.402   3.538   1.00 21.61 ? 74   ALA A C   1 
ATOM   279  O  O   . ALA A 1 70  ? -10.871 1.500   3.508   1.00 20.54 ? 74   ALA A O   1 
ATOM   280  C  CB  . ALA A 1 70  ? -8.569  -0.070  1.742   1.00 20.62 ? 74   ALA A CB  1 
ATOM   281  N  N   . ARG A 1 71  ? -10.872 -0.783  3.773   1.00 21.05 ? 75   ARG A N   1 
ATOM   282  C  CA  . ARG A 1 71  ? -12.291 -0.912  4.193   1.00 21.88 ? 75   ARG A CA  1 
ATOM   283  C  C   . ARG A 1 71  ? -12.529 -0.086  5.464   1.00 21.21 ? 75   ARG A C   1 
ATOM   284  O  O   . ARG A 1 71  ? -13.476 0.680   5.550   1.00 20.42 ? 75   ARG A O   1 
ATOM   285  C  CB  . ARG A 1 71  ? -12.672 -2.379  4.449   1.00 21.99 ? 75   ARG A CB  1 
ATOM   286  C  CG  . ARG A 1 71  ? -14.140 -2.611  4.991   1.00 22.62 ? 75   ARG A CG  1 
ATOM   287  C  CD  . ARG A 1 71  ? -14.491 -4.137  5.194   1.00 26.19 ? 75   ARG A CD  1 
ATOM   288  N  NE  . ARG A 1 71  ? -14.067 -4.948  4.033   1.00 34.90 ? 75   ARG A NE  1 
ATOM   289  C  CZ  . ARG A 1 71  ? -13.075 -5.854  4.045   1.00 40.27 ? 75   ARG A CZ  1 
ATOM   290  N  NH1 . ARG A 1 71  ? -12.424 -6.145  5.175   1.00 39.40 ? 75   ARG A NH1 1 
ATOM   291  N  NH2 . ARG A 1 71  ? -12.750 -6.504  2.928   1.00 41.91 ? 75   ARG A NH2 1 
ATOM   292  N  N   . ILE A 1 72  ? -11.662 -0.256  6.452   1.00 19.55 ? 76   ILE A N   1 
ATOM   293  C  CA  . ILE A 1 72  ? -11.815 0.477   7.707   1.00 19.94 ? 76   ILE A CA  1 
ATOM   294  C  C   . ILE A 1 72  ? -11.847 1.987   7.465   1.00 20.21 ? 76   ILE A C   1 
ATOM   295  O  O   . ILE A 1 72  ? -12.695 2.704   8.051   1.00 20.65 ? 76   ILE A O   1 
ATOM   296  C  CB  . ILE A 1 72  ? -10.704 0.102   8.704   1.00 20.32 ? 76   ILE A CB  1 
ATOM   297  C  CG1 . ILE A 1 72  ? -10.985 -1.301  9.262   1.00 21.21 ? 76   ILE A CG1 1 
ATOM   298  C  CG2 . ILE A 1 72  ? -10.615 1.121   9.898   1.00 21.80 ? 76   ILE A CG2 1 
ATOM   299  C  CD1 . ILE A 1 72  ? -9.768  -1.923  9.948   1.00 24.35 ? 76   ILE A CD1 1 
ATOM   300  N  N   . ILE A 1 73  ? -10.899 2.471   6.668   1.00 19.01 ? 77   ILE A N   1 
ATOM   301  C  CA  . ILE A 1 73  ? -10.816 3.908   6.369   1.00 20.02 ? 77   ILE A CA  1 
ATOM   302  C  C   . ILE A 1 73  ? -12.096 4.363   5.639   1.00 20.15 ? 77   ILE A C   1 
ATOM   303  O  O   . ILE A 1 73  ? -12.692 5.387   5.991   1.00 19.58 ? 77   ILE A O   1 
ATOM   304  C  CB  . ILE A 1 73  ? -9.558  4.250   5.511   1.00 20.11 ? 77   ILE A CB  1 
ATOM   305  C  CG1 . ILE A 1 73  ? -8.269  4.114   6.356   1.00 21.21 ? 77   ILE A CG1 1 
ATOM   306  C  CG2 . ILE A 1 73  ? -9.658  5.716   4.923   1.00 21.57 ? 77   ILE A CG2 1 
ATOM   307  C  CD1 . ILE A 1 73  ? -6.988  3.981   5.519   1.00 20.39 ? 77   ILE A CD1 1 
ATOM   308  N  N   . ALA A 1 74  ? -12.459 3.625   4.592   1.00 19.57 ? 78   ALA A N   1 
ATOM   309  C  CA  . ALA A 1 74  ? -13.604 3.977   3.753   1.00 21.01 ? 78   ALA A CA  1 
ATOM   310  C  C   . ALA A 1 74  ? -14.883 4.006   4.600   1.00 20.65 ? 78   ALA A C   1 
ATOM   311  O  O   . ALA A 1 74  ? -15.703 4.908   4.438   1.00 22.36 ? 78   ALA A O   1 
ATOM   312  C  CB  . ALA A 1 74  ? -13.716 2.973   2.584   1.00 19.89 ? 78   ALA A CB  1 
ATOM   313  N  N   . ASP A 1 75  ? -15.053 3.024   5.485   1.00 19.28 ? 79   ASP A N   1 
ATOM   314  C  CA  . ASP A 1 75  ? -16.217 2.958   6.390   1.00 21.38 ? 79   ASP A CA  1 
ATOM   315  C  C   . ASP A 1 75  ? -16.284 4.139   7.348   1.00 20.87 ? 79   ASP A C   1 
ATOM   316  O  O   . ASP A 1 75  ? -17.329 4.743   7.487   1.00 22.64 ? 79   ASP A O   1 
ATOM   317  C  CB  . ASP A 1 75  ? -16.270 1.642   7.188   1.00 21.41 ? 79   ASP A CB  1 
ATOM   318  C  CG  . ASP A 1 75  ? -16.881 0.518   6.384   1.00 21.88 ? 79   ASP A CG  1 
ATOM   319  O  OD1 . ASP A 1 75  ? -17.646 0.811   5.456   1.00 25.80 ? 79   ASP A OD1 1 
ATOM   320  O  OD2 . ASP A 1 75  ? -16.625 -0.653  6.673   1.00 25.87 ? 79   ASP A OD2 1 
ATOM   321  N  N   . ARG A 1 76  ? -15.171 4.467   7.967   1.00 20.59 ? 80   ARG A N   1 
ATOM   322  C  CA  . ARG A 1 76  ? -15.052 5.589   8.894   1.00 21.94 ? 80   ARG A CA  1 
ATOM   323  C  C   . ARG A 1 76  ? -15.293 6.914   8.118   1.00 21.58 ? 80   ARG A C   1 
ATOM   324  O  O   . ARG A 1 76  ? -15.950 7.829   8.611   1.00 20.72 ? 80   ARG A O   1 
ATOM   325  C  CB  . ARG A 1 76  ? -13.636 5.580   9.510   1.00 21.54 ? 80   ARG A CB  1 
ATOM   326  C  CG  . ARG A 1 76  ? -13.369 4.486   10.622  1.00 22.91 ? 80   ARG A CG  1 
ATOM   327  C  CD  . ARG A 1 76  ? -12.052 4.797   11.327  1.00 23.68 ? 80   ARG A CD  1 
ATOM   328  N  NE  . ARG A 1 76  ? -12.252 6.056   12.047  1.00 25.70 ? 80   ARG A NE  1 
ATOM   329  C  CZ  . ARG A 1 76  ? -11.309 6.879   12.473  1.00 24.96 ? 80   ARG A CZ  1 
ATOM   330  N  NH1 . ARG A 1 76  ? -11.668 7.994   13.098  1.00 24.59 ? 80   ARG A NH1 1 
ATOM   331  N  NH2 . ARG A 1 76  ? -10.029 6.603   12.284  1.00 25.26 ? 80   ARG A NH2 1 
ATOM   332  N  N   . VAL A 1 77  ? -14.777 6.986   6.892   1.00 22.27 ? 81   VAL A N   1 
ATOM   333  C  CA  . VAL A 1 77  ? -14.979 8.190   6.068   1.00 24.14 ? 81   VAL A CA  1 
ATOM   334  C  C   . VAL A 1 77  ? -16.453 8.368   5.753   1.00 25.16 ? 81   VAL A C   1 
ATOM   335  O  O   . VAL A 1 77  ? -17.012 9.447   5.945   1.00 25.59 ? 81   VAL A O   1 
ATOM   336  C  CB  . VAL A 1 77  ? -14.111 8.206   4.776   1.00 23.66 ? 81   VAL A CB  1 
ATOM   337  C  CG1 . VAL A 1 77  ? -14.561 9.349   3.858   1.00 23.82 ? 81   VAL A CG1 1 
ATOM   338  C  CG2 . VAL A 1 77  ? -12.646 8.398   5.150   1.00 22.12 ? 81   VAL A CG2 1 
ATOM   339  N  N   . SER A 1 78  ? -17.081 7.303   5.282   1.00 26.87 ? 82   SER A N   1 
ATOM   340  C  CA  . SER A 1 78  ? -18.511 7.308   4.962   1.00 28.30 ? 82   SER A CA  1 
ATOM   341  C  C   . SER A 1 78  ? -19.378 7.592   6.189   1.00 28.92 ? 82   SER A C   1 
ATOM   342  O  O   . SER A 1 78  ? -20.428 8.239   6.073   1.00 30.58 ? 82   SER A O   1 
ATOM   343  C  CB  . SER A 1 78  ? -18.906 5.981   4.335   1.00 27.99 ? 82   SER A CB  1 
ATOM   344  O  OG  . SER A 1 78  ? -18.275 5.850   3.070   1.00 30.82 ? 82   SER A OG  1 
ATOM   345  N  N   . ALA A 1 79  ? -18.945 7.141   7.363   1.00 28.40 ? 83   ALA A N   1 
ATOM   346  C  CA  . ALA A 1 79  ? -19.712 7.396   8.582   1.00 28.99 ? 83   ALA A CA  1 
ATOM   347  C  C   . ALA A 1 79  ? -19.515 8.819   9.140   1.00 29.23 ? 83   ALA A C   1 
ATOM   348  O  O   . ALA A 1 79  ? -20.371 9.343   9.862   1.00 29.51 ? 83   ALA A O   1 
ATOM   349  C  CB  . ALA A 1 79  ? -19.430 6.346   9.625   1.00 29.56 ? 83   ALA A CB  1 
ATOM   350  N  N   . ALA A 1 80  ? -18.409 9.461   8.780   1.00 28.87 ? 84   ALA A N   1 
ATOM   351  C  CA  . ALA A 1 80  ? -18.126 10.817  9.241   1.00 28.46 ? 84   ALA A CA  1 
ATOM   352  C  C   . ALA A 1 80  ? -18.804 11.840  8.325   1.00 28.42 ? 84   ALA A C   1 
ATOM   353  O  O   . ALA A 1 80  ? -19.082 12.971  8.744   1.00 27.81 ? 84   ALA A O   1 
ATOM   354  C  CB  . ALA A 1 80  ? -16.599 11.053  9.311   1.00 28.99 ? 84   ALA A CB  1 
ATOM   355  N  N   . ILE A 1 81  ? -19.069 11.438  7.080   1.00 28.05 ? 85   ILE A N   1 
ATOM   356  C  CA  . ILE A 1 81  ? -19.533 12.367  6.030   1.00 29.42 ? 85   ILE A CA  1 
ATOM   357  C  C   . ILE A 1 81  ? -20.909 12.013  5.427   1.00 29.30 ? 85   ILE A C   1 
ATOM   358  O  O   . ILE A 1 81  ? -21.038 10.982  4.740   1.00 28.51 ? 85   ILE A O   1 
ATOM   359  C  CB  . ILE A 1 81  ? -18.459 12.580  4.906   1.00 29.01 ? 85   ILE A CB  1 
ATOM   360  C  CG1 . ILE A 1 81  ? -17.188 13.208  5.502   1.00 30.52 ? 85   ILE A CG1 1 
ATOM   361  C  CG2 . ILE A 1 81  ? -19.018 13.465  3.786   1.00 30.54 ? 85   ILE A CG2 1 
ATOM   362  C  CD1 . ILE A 1 81  ? -15.905 12.775  4.787   1.00 29.14 ? 85   ILE A CD1 1 
ATOM   363  N  N   . PRO A 1 82  ? -21.916 12.912  5.631   1.00 30.21 ? 86   PRO A N   1 
ATOM   364  C  CA  . PRO A 1 82  ? -23.339 12.712  5.294   1.00 30.22 ? 86   PRO A CA  1 
ATOM   365  C  C   . PRO A 1 82  ? -23.548 12.318  3.855   1.00 30.05 ? 86   PRO A C   1 
ATOM   366  O  O   . PRO A 1 82  ? -23.183 13.072  2.936   1.00 30.89 ? 86   PRO A O   1 
ATOM   367  C  CB  . PRO A 1 82  ? -23.964 14.098  5.519   1.00 30.90 ? 86   PRO A CB  1 
ATOM   368  C  CG  . PRO A 1 82  ? -23.069 14.804  6.408   1.00 30.42 ? 86   PRO A CG  1 
ATOM   369  C  CD  . PRO A 1 82  ? -21.691 14.259  6.210   1.00 30.33 ? 86   PRO A CD  1 
ATOM   370  N  N   . GLY A 1 83  ? -24.088 11.128  3.651   1.00 29.23 ? 87   GLY A N   1 
ATOM   371  C  CA  . GLY A 1 83  ? -24.407 10.673  2.306   1.00 28.42 ? 87   GLY A CA  1 
ATOM   372  C  C   . GLY A 1 83  ? -23.230 10.127  1.513   1.00 27.91 ? 87   GLY A C   1 
ATOM   373  O  O   . GLY A 1 83  ? -23.405 9.738   0.360   1.00 28.08 ? 87   GLY A O   1 
ATOM   374  N  N   . GLN A 1 84  ? -22.031 10.090  2.104   1.00 26.34 ? 88   GLN A N   1 
ATOM   375  C  CA  . GLN A 1 84  ? -20.902 9.477   1.392   1.00 25.64 ? 88   GLN A CA  1 
ATOM   376  C  C   . GLN A 1 84  ? -21.034 7.947   1.349   1.00 24.67 ? 88   GLN A C   1 
ATOM   377  O  O   . GLN A 1 84  ? -21.492 7.312   2.302   1.00 23.98 ? 88   GLN A O   1 
ATOM   378  C  CB  . GLN A 1 84  ? -19.531 9.943   1.912   1.00 25.30 ? 88   GLN A CB  1 
ATOM   379  C  CG  . GLN A 1 84  ? -18.283 9.467   1.078   1.00 25.61 ? 88   GLN A CG  1 
ATOM   380  C  CD  . GLN A 1 84  ? -18.224 10.014  -0.352  1.00 23.96 ? 88   GLN A CD  1 
ATOM   381  O  OE1 . GLN A 1 84  ? -17.545 10.998  -0.630  1.00 26.42 ? 88   GLN A OE1 1 
ATOM   382  N  NE2 . GLN A 1 84  ? -18.890 9.344   -1.265  1.00 24.23 ? 88   GLN A NE2 1 
ATOM   383  N  N   . THR A 1 85  ? -20.693 7.377   0.204   1.00 22.93 ? 89   THR A N   1 
ATOM   384  C  CA  . THR A 1 85  ? -20.710 5.934   0.009   1.00 22.07 ? 89   THR A CA  1 
ATOM   385  C  C   . THR A 1 85  ? -19.364 5.497   -0.633  1.00 21.34 ? 89   THR A C   1 
ATOM   386  O  O   . THR A 1 85  ? -18.579 6.332   -1.097  1.00 19.41 ? 89   THR A O   1 
ATOM   387  C  CB  . THR A 1 85  ? -21.865 5.522   -0.941  1.00 22.87 ? 89   THR A CB  1 
ATOM   388  O  OG1 . THR A 1 85  ? -21.705 6.169   -2.211  1.00 20.92 ? 89   THR A OG1 1 
ATOM   389  C  CG2 . THR A 1 85  ? -23.254 5.884   -0.351  1.00 21.25 ? 89   THR A CG2 1 
ATOM   390  N  N   . TRP A 1 86  ? -19.119 4.197   -0.666  1.00 20.58 ? 90   TRP A N   1 
ATOM   391  C  CA  . TRP A 1 86  ? -17.911 3.668   -1.288  1.00 21.36 ? 90   TRP A CA  1 
ATOM   392  C  C   . TRP A 1 86  ? -18.122 2.244   -1.759  1.00 21.16 ? 90   TRP A C   1 
ATOM   393  O  O   . TRP A 1 86  ? -19.063 1.567   -1.342  1.00 19.35 ? 90   TRP A O   1 
ATOM   394  C  CB  . TRP A 1 86  ? -16.712 3.726   -0.332  1.00 20.74 ? 90   TRP A CB  1 
ATOM   395  C  CG  . TRP A 1 86  ? -16.789 2.768   0.830   1.00 21.78 ? 90   TRP A CG  1 
ATOM   396  C  CD1 . TRP A 1 86  ? -17.441 2.960   2.021   1.00 22.15 ? 90   TRP A CD1 1 
ATOM   397  C  CD2 . TRP A 1 86  ? -16.208 1.465   0.895   1.00 18.94 ? 90   TRP A CD2 1 
ATOM   398  N  NE1 . TRP A 1 86  ? -17.280 1.851   2.831   1.00 23.93 ? 90   TRP A NE1 1 
ATOM   399  C  CE2 . TRP A 1 86  ? -16.543 0.914   2.157   1.00 22.58 ? 90   TRP A CE2 1 
ATOM   400  C  CE3 . TRP A 1 86  ? -15.435 0.710   0.011   1.00 20.80 ? 90   TRP A CE3 1 
ATOM   401  C  CZ2 . TRP A 1 86  ? -16.109 -0.365  2.573   1.00 22.02 ? 90   TRP A CZ2 1 
ATOM   402  C  CZ3 . TRP A 1 86  ? -15.006 -0.578  0.407   1.00 23.52 ? 90   TRP A CZ3 1 
ATOM   403  C  CH2 . TRP A 1 86  ? -15.338 -1.088  1.695   1.00 21.49 ? 90   TRP A CH2 1 
ATOM   404  N  N   . LYS A 1 87  ? -17.229 1.805   -2.641  1.00 19.85 ? 91   LYS A N   1 
ATOM   405  C  CA  . LYS A 1 87  ? -17.119 0.386   -3.005  1.00 21.13 ? 91   LYS A CA  1 
ATOM   406  C  C   . LYS A 1 87  ? -15.660 0.117   -3.380  1.00 20.89 ? 91   LYS A C   1 
ATOM   407  O  O   . LYS A 1 87  ? -14.920 1.050   -3.729  1.00 20.29 ? 91   LYS A O   1 
ATOM   408  C  CB  . LYS A 1 87  ? -18.029 0.063   -4.198  1.00 20.66 ? 91   LYS A CB  1 
ATOM   409  C  CG  . LYS A 1 87  ? -17.638 0.777   -5.500  1.00 24.09 ? 91   LYS A CG  1 
ATOM   410  C  CD  . LYS A 1 87  ? -18.631 0.478   -6.651  1.00 22.94 ? 91   LYS A CD  1 
ATOM   411  C  CE  . LYS A 1 87  ? -18.067 0.922   -7.993  1.00 27.34 ? 91   LYS A CE  1 
ATOM   412  N  NZ  . LYS A 1 87  ? -18.802 0.277   -9.193  1.00 27.91 ? 91   LYS A NZ  1 
ATOM   413  N  N   . PHE A 1 88  ? -15.256 -1.151  -3.308  1.00 20.05 ? 92   PHE A N   1 
ATOM   414  C  CA  . PHE A 1 88  ? -14.062 -1.572  -3.964  1.00 20.90 ? 92   PHE A CA  1 
ATOM   415  C  C   . PHE A 1 88  ? -14.304 -1.479  -5.448  1.00 19.76 ? 92   PHE A C   1 
ATOM   416  O  O   . PHE A 1 88  ? -15.344 -1.859  -5.939  1.00 20.45 ? 92   PHE A O   1 
ATOM   417  C  CB  . PHE A 1 88  ? -13.659 -2.982  -3.547  1.00 21.23 ? 92   PHE A CB  1 
ATOM   418  C  CG  . PHE A 1 88  ? -13.107 -3.032  -2.172  1.00 20.84 ? 92   PHE A CG  1 
ATOM   419  C  CD1 . PHE A 1 88  ? -13.749 -3.755  -1.176  1.00 21.78 ? 92   PHE A CD1 1 
ATOM   420  C  CD2 . PHE A 1 88  ? -11.947 -2.321  -1.866  1.00 19.00 ? 92   PHE A CD2 1 
ATOM   421  C  CE1 . PHE A 1 88  ? -13.214 -3.780  0.146   1.00 23.52 ? 92   PHE A CE1 1 
ATOM   422  C  CE2 . PHE A 1 88  ? -11.404 -2.337  -0.588  1.00 20.22 ? 92   PHE A CE2 1 
ATOM   423  C  CZ  . PHE A 1 88  ? -12.051 -3.065  0.426   1.00 23.79 ? 92   PHE A CZ  1 
ATOM   424  N  N   . ASP A 1 89  ? -13.343 -0.927  -6.164  1.00 20.91 ? 93   ASP A N   1 
ATOM   425  C  CA  . ASP A 1 89  ? -13.449 -0.786  -7.606  1.00 21.23 ? 93   ASP A CA  1 
ATOM   426  C  C   . ASP A 1 89  ? -13.665 -2.176  -8.192  1.00 22.20 ? 93   ASP A C   1 
ATOM   427  O  O   . ASP A 1 89  ? -12.911 -3.089  -7.918  1.00 23.52 ? 93   ASP A O   1 
ATOM   428  C  CB  . ASP A 1 89  ? -12.146 -0.182  -8.111  1.00 21.91 ? 93   ASP A CB  1 
ATOM   429  C  CG  . ASP A 1 89  ? -12.201 0.280   -9.557  1.00 23.84 ? 93   ASP A CG  1 
ATOM   430  O  OD1 . ASP A 1 89  ? -12.983 -0.241  -10.396 1.00 22.65 ? 93   ASP A OD1 1 
ATOM   431  O  OD2 . ASP A 1 89  ? -11.402 1.195   -9.847  1.00 26.40 ? 93   ASP A OD2 1 
ATOM   432  N  N   . ASP A 1 90  ? -14.685 -2.315  -9.020  1.00 21.73 ? 94   ASP A N   1 
ATOM   433  C  CA  . ASP A 1 90  ? -15.051 -3.608  -9.558  1.00 22.79 ? 94   ASP A CA  1 
ATOM   434  C  C   . ASP A 1 90  ? -14.463 -3.849  -10.960 1.00 21.33 ? 94   ASP A C   1 
ATOM   435  O  O   . ASP A 1 90  ? -14.698 -4.898  -11.556 1.00 20.92 ? 94   ASP A O   1 
ATOM   436  C  CB  . ASP A 1 90  ? -16.586 -3.734  -9.587  1.00 23.94 ? 94   ASP A CB  1 
ATOM   437  C  CG  . ASP A 1 90  ? -17.239 -2.586  -10.293 1.00 29.14 ? 94   ASP A CG  1 
ATOM   438  O  OD1 . ASP A 1 90  ? -18.041 -2.830  -11.229 1.00 36.67 ? 94   ASP A OD1 1 
ATOM   439  O  OD2 . ASP A 1 90  ? -16.933 -1.422  -9.933  1.00 40.14 ? 94   ASP A OD2 1 
ATOM   440  N  N   . ASP A 1 91  ? -13.690 -2.900  -11.480 1.00 19.50 ? 95   ASP A N   1 
ATOM   441  C  CA  . ASP A 1 91  ? -13.145 -3.100  -12.835 1.00 18.57 ? 95   ASP A CA  1 
ATOM   442  C  C   . ASP A 1 91  ? -12.181 -4.287  -12.816 1.00 17.98 ? 95   ASP A C   1 
ATOM   443  O  O   . ASP A 1 91  ? -11.297 -4.333  -11.958 1.00 17.26 ? 95   ASP A O   1 
ATOM   444  C  CB  . ASP A 1 91  ? -12.476 -1.855  -13.362 1.00 17.35 ? 95   ASP A CB  1 
ATOM   445  C  CG  . ASP A 1 91  ? -11.882 -2.068  -14.731 1.00 17.45 ? 95   ASP A CG  1 
ATOM   446  O  OD1 . ASP A 1 91  ? -10.743 -2.539  -14.825 1.00 18.34 ? 95   ASP A OD1 1 
ATOM   447  O  OD2 . ASP A 1 91  ? -12.558 -1.777  -15.723 1.00 12.59 ? 95   ASP A OD2 1 
ATOM   448  N  N   . PRO A 1 92  ? -12.360 -5.248  -13.745 1.00 17.10 ? 96   PRO A N   1 
ATOM   449  C  CA  . PRO A 1 92  ? -11.568 -6.490  -13.653 1.00 16.96 ? 96   PRO A CA  1 
ATOM   450  C  C   . PRO A 1 92  ? -10.067 -6.260  -13.855 1.00 16.96 ? 96   PRO A C   1 
ATOM   451  O  O   . PRO A 1 92  ? -9.246  -6.945  -13.230 1.00 17.20 ? 96   PRO A O   1 
ATOM   452  C  CB  . PRO A 1 92  ? -12.172 -7.380  -14.747 1.00 16.58 ? 96   PRO A CB  1 
ATOM   453  C  CG  . PRO A 1 92  ? -12.752 -6.397  -15.750 1.00 16.44 ? 96   PRO A CG  1 
ATOM   454  C  CD  . PRO A 1 92  ? -13.275 -5.264  -14.916 1.00 17.39 ? 96   PRO A CD  1 
ATOM   455  N  N   . ASN A 1 93  ? -9.694  -5.253  -14.647 1.00 15.81 ? 97   ASN A N   1 
ATOM   456  C  CA  . ASN A 1 93  ? -8.267  -4.964  -14.806 1.00 16.39 ? 97   ASN A CA  1 
ATOM   457  C  C   . ASN A 1 93  ? -7.659  -4.142  -13.703 1.00 17.04 ? 97   ASN A C   1 
ATOM   458  O  O   . ASN A 1 93  ? -6.487  -4.324  -13.375 1.00 18.02 ? 97   ASN A O   1 
ATOM   459  C  CB  . ASN A 1 93  ? -7.936  -4.414  -16.200 1.00 15.00 ? 97   ASN A CB  1 
ATOM   460  C  CG  . ASN A 1 93  ? -8.032  -5.481  -17.239 1.00 16.40 ? 97   ASN A CG  1 
ATOM   461  O  OD1 . ASN A 1 93  ? -7.584  -6.605  -17.011 1.00 16.82 ? 97   ASN A OD1 1 
ATOM   462  N  ND2 . ASN A 1 93  ? -8.635  -5.167  -18.372 1.00 13.51 ? 97   ASN A ND2 1 
ATOM   463  N  N   . ILE A 1 94  ? -8.443  -3.266  -13.085 1.00 16.85 ? 98   ILE A N   1 
ATOM   464  C  CA  . ILE A 1 94  ? -7.988  -2.680  -11.819 1.00 17.78 ? 98   ILE A CA  1 
ATOM   465  C  C   . ILE A 1 94  ? -7.752  -3.783  -10.761 1.00 18.67 ? 98   ILE A C   1 
ATOM   466  O  O   . ILE A 1 94  ? -6.751  -3.757  -10.017 1.00 17.69 ? 98   ILE A O   1 
ATOM   467  C  CB  . ILE A 1 94  ? -9.005  -1.677  -11.250 1.00 16.31 ? 98   ILE A CB  1 
ATOM   468  C  CG1 . ILE A 1 94  ? -9.167  -0.486  -12.179 1.00 18.87 ? 98   ILE A CG1 1 
ATOM   469  C  CG2 . ILE A 1 94  ? -8.565  -1.214  -9.855  1.00 18.08 ? 98   ILE A CG2 1 
ATOM   470  C  CD1 . ILE A 1 94  ? -8.110  0.619   -12.080 1.00 20.38 ? 98   ILE A CD1 1 
ATOM   471  N  N   . GLN A 1 95  ? -8.690  -4.735  -10.687 1.00 20.10 ? 99   GLN A N   1 
ATOM   472  C  CA  . GLN A 1 95  ? -8.600  -5.806  -9.684  1.00 21.76 ? 99   GLN A CA  1 
ATOM   473  C  C   . GLN A 1 95  ? -7.315  -6.596  -9.924  1.00 21.39 ? 99   GLN A C   1 
ATOM   474  O  O   . GLN A 1 95  ? -6.605  -6.873  -8.981  1.00 21.53 ? 99   GLN A O   1 
ATOM   475  C  CB  . GLN A 1 95  ? -9.824  -6.728  -9.692  1.00 21.28 ? 99   GLN A CB  1 
ATOM   476  C  CG  . GLN A 1 95  ? -11.059 -6.124  -9.017  1.00 23.10 ? 99   GLN A CG  1 
ATOM   477  C  CD  . GLN A 1 95  ? -12.323 -6.950  -9.224  1.00 26.01 ? 99   GLN A CD  1 
ATOM   478  O  OE1 . GLN A 1 95  ? -12.409 -7.822  -10.112 1.00 30.54 ? 99   GLN A OE1 1 
ATOM   479  N  NE2 . GLN A 1 95  ? -13.329 -6.663  -8.411  1.00 30.46 ? 99   GLN A NE2 1 
ATOM   480  N  N   . GLN A 1 96  ? -7.039  -6.953  -11.182 1.00 21.66 ? 100  GLN A N   1 
ATOM   481  C  CA  . GLN A 1 96  ? -5.843  -7.726  -11.491 1.00 22.46 ? 100  GLN A CA  1 
ATOM   482  C  C   . GLN A 1 96  ? -4.575  -6.935  -11.168 1.00 22.19 ? 100  GLN A C   1 
ATOM   483  O  O   . GLN A 1 96  ? -3.655  -7.467  -10.597 1.00 21.59 ? 100  GLN A O   1 
ATOM   484  C  CB  . GLN A 1 96  ? -5.826  -8.147  -12.960 1.00 22.85 ? 100  GLN A CB  1 
ATOM   485  C  CG  . GLN A 1 96  ? -4.646  -9.056  -13.296 1.00 28.37 ? 100  GLN A CG  1 
ATOM   486  C  CD  . GLN A 1 96  ? -4.707  -10.353 -12.513 1.00 34.37 ? 100  GLN A CD  1 
ATOM   487  O  OE1 . GLN A 1 96  ? -4.064  -10.499 -11.460 1.00 37.13 ? 100  GLN A OE1 1 
ATOM   488  N  NE2 . GLN A 1 96  ? -5.511  -11.296 -13.004 1.00 37.01 ? 100  GLN A NE2 1 
ATOM   489  N  N   . SER A 1 97  ? -4.546  -5.666  -11.560 1.00 22.09 ? 101  SER A N   1 
ATOM   490  C  CA  . SER A 1 97  ? -3.424  -4.790  -11.259 1.00 23.50 ? 101  SER A CA  1 
ATOM   491  C  C   . SER A 1 97  ? -3.152  -4.672  -9.758  1.00 23.18 ? 101  SER A C   1 
ATOM   492  O  O   . SER A 1 97  ? -2.002  -4.813  -9.313  1.00 24.16 ? 101  SER A O   1 
ATOM   493  C  CB  . SER A 1 97  ? -3.647  -3.410  -11.883 1.00 23.48 ? 101  SER A CB  1 
ATOM   494  O  OG  . SER A 1 97  ? -2.542  -2.586  -11.612 1.00 27.40 ? 101  SER A OG  1 
ATOM   495  N  N   . ASP A 1 98  ? -4.188  -4.431  -8.963  1.00 22.93 ? 102  ASP A N   1 
ATOM   496  C  CA  . ASP A 1 98  ? -3.997  -4.354  -7.518  1.00 23.88 ? 102  ASP A CA  1 
ATOM   497  C  C   . ASP A 1 98  ? -3.466  -5.680  -6.977  1.00 23.61 ? 102  ASP A C   1 
ATOM   498  O  O   . ASP A 1 98  ? -2.542  -5.688  -6.182  1.00 24.77 ? 102  ASP A O   1 
ATOM   499  C  CB  . ASP A 1 98  ? -5.288  -4.007  -6.793  1.00 23.30 ? 102  ASP A CB  1 
ATOM   500  C  CG  . ASP A 1 98  ? -5.799  -2.621  -7.146  1.00 25.22 ? 102  ASP A CG  1 
ATOM   501  O  OD1 . ASP A 1 98  ? -5.020  -1.816  -7.720  1.00 27.03 ? 102  ASP A OD1 1 
ATOM   502  O  OD2 . ASP A 1 98  ? -6.989  -2.365  -6.873  1.00 27.80 ? 102  ASP A OD2 1 
ATOM   503  N  N   . ARG A 1 99  ? -4.057  -6.770  -7.448  1.00 23.70 ? 103  ARG A N   1 
ATOM   504  C  CA  . ARG A 1 99  ? -3.674  -8.139  -7.054  1.00 26.53 ? 103  ARG A CA  1 
ATOM   505  C  C   . ARG A 1 99  ? -2.176  -8.413  -7.286  1.00 25.34 ? 103  ARG A C   1 
ATOM   506  O  O   . ARG A 1 99  ? -1.485  -8.962  -6.426  1.00 25.82 ? 103  ARG A O   1 
ATOM   507  C  CB  . ARG A 1 99  ? -4.544  -9.139  -7.832  1.00 25.88 ? 103  ARG A CB  1 
ATOM   508  C  CG  . ARG A 1 99  ? -4.344  -10.604 -7.493  1.00 30.85 ? 103  ARG A CG  1 
ATOM   509  C  CD  . ARG A 1 99  ? -5.224  -11.501 -8.399  1.00 30.72 ? 103  ARG A CD  1 
ATOM   510  N  NE  . ARG A 1 99  ? -6.627  -11.077 -8.375  1.00 38.74 ? 103  ARG A NE  1 
ATOM   511  C  CZ  . ARG A 1 99  ? -7.432  -11.041 -9.440  1.00 41.04 ? 103  ARG A CZ  1 
ATOM   512  N  NH1 . ARG A 1 99  ? -6.991  -11.405 -10.638 1.00 43.30 ? 103  ARG A NH1 1 
ATOM   513  N  NH2 . ARG A 1 99  ? -8.689  -10.633 -9.304  1.00 42.31 ? 103  ARG A NH2 1 
ATOM   514  N  N   . ASN A 1 100 ? -1.681  -7.994  -8.437  1.00 25.43 ? 104  ASN A N   1 
ATOM   515  C  CA  . ASN A 1 100 ? -0.264  -8.148  -8.809  1.00 25.62 ? 104  ASN A CA  1 
ATOM   516  C  C   . ASN A 1 100 ? 0.748   -7.344  -7.975  1.00 24.86 ? 104  ASN A C   1 
ATOM   517  O  O   . ASN A 1 100 ? 1.942   -7.662  -7.963  1.00 24.83 ? 104  ASN A O   1 
ATOM   518  C  CB  . ASN A 1 100 ? -0.103  -7.756  -10.274 1.00 25.87 ? 104  ASN A CB  1 
ATOM   519  C  CG  . ASN A 1 100 ? -0.761  -8.739  -11.224 1.00 29.44 ? 104  ASN A CG  1 
ATOM   520  O  OD1 . ASN A 1 100 ? -1.173  -9.844  -10.833 1.00 32.42 ? 104  ASN A OD1 1 
ATOM   521  N  ND2 . ASN A 1 100 ? -0.892  -8.327  -12.487 1.00 28.83 ? 104  ASN A ND2 1 
ATOM   522  N  N   . GLY A 1 101 ? 0.290   -6.269  -7.345  1.00 24.08 ? 105  GLY A N   1 
ATOM   523  C  CA  . GLY A 1 101 ? 1.136   -5.425  -6.502  1.00 22.75 ? 105  GLY A CA  1 
ATOM   524  C  C   . GLY A 1 101 ? 2.157   -4.548  -7.235  1.00 22.97 ? 105  GLY A C   1 
ATOM   525  O  O   . GLY A 1 101 ? 2.119   -4.424  -8.456  1.00 22.81 ? 105  GLY A O   1 
ATOM   526  N  N   . ALA A 1 102 ? 3.065   -3.930  -6.482  1.00 22.94 ? 106  ALA A N   1 
ATOM   527  C  CA  . ALA A 1 102 ? 4.063   -3.051  -7.055  1.00 23.95 ? 106  ALA A CA  1 
ATOM   528  C  C   . ALA A 1 102 ? 5.440   -3.661  -6.798  1.00 23.64 ? 106  ALA A C   1 
ATOM   529  O  O   . ALA A 1 102 ? 5.587   -4.544  -5.940  1.00 23.55 ? 106  ALA A O   1 
ATOM   530  C  CB  . ALA A 1 102 ? 3.946   -1.653  -6.440  1.00 24.56 ? 106  ALA A CB  1 
ATOM   531  N  N   . LEU A 1 103 ? 6.437   -3.200  -7.548  1.00 22.54 ? 107  LEU A N   1 
ATOM   532  C  CA  . LEU A 1 103 ? 7.802   -3.660  -7.370  1.00 22.89 ? 107  LEU A CA  1 
ATOM   533  C  C   . LEU A 1 103 ? 8.420   -3.182  -6.064  1.00 22.41 ? 107  LEU A C   1 
ATOM   534  O  O   . LEU A 1 103 ? 8.241   -2.028  -5.693  1.00 19.74 ? 107  LEU A O   1 
ATOM   535  C  CB  . LEU A 1 103 ? 8.688   -3.129  -8.505  1.00 23.18 ? 107  LEU A CB  1 
ATOM   536  C  CG  . LEU A 1 103 ? 8.271   -3.586  -9.905  1.00 24.18 ? 107  LEU A CG  1 
ATOM   537  C  CD1 . LEU A 1 103 ? 9.184   -2.963  -10.930 1.00 25.63 ? 107  LEU A CD1 1 
ATOM   538  C  CD2 . LEU A 1 103 ? 8.334   -5.106  -9.968  1.00 24.84 ? 107  LEU A CD2 1 
ATOM   539  N  N   . CYS A 1 104 ? 9.195   -4.052  -5.422  1.00 22.08 ? 108  CYS A N   1 
ATOM   540  C  CA  . CYS A 1 104 ? 10.146  -3.607  -4.386  1.00 24.58 ? 108  CYS A CA  1 
ATOM   541  C  C   . CYS A 1 104 ? 11.327  -2.866  -5.016  1.00 25.59 ? 108  CYS A C   1 
ATOM   542  O  O   . CYS A 1 104 ? 11.662  -3.079  -6.187  1.00 25.42 ? 108  CYS A O   1 
ATOM   543  C  CB  . CYS A 1 104 ? 10.701  -4.788  -3.587  1.00 24.92 ? 108  CYS A CB  1 
ATOM   544  S  SG  . CYS A 1 104 ? 9.390   -5.645  -2.799  1.00 29.85 ? 108  CYS A SG  1 
ATOM   545  N  N   . ASP A 1 105 ? 11.961  -2.021  -4.204  1.00 26.65 ? 109  ASP A N   1 
ATOM   546  C  CA  . ASP A 1 105 ? 13.116  -1.223  -4.605  1.00 28.70 ? 109  ASP A CA  1 
ATOM   547  C  C   . ASP A 1 105 ? 14.293  -2.104  -5.036  1.00 28.65 ? 109  ASP A C   1 
ATOM   548  O  O   . ASP A 1 105 ? 14.962  -1.815  -6.018  1.00 28.16 ? 109  ASP A O   1 
ATOM   549  C  CB  . ASP A 1 105 ? 13.528  -0.319  -3.427  1.00 29.31 ? 109  ASP A CB  1 
ATOM   550  C  CG  . ASP A 1 105 ? 12.512  0.834   -3.164  1.00 33.59 ? 109  ASP A CG  1 
ATOM   551  O  OD1 . ASP A 1 105 ? 11.614  1.052   -4.023  1.00 38.27 ? 109  ASP A OD1 1 
ATOM   552  O  OD2 . ASP A 1 105 ? 12.597  1.525   -2.093  1.00 34.91 ? 109  ASP A OD2 1 
ATOM   553  N  N   . LYS A 1 106 ? 14.512  -3.211  -4.319  1.00 28.17 ? 110  LYS A N   1 
ATOM   554  C  CA  . LYS A 1 106 ? 15.786  -3.929  -4.451  1.00 28.31 ? 110  LYS A CA  1 
ATOM   555  C  C   . LYS A 1 106 ? 15.669  -5.441  -4.624  1.00 27.59 ? 110  LYS A C   1 
ATOM   556  O  O   . LYS A 1 106 ? 16.674  -6.148  -4.657  1.00 28.53 ? 110  LYS A O   1 
ATOM   557  C  CB  . LYS A 1 106 ? 16.714  -3.580  -3.271  1.00 27.92 ? 110  LYS A CB  1 
ATOM   558  C  CG  . LYS A 1 106 ? 17.228  -2.133  -3.274  1.00 29.49 ? 110  LYS A CG  1 
ATOM   559  C  CD  . LYS A 1 106 ? 18.209  -1.907  -4.422  1.00 33.32 ? 110  LYS A CD  1 
ATOM   560  C  CE  . LYS A 1 106 ? 18.446  -0.423  -4.664  1.00 35.93 ? 110  LYS A CE  1 
ATOM   561  N  NZ  . LYS A 1 106 ? 19.068  -0.191  -6.012  1.00 38.63 ? 110  LYS A NZ  1 
ATOM   562  N  N   . LEU A 1 107 ? 14.447  -5.934  -4.754  1.00 26.54 ? 111  LEU A N   1 
ATOM   563  C  CA  . LEU A 1 107 ? 14.204  -7.348  -4.982  1.00 25.40 ? 111  LEU A CA  1 
ATOM   564  C  C   . LEU A 1 107 ? 13.298  -7.478  -6.179  1.00 24.66 ? 111  LEU A C   1 
ATOM   565  O  O   . LEU A 1 107 ? 12.405  -6.643  -6.361  1.00 23.96 ? 111  LEU A O   1 
ATOM   566  C  CB  . LEU A 1 107 ? 13.539  -7.973  -3.759  1.00 25.62 ? 111  LEU A CB  1 
ATOM   567  C  CG  . LEU A 1 107 ? 14.460  -8.224  -2.557  1.00 26.94 ? 111  LEU A CG  1 
ATOM   568  C  CD1 . LEU A 1 107 ? 13.682  -8.730  -1.352  1.00 27.41 ? 111  LEU A CD1 1 
ATOM   569  C  CD2 . LEU A 1 107 ? 15.585  -9.183  -2.906  1.00 27.99 ? 111  LEU A CD2 1 
ATOM   570  N  N   . THR A 1 108 ? 13.522  -8.510  -6.988  1.00 23.67 ? 112  THR A N   1 
ATOM   571  C  CA  . THR A 1 108 ? 12.647  -8.782  -8.117  1.00 24.27 ? 112  THR A CA  1 
ATOM   572  C  C   . THR A 1 108 ? 11.264  -9.345  -7.734  1.00 24.17 ? 112  THR A C   1 
ATOM   573  O  O   . THR A 1 108 ? 11.046  -9.876  -6.617  1.00 23.51 ? 112  THR A O   1 
ATOM   574  C  CB  . THR A 1 108 ? 13.325  -9.676  -9.175  1.00 24.53 ? 112  THR A CB  1 
ATOM   575  O  OG1 . THR A 1 108 ? 13.621  -10.967 -8.622  1.00 25.42 ? 112  THR A OG1 1 
ATOM   576  C  CG2 . THR A 1 108 ? 14.596  -9.019  -9.688  1.00 25.42 ? 112  THR A CG2 1 
ATOM   577  N  N   . ALA A 1 109 ? 10.334  -9.219  -8.675  1.00 23.83 ? 113  ALA A N   1 
ATOM   578  C  CA  . ALA A 1 109 ? 8.921   -9.523  -8.447  1.00 24.45 ? 113  ALA A CA  1 
ATOM   579  C  C   . ALA A 1 109 ? 8.635   -11.009 -8.235  1.00 24.39 ? 113  ALA A C   1 
ATOM   580  O  O   . ALA A 1 109 ? 7.540   -11.368 -7.825  1.00 24.94 ? 113  ALA A O   1 
ATOM   581  C  CB  . ALA A 1 109 ? 8.090   -9.009  -9.597  1.00 25.21 ? 113  ALA A CB  1 
ATOM   582  N  N   . ASP A 1 110 ? 9.601   -11.867 -8.524  1.00 24.04 ? 114  ASP A N   1 
ATOM   583  C  CA  . ASP A 1 110 ? 9.464   -13.306 -8.225  1.00 24.44 ? 114  ASP A CA  1 
ATOM   584  C  C   . ASP A 1 110 ? 9.871   -13.646 -6.779  1.00 23.28 ? 114  ASP A C   1 
ATOM   585  O  O   . ASP A 1 110 ? 9.740   -14.798 -6.313  1.00 23.47 ? 114  ASP A O   1 
ATOM   586  C  CB  . ASP A 1 110 ? 10.320  -14.118 -9.193  1.00 25.24 ? 114  ASP A CB  1 
ATOM   587  C  CG  . ASP A 1 110 ? 11.791  -13.796 -9.059  1.00 28.89 ? 114  ASP A CG  1 
ATOM   588  O  OD1 . ASP A 1 110 ? 12.149  -12.583 -9.106  1.00 30.08 ? 114  ASP A OD1 1 
ATOM   589  O  OD2 . ASP A 1 110 ? 12.600  -14.753 -8.899  1.00 34.37 ? 114  ASP A OD2 1 
ATOM   590  N  N   . ILE A 1 111 ? 10.396  -12.651 -6.093  1.00 21.40 ? 115  ILE A N   1 
ATOM   591  C  CA  . ILE A 1 111 ? 10.865  -12.817 -4.719  1.00 20.89 ? 115  ILE A CA  1 
ATOM   592  C  C   . ILE A 1 111 ? 10.016  -12.058 -3.701  1.00 19.81 ? 115  ILE A C   1 
ATOM   593  O  O   . ILE A 1 111 ? 9.646   -12.610 -2.677  1.00 19.09 ? 115  ILE A O   1 
ATOM   594  C  CB  . ILE A 1 111 ? 12.340  -12.355 -4.597  1.00 19.88 ? 115  ILE A CB  1 
ATOM   595  C  CG1 . ILE A 1 111 ? 13.228  -13.243 -5.479  1.00 22.69 ? 115  ILE A CG1 1 
ATOM   596  C  CG2 . ILE A 1 111 ? 12.812  -12.387 -3.137  1.00 20.88 ? 115  ILE A CG2 1 
ATOM   597  C  CD1 . ILE A 1 111 ? 14.550  -12.609 -5.873  1.00 24.11 ? 115  ILE A CD1 1 
ATOM   598  N  N   . ALA A 1 112 ? 9.802   -10.765 -3.952  1.00 18.13 ? 116  ALA A N   1 
ATOM   599  C  CA  . ALA A 1 112 ? 9.080   -9.911  -3.023  1.00 19.20 ? 116  ALA A CA  1 
ATOM   600  C  C   . ALA A 1 112 ? 8.306   -8.849  -3.819  1.00 18.91 ? 116  ALA A C   1 
ATOM   601  O  O   . ALA A 1 112 ? 8.705   -8.517  -4.927  1.00 19.15 ? 116  ALA A O   1 
ATOM   602  C  CB  . ALA A 1 112 ? 10.020  -9.235  -2.087  1.00 17.73 ? 116  ALA A CB  1 
ATOM   603  N  N   . ARG A 1 113 ? 7.184   -8.389  -3.272  1.00 20.12 ? 117  ARG A N   1 
ATOM   604  C  CA  . ARG A 1 113 ? 6.370   -7.316  -3.887  1.00 21.26 ? 117  ARG A CA  1 
ATOM   605  C  C   . ARG A 1 113 ? 5.822   -6.451  -2.778  1.00 20.92 ? 117  ARG A C   1 
ATOM   606  O  O   . ARG A 1 113 ? 5.763   -6.878  -1.614  1.00 20.12 ? 117  ARG A O   1 
ATOM   607  C  CB  . ARG A 1 113 ? 5.204   -7.891  -4.705  1.00 20.89 ? 117  ARG A CB  1 
ATOM   608  C  CG  . ARG A 1 113 ? 5.647   -8.643  -5.956  1.00 22.72 ? 117  ARG A CG  1 
ATOM   609  C  CD  . ARG A 1 113 ? 4.489   -9.371  -6.632  1.00 23.88 ? 117  ARG A CD  1 
ATOM   610  N  NE  . ARG A 1 113 ? 5.000   -10.364 -7.565  1.00 23.54 ? 117  ARG A NE  1 
ATOM   611  C  CZ  . ARG A 1 113 ? 4.329   -10.858 -8.603  1.00 27.08 ? 117  ARG A CZ  1 
ATOM   612  N  NH1 . ARG A 1 113 ? 3.089   -10.439 -8.868  1.00 29.59 ? 117  ARG A NH1 1 
ATOM   613  N  NH2 . ARG A 1 113 ? 4.912   -11.753 -9.399  1.00 27.24 ? 117  ARG A NH2 1 
ATOM   614  N  N   . ARG A 1 114 ? 5.396   -5.245  -3.159  1.00 20.97 ? 118  ARG A N   1 
ATOM   615  C  CA  . ARG A 1 114 ? 4.732   -4.329  -2.252  1.00 20.87 ? 118  ARG A CA  1 
ATOM   616  C  C   . ARG A 1 114 ? 3.226   -4.500  -2.510  1.00 20.90 ? 118  ARG A C   1 
ATOM   617  O  O   . ARG A 1 114 ? 2.773   -4.353  -3.678  1.00 18.73 ? 118  ARG A O   1 
ATOM   618  C  CB  . ARG A 1 114 ? 5.180   -2.886  -2.572  1.00 20.71 ? 118  ARG A CB  1 
ATOM   619  C  CG  . ARG A 1 114 ? 6.686   -2.609  -2.307  1.00 19.19 ? 118  ARG A CG  1 
ATOM   620  C  CD  . ARG A 1 114 ? 7.011   -1.135  -2.688  1.00 23.25 ? 118  ARG A CD  1 
ATOM   621  N  NE  . ARG A 1 114 ? 6.393   -0.151  -1.771  1.00 28.68 ? 118  ARG A NE  1 
ATOM   622  C  CZ  . ARG A 1 114 ? 6.051   1.105   -2.111  1.00 34.70 ? 118  ARG A CZ  1 
ATOM   623  N  NH1 . ARG A 1 114 ? 6.243   1.554   -3.352  1.00 33.58 ? 118  ARG A NH1 1 
ATOM   624  N  NH2 . ARG A 1 114 ? 5.488   1.925   -1.217  1.00 32.81 ? 118  ARG A NH2 1 
ATOM   625  N  N   . PRO A 1 115 ? 2.449   -4.863  -1.456  1.00 21.16 ? 119  PRO A N   1 
ATOM   626  C  CA  . PRO A 1 115 ? 1.009   -5.043  -1.682  1.00 21.46 ? 119  PRO A CA  1 
ATOM   627  C  C   . PRO A 1 115 ? 0.323   -3.728  -2.016  1.00 22.48 ? 119  PRO A C   1 
ATOM   628  O  O   . PRO A 1 115 ? 0.759   -2.678  -1.563  1.00 22.30 ? 119  PRO A O   1 
ATOM   629  C  CB  . PRO A 1 115 ? 0.493   -5.577  -0.355  1.00 21.88 ? 119  PRO A CB  1 
ATOM   630  C  CG  . PRO A 1 115 ? 1.553   -5.285  0.668   1.00 24.25 ? 119  PRO A CG  1 
ATOM   631  C  CD  . PRO A 1 115 ? 2.853   -5.152  -0.065  1.00 19.02 ? 119  PRO A CD  1 
ATOM   632  N  N   . ILE A 1 116 ? -0.728  -3.820  -2.833  1.00 22.26 ? 120  ILE A N   1 
ATOM   633  C  CA  . ILE A 1 116 ? -1.587  -2.693  -3.142  1.00 22.21 ? 120  ILE A CA  1 
ATOM   634  C  C   . ILE A 1 116 ? -2.972  -3.138  -2.684  1.00 21.75 ? 120  ILE A C   1 
ATOM   635  O  O   . ILE A 1 116 ? -3.504  -4.198  -3.098  1.00 20.41 ? 120  ILE A O   1 
ATOM   636  C  CB  . ILE A 1 116 ? -1.610  -2.406  -4.656  1.00 21.49 ? 120  ILE A CB  1 
ATOM   637  C  CG1 . ILE A 1 116 ? -0.213  -1.989  -5.179  1.00 20.29 ? 120  ILE A CG1 1 
ATOM   638  C  CG2 . ILE A 1 116 ? -2.728  -1.371  -4.996  1.00 21.85 ? 120  ILE A CG2 1 
ATOM   639  C  CD1 . ILE A 1 116 ? -0.147  -1.943  -6.713  1.00 23.03 ? 120  ILE A CD1 1 
ATOM   640  N  N   . ALA A 1 117 ? -3.544  -2.374  -1.779  1.00 22.18 ? 121  ALA A N   1 
ATOM   641  C  CA  . ALA A 1 117 ? -4.873  -2.711  -1.267  1.00 22.03 ? 121  ALA A CA  1 
ATOM   642  C  C   . ALA A 1 117 ? -5.917  -2.599  -2.427  1.00 22.70 ? 121  ALA A C   1 
ATOM   643  O  O   . ALA A 1 117 ? -5.754  -1.749  -3.347  1.00 22.48 ? 121  ALA A O   1 
ATOM   644  C  CB  . ALA A 1 117 ? -5.187  -1.783  -0.109  1.00 20.92 ? 121  ALA A CB  1 
ATOM   645  N  N   . ASN A 1 118 ? -6.966  -3.440  -2.439  1.00 22.11 ? 122  ASN A N   1 
ATOM   646  C  CA  . ASN A 1 118 ? -8.020  -3.250  -3.461  1.00 22.50 ? 122  ASN A CA  1 
ATOM   647  C  C   . ASN A 1 118 ? -8.395  -1.759  -3.462  1.00 22.09 ? 122  ASN A C   1 
ATOM   648  O  O   . ASN A 1 118 ? -8.657  -1.196  -2.392  1.00 21.33 ? 122  ASN A O   1 
ATOM   649  C  CB  . ASN A 1 118 ? -9.267  -4.086  -3.159  1.00 22.21 ? 122  ASN A CB  1 
ATOM   650  C  CG  . ASN A 1 118 ? -9.009  -5.588  -3.187  1.00 24.03 ? 122  ASN A CG  1 
ATOM   651  O  OD1 . ASN A 1 118 ? -7.916  -6.055  -3.476  1.00 29.76 ? 122  ASN A OD1 1 
ATOM   652  N  ND2 . ASN A 1 118 ? -10.029 -6.346  -2.863  1.00 31.01 ? 122  ASN A ND2 1 
ATOM   653  N  N   . SER A 1 119 ? -8.387  -1.141  -4.642  1.00 21.57 ? 123  SER A N   1 
ATOM   654  C  CA  . SER A 1 119 ? -8.766  0.264   -4.814  1.00 22.06 ? 123  SER A CA  1 
ATOM   655  C  C   . SER A 1 119 ? -10.206 0.549   -4.334  1.00 20.81 ? 123  SER A C   1 
ATOM   656  O  O   . SER A 1 119 ? -11.118 -0.225  -4.582  1.00 20.38 ? 123  SER A O   1 
ATOM   657  C  CB  . SER A 1 119 ? -8.664  0.692   -6.277  1.00 23.10 ? 123  SER A CB  1 
ATOM   658  O  OG  . SER A 1 119 ? -7.390  0.352   -6.824  1.00 28.99 ? 123  SER A OG  1 
ATOM   659  N  N   . VAL A 1 120 ? -10.368 1.676   -3.650  1.00 20.17 ? 124  VAL A N   1 
ATOM   660  C  CA  . VAL A 1 120 ? -11.633 2.108   -3.092  1.00 19.63 ? 124  VAL A CA  1 
ATOM   661  C  C   . VAL A 1 120 ? -12.101 3.282   -3.953  1.00 20.84 ? 124  VAL A C   1 
ATOM   662  O  O   . VAL A 1 120 ? -11.305 4.189   -4.220  1.00 18.65 ? 124  VAL A O   1 
ATOM   663  C  CB  . VAL A 1 120 ? -11.478 2.551   -1.630  1.00 20.28 ? 124  VAL A CB  1 
ATOM   664  C  CG1 . VAL A 1 120 ? -12.686 3.407   -1.200  1.00 18.55 ? 124  VAL A CG1 1 
ATOM   665  C  CG2 . VAL A 1 120 ? -11.341 1.314   -0.671  1.00 19.82 ? 124  VAL A CG2 1 
HETATM 666  N  N   . MSE A 1 121 ? -13.364 3.242   -4.408  1.00 18.94 ? 125  MSE A N   1 
HETATM 667  C  CA  . MSE A 1 121 ? -13.971 4.354   -5.151  1.00 21.17 ? 125  MSE A CA  1 
HETATM 668  C  C   . MSE A 1 121 ? -15.093 4.987   -4.318  1.00 20.92 ? 125  MSE A C   1 
HETATM 669  O  O   . MSE A 1 121 ? -16.024 4.273   -3.923  1.00 19.60 ? 125  MSE A O   1 
HETATM 670  C  CB  . MSE A 1 121 ? -14.625 3.796   -6.406  1.00 21.09 ? 125  MSE A CB  1 
HETATM 671  C  CG  . MSE A 1 121 ? -15.395 4.848   -7.195  1.00 30.22 ? 125  MSE A CG  1 
HETATM 672  SE SE  . MSE A 1 121 ? -14.126 5.920   -8.196  1.00 51.28 ? 125  MSE A SE  1 
HETATM 673  C  CE  . MSE A 1 121 ? -13.571 4.491   -9.477  1.00 41.31 ? 125  MSE A CE  1 
ATOM   674  N  N   . PHE A 1 122 ? -15.064 6.305   -4.093  1.00 20.08 ? 126  PHE A N   1 
ATOM   675  C  CA  . PHE A 1 122 ? -16.142 6.934   -3.298  1.00 18.89 ? 126  PHE A CA  1 
ATOM   676  C  C   . PHE A 1 122 ? -17.277 7.343   -4.251  1.00 18.55 ? 126  PHE A C   1 
ATOM   677  O  O   . PHE A 1 122 ? -17.039 7.553   -5.427  1.00 18.80 ? 126  PHE A O   1 
ATOM   678  C  CB  . PHE A 1 122 ? -15.642 8.129   -2.466  1.00 18.04 ? 126  PHE A CB  1 
ATOM   679  C  CG  . PHE A 1 122 ? -14.698 7.722   -1.343  1.00 19.76 ? 126  PHE A CG  1 
ATOM   680  C  CD1 . PHE A 1 122 ? -13.321 7.772   -1.535  1.00 19.65 ? 126  PHE A CD1 1 
ATOM   681  C  CD2 . PHE A 1 122 ? -15.201 7.291   -0.119  1.00 19.11 ? 126  PHE A CD2 1 
ATOM   682  C  CE1 . PHE A 1 122 ? -12.438 7.375   -0.504  1.00 19.10 ? 126  PHE A CE1 1 
ATOM   683  C  CE2 . PHE A 1 122 ? -14.322 6.861   0.929   1.00 19.90 ? 126  PHE A CE2 1 
ATOM   684  C  CZ  . PHE A 1 122 ? -12.930 6.947   0.704   1.00 18.90 ? 126  PHE A CZ  1 
ATOM   685  N  N   . GLY A 1 123 ? -18.501 7.376   -3.745  1.00 18.83 ? 127  GLY A N   1 
ATOM   686  C  CA  . GLY A 1 123 ? -19.680 7.660   -4.565  1.00 17.56 ? 127  GLY A CA  1 
ATOM   687  C  C   . GLY A 1 123 ? -19.726 9.123   -4.958  1.00 18.34 ? 127  GLY A C   1 
ATOM   688  O  O   . GLY A 1 123 ? -19.946 9.472   -6.146  1.00 19.44 ? 127  GLY A O   1 
ATOM   689  N  N   . ALA A 1 124 ? -19.533 9.982   -3.968  1.00 17.57 ? 128  ALA A N   1 
ATOM   690  C  CA  . ALA A 1 124 ? -19.605 11.435  -4.167  1.00 17.88 ? 128  ALA A CA  1 
ATOM   691  C  C   . ALA A 1 124 ? -18.220 12.061  -4.077  1.00 17.93 ? 128  ALA A C   1 
ATOM   692  O  O   . ALA A 1 124 ? -17.303 11.487  -3.431  1.00 18.46 ? 128  ALA A O   1 
ATOM   693  C  CB  . ALA A 1 124 ? -20.524 12.066  -3.123  1.00 18.74 ? 128  ALA A CB  1 
ATOM   694  N  N   . THR A 1 125 ? -18.050 13.228  -4.697  1.00 17.73 ? 129  THR A N   1 
ATOM   695  C  CA  . THR A 1 125 ? -16.805 13.967  -4.473  1.00 18.88 ? 129  THR A CA  1 
ATOM   696  C  C   . THR A 1 125 ? -16.912 14.686  -3.111  1.00 18.75 ? 129  THR A C   1 
ATOM   697  O  O   . THR A 1 125 ? -18.021 14.907  -2.606  1.00 18.20 ? 129  THR A O   1 
ATOM   698  C  CB  . THR A 1 125 ? -16.499 14.953  -5.608  1.00 18.97 ? 129  THR A CB  1 
ATOM   699  O  OG1 . THR A 1 125 ? -17.578 15.862  -5.775  1.00 18.85 ? 129  THR A OG1 1 
ATOM   700  C  CG2 . THR A 1 125 ? -16.288 14.192  -6.930  1.00 19.69 ? 129  THR A CG2 1 
ATOM   701  N  N   . PHE A 1 126 ? -15.767 15.066  -2.564  1.00 17.14 ? 130  PHE A N   1 
ATOM   702  C  CA  . PHE A 1 126 ? -15.685 15.734  -1.270  1.00 17.62 ? 130  PHE A CA  1 
ATOM   703  C  C   . PHE A 1 126 ? -15.598 17.235  -1.494  1.00 17.98 ? 130  PHE A C   1 
ATOM   704  O  O   . PHE A 1 126 ? -14.911 17.683  -2.415  1.00 16.95 ? 130  PHE A O   1 
ATOM   705  C  CB  . PHE A 1 126 ? -14.394 15.289  -0.568  1.00 17.66 ? 130  PHE A CB  1 
ATOM   706  C  CG  . PHE A 1 126 ? -14.368 13.837  -0.196  1.00 19.86 ? 130  PHE A CG  1 
ATOM   707  C  CD1 . PHE A 1 126 ? -13.780 12.899  -1.031  1.00 18.85 ? 130  PHE A CD1 1 
ATOM   708  C  CD2 . PHE A 1 126 ? -14.885 13.402  1.033   1.00 21.78 ? 130  PHE A CD2 1 
ATOM   709  C  CE1 . PHE A 1 126 ? -13.733 11.535  -0.671  1.00 19.26 ? 130  PHE A CE1 1 
ATOM   710  C  CE2 . PHE A 1 126 ? -14.860 12.029  1.389   1.00 20.50 ? 130  PHE A CE2 1 
ATOM   711  C  CZ  . PHE A 1 126 ? -14.269 11.096  0.525   1.00 19.78 ? 130  PHE A CZ  1 
ATOM   712  N  N   . SER A 1 127 ? -16.302 18.009  -0.666  1.00 18.88 ? 131  SER A N   1 
ATOM   713  C  CA  . SER A 1 127 ? -16.035 19.445  -0.548  1.00 19.43 ? 131  SER A CA  1 
ATOM   714  C  C   . SER A 1 127 ? -14.672 19.605  0.145   1.00 19.50 ? 131  SER A C   1 
ATOM   715  O  O   . SER A 1 127 ? -14.089 18.623  0.609   1.00 18.58 ? 131  SER A O   1 
ATOM   716  C  CB  . SER A 1 127 ? -17.114 20.111  0.306   1.00 19.58 ? 131  SER A CB  1 
ATOM   717  O  OG  . SER A 1 127 ? -16.959 19.663  1.653   1.00 20.49 ? 131  SER A OG  1 
ATOM   718  N  N   . ALA A 1 128 ? -14.172 20.843  0.223   1.00 19.79 ? 132  ALA A N   1 
ATOM   719  C  CA  . ALA A 1 128 ? -12.918 21.127  0.947   1.00 20.77 ? 132  ALA A CA  1 
ATOM   720  C  C   . ALA A 1 128 ? -12.990 20.713  2.414   1.00 21.16 ? 132  ALA A C   1 
ATOM   721  O  O   . ALA A 1 128 ? -12.072 20.061  2.937   1.00 20.60 ? 132  ALA A O   1 
ATOM   722  C  CB  . ALA A 1 128 ? -12.544 22.620  0.813   1.00 20.80 ? 132  ALA A CB  1 
ATOM   723  N  N   . GLU A 1 129 ? -14.104 21.032  3.067   1.00 20.82 ? 133  GLU A N   1 
ATOM   724  C  CA  . GLU A 1 129 ? -14.271 20.674  4.489   1.00 21.50 ? 133  GLU A CA  1 
ATOM   725  C  C   . GLU A 1 129 ? -14.345 19.156  4.702   1.00 21.19 ? 133  GLU A C   1 
ATOM   726  O  O   . GLU A 1 129 ? -13.693 18.600  5.604   1.00 20.72 ? 133  GLU A O   1 
ATOM   727  C  CB  . GLU A 1 129 ? -15.521 21.344  5.064   1.00 21.49 ? 133  GLU A CB  1 
ATOM   728  C  CG  . GLU A 1 129 ? -15.442 21.686  6.537   1.00 25.52 ? 133  GLU A CG  1 
ATOM   729  N  N   . ASP A 1 130 ? -15.144 18.485  3.890   1.00 20.78 ? 134  ASP A N   1 
ATOM   730  C  CA  . ASP A 1 130 ? -15.259 17.046  4.008   1.00 21.34 ? 134  ASP A CA  1 
ATOM   731  C  C   . ASP A 1 130 ? -13.948 16.348  3.659   1.00 19.91 ? 134  ASP A C   1 
ATOM   732  O  O   . ASP A 1 130 ? -13.621 15.312  4.228   1.00 19.78 ? 134  ASP A O   1 
ATOM   733  C  CB  . ASP A 1 130 ? -16.461 16.512  3.217   1.00 21.75 ? 134  ASP A CB  1 
ATOM   734  C  CG  . ASP A 1 130 ? -17.804 16.957  3.830   1.00 25.03 ? 134  ASP A CG  1 
ATOM   735  O  OD1 . ASP A 1 130 ? -17.835 17.258  5.050   1.00 29.24 ? 134  ASP A OD1 1 
ATOM   736  O  OD2 . ASP A 1 130 ? -18.816 17.043  3.103   1.00 25.99 ? 134  ASP A OD2 1 
ATOM   737  N  N   . PHE A 1 131 ? -13.203 16.921  2.729   1.00 19.85 ? 135  PHE A N   1 
ATOM   738  C  CA  . PHE A 1 131 ? -11.913 16.361  2.358   1.00 19.36 ? 135  PHE A CA  1 
ATOM   739  C  C   . PHE A 1 131 ? -10.927 16.373  3.539   1.00 19.76 ? 135  PHE A C   1 
ATOM   740  O  O   . PHE A 1 131 ? -10.247 15.380  3.770   1.00 18.17 ? 135  PHE A O   1 
ATOM   741  C  CB  . PHE A 1 131 ? -11.313 17.043  1.130   1.00 19.96 ? 135  PHE A CB  1 
ATOM   742  C  CG  . PHE A 1 131 ? -10.144 16.269  0.520   1.00 19.48 ? 135  PHE A CG  1 
ATOM   743  C  CD1 . PHE A 1 131 ? -8.836  16.663  0.758   1.00 20.06 ? 135  PHE A CD1 1 
ATOM   744  C  CD2 . PHE A 1 131 ? -10.381 15.150  -0.297  1.00 22.58 ? 135  PHE A CD2 1 
ATOM   745  C  CE1 . PHE A 1 131 ? -7.749  15.947  0.213   1.00 21.49 ? 135  PHE A CE1 1 
ATOM   746  C  CE2 . PHE A 1 131 ? -9.303  14.421  -0.856  1.00 22.31 ? 135  PHE A CE2 1 
ATOM   747  C  CZ  . PHE A 1 131 ? -7.993  14.820  -0.603  1.00 21.79 ? 135  PHE A CZ  1 
ATOM   748  N  N   . LYS A 1 132 ? -10.878 17.481  4.277   1.00 19.76 ? 136  LYS A N   1 
ATOM   749  C  CA  . LYS A 1 132 ? -10.028 17.574  5.463   1.00 21.52 ? 136  LYS A CA  1 
ATOM   750  C  C   . LYS A 1 132 ? -10.445 16.528  6.487   1.00 20.47 ? 136  LYS A C   1 
ATOM   751  O  O   . LYS A 1 132 ? -9.598  15.909  7.116   1.00 21.00 ? 136  LYS A O   1 
ATOM   752  C  CB  . LYS A 1 132 ? -10.078 18.972  6.104   1.00 21.70 ? 136  LYS A CB  1 
ATOM   753  C  CG  . LYS A 1 132 ? -9.765  20.147  5.180   1.00 24.19 ? 136  LYS A CG  1 
ATOM   754  C  CD  . LYS A 1 132 ? -9.556  21.456  5.995   1.00 25.39 ? 136  LYS A CD  1 
ATOM   755  C  CE  . LYS A 1 132 ? -10.291 22.682  5.391   1.00 31.70 ? 136  LYS A CE  1 
ATOM   756  N  NZ  . LYS A 1 132 ? -9.540  23.529  4.388   1.00 33.76 ? 136  LYS A NZ  1 
ATOM   757  N  N   . ILE A 1 133 ? -11.749 16.328  6.667   1.00 20.40 ? 137  ILE A N   1 
ATOM   758  C  CA  . ILE A 1 133 ? -12.211 15.275  7.571   1.00 20.34 ? 137  ILE A CA  1 
ATOM   759  C  C   . ILE A 1 133 ? -11.730 13.889  7.130   1.00 19.35 ? 137  ILE A C   1 
ATOM   760  O  O   . ILE A 1 133 ? -11.192 13.094  7.927   1.00 18.83 ? 137  ILE A O   1 
ATOM   761  C  CB  . ILE A 1 133 ? -13.752 15.325  7.780   1.00 20.68 ? 137  ILE A CB  1 
ATOM   762  C  CG1 . ILE A 1 133 ? -14.141 16.529  8.643   1.00 21.17 ? 137  ILE A CG1 1 
ATOM   763  C  CG2 . ILE A 1 133 ? -14.264 14.010  8.413   1.00 22.24 ? 137  ILE A CG2 1 
ATOM   764  C  CD1 . ILE A 1 133 ? -15.515 17.100  8.313   1.00 23.98 ? 137  ILE A CD1 1 
ATOM   765  N  N   . ALA A 1 134 ? -11.911 13.579  5.850   1.00 19.66 ? 138  ALA A N   1 
ATOM   766  C  CA  . ALA A 1 134 ? -11.524 12.257  5.358   1.00 19.18 ? 138  ALA A CA  1 
ATOM   767  C  C   . ALA A 1 134 ? -9.999  12.090  5.471   1.00 19.78 ? 138  ALA A C   1 
ATOM   768  O  O   . ALA A 1 134 ? -9.512  11.001  5.816   1.00 20.39 ? 138  ALA A O   1 
ATOM   769  C  CB  . ALA A 1 134 ? -11.964 12.096  3.922   1.00 18.91 ? 138  ALA A CB  1 
ATOM   770  N  N   . ALA A 1 135 ? -9.258  13.150  5.132   1.00 19.41 ? 139  ALA A N   1 
ATOM   771  C  CA  . ALA A 1 135 ? -7.782  13.133  5.185   1.00 21.04 ? 139  ALA A CA  1 
ATOM   772  C  C   . ALA A 1 135 ? -7.266  12.875  6.635   1.00 21.56 ? 139  ALA A C   1 
ATOM   773  O  O   . ALA A 1 135 ? -6.245  12.213  6.836   1.00 19.96 ? 139  ALA A O   1 
ATOM   774  C  CB  . ALA A 1 135 ? -7.212  14.456  4.643   1.00 21.35 ? 139  ALA A CB  1 
ATOM   775  N  N   . ASN A 1 136 ? -7.970  13.438  7.623   1.00 22.06 ? 140  ASN A N   1 
ATOM   776  C  CA  . ASN A 1 136 ? -7.648  13.199  9.025   1.00 22.52 ? 140  ASN A CA  1 
ATOM   777  C  C   . ASN A 1 136 ? -7.853  11.730  9.397   1.00 21.48 ? 140  ASN A C   1 
ATOM   778  O  O   . ASN A 1 136 ? -7.090  11.147  10.163  1.00 21.30 ? 140  ASN A O   1 
ATOM   779  C  CB  . ASN A 1 136 ? -8.484  14.078  9.952   1.00 23.07 ? 140  ASN A CB  1 
ATOM   780  C  CG  . ASN A 1 136 ? -8.021  13.976  11.392  1.00 28.66 ? 140  ASN A CG  1 
ATOM   781  O  OD1 . ASN A 1 136 ? -6.850  14.222  11.682  1.00 30.84 ? 140  ASN A OD1 1 
ATOM   782  N  ND2 . ASN A 1 136 ? -8.920  13.547  12.295  1.00 33.09 ? 140  ASN A ND2 1 
ATOM   783  N  N   . ILE A 1 137 ? -8.888  11.130  8.844   1.00 21.02 ? 141  ILE A N   1 
ATOM   784  C  CA  . ILE A 1 137 ? -9.120  9.718   9.086   1.00 21.59 ? 141  ILE A CA  1 
ATOM   785  C  C   . ILE A 1 137 ? -8.014  8.880   8.443   1.00 21.53 ? 141  ILE A C   1 
ATOM   786  O  O   . ILE A 1 137 ? -7.487  7.967   9.076   1.00 20.33 ? 141  ILE A O   1 
ATOM   787  C  CB  . ILE A 1 137 ? -10.535 9.280   8.611   1.00 20.93 ? 141  ILE A CB  1 
ATOM   788  C  CG1 . ILE A 1 137 ? -11.601 9.918   9.502   1.00 22.62 ? 141  ILE A CG1 1 
ATOM   789  C  CG2 . ILE A 1 137 ? -10.670 7.760   8.651   1.00 19.28 ? 141  ILE A CG2 1 
ATOM   790  C  CD1 . ILE A 1 137 ? -12.981 10.082  8.788   1.00 23.80 ? 141  ILE A CD1 1 
ATOM   791  N  N   . VAL A 1 138 ? -7.642  9.218   7.206   1.00 21.37 ? 142  VAL A N   1 
ATOM   792  C  CA  . VAL A 1 138 ? -6.520  8.519   6.529   1.00 22.23 ? 142  VAL A CA  1 
ATOM   793  C  C   . VAL A 1 138 ? -5.255  8.667   7.372   1.00 22.91 ? 142  VAL A C   1 
ATOM   794  O  O   . VAL A 1 138 ? -4.532  7.688   7.609   1.00 22.74 ? 142  VAL A O   1 
ATOM   795  C  CB  . VAL A 1 138 ? -6.259  9.033   5.067   1.00 22.05 ? 142  VAL A CB  1 
ATOM   796  C  CG1 . VAL A 1 138 ? -5.055  8.341   4.441   1.00 21.95 ? 142  VAL A CG1 1 
ATOM   797  C  CG2 . VAL A 1 138 ? -7.477  8.822   4.163   1.00 20.47 ? 142  VAL A CG2 1 
ATOM   798  N  N   . ARG A 1 139 ? -4.995  9.894   7.838   1.00 22.86 ? 143  ARG A N   1 
ATOM   799  C  CA  . ARG A 1 139 ? -3.839  10.144  8.685   1.00 22.72 ? 143  ARG A CA  1 
ATOM   800  C  C   . ARG A 1 139 ? -3.819  9.273   9.926   1.00 22.43 ? 143  ARG A C   1 
ATOM   801  O  O   . ARG A 1 139 ? -2.786  8.708   10.241  1.00 23.20 ? 143  ARG A O   1 
ATOM   802  C  CB  . ARG A 1 139 ? -3.762  11.615  9.085   1.00 21.97 ? 143  ARG A CB  1 
ATOM   803  C  CG  . ARG A 1 139 ? -2.513  11.970  9.894   1.00 23.05 ? 143  ARG A CG  1 
ATOM   804  C  CD  . ARG A 1 139 ? -2.604  13.369  10.472  1.00 27.50 ? 143  ARG A CD  1 
ATOM   805  N  NE  . ARG A 1 139 ? -3.632  13.471  11.502  1.00 31.08 ? 143  ARG A NE  1 
ATOM   806  C  CZ  . ARG A 1 139 ? -3.533  12.930  12.716  1.00 35.32 ? 143  ARG A CZ  1 
ATOM   807  N  NH1 . ARG A 1 139 ? -4.520  13.089  13.588  1.00 36.80 ? 143  ARG A NH1 1 
ATOM   808  N  NH2 . ARG A 1 139 ? -2.456  12.218  13.056  1.00 36.78 ? 143  ARG A NH2 1 
ATOM   809  N  N   . GLU A 1 140 ? -4.947  9.179   10.626  1.00 23.56 ? 144  GLU A N   1 
ATOM   810  C  CA  . GLU A 1 140 ? -5.036  8.350   11.828  1.00 24.40 ? 144  GLU A CA  1 
ATOM   811  C  C   . GLU A 1 140 ? -4.708  6.895   11.561  1.00 23.68 ? 144  GLU A C   1 
ATOM   812  O  O   . GLU A 1 140 ? -3.974  6.273   12.343  1.00 23.36 ? 144  GLU A O   1 
ATOM   813  C  CB  . GLU A 1 140 ? -6.415  8.464   12.457  1.00 25.98 ? 144  GLU A CB  1 
ATOM   814  C  CG  . GLU A 1 140 ? -6.640  9.769   13.202  1.00 27.51 ? 144  GLU A CG  1 
ATOM   815  C  CD  . GLU A 1 140 ? -8.041  9.892   13.730  1.00 31.16 ? 144  GLU A CD  1 
ATOM   816  O  OE1 . GLU A 1 140 ? -8.868  8.980   13.471  1.00 34.96 ? 144  GLU A OE1 1 
ATOM   817  O  OE2 . GLU A 1 140 ? -8.316  10.895  14.414  1.00 31.56 ? 144  GLU A OE2 1 
ATOM   818  N  N   . GLU A 1 141 ? -5.217  6.353   10.451  1.00 22.69 ? 145  GLU A N   1 
ATOM   819  C  CA  . GLU A 1 141 ? -5.003  4.930   10.151  1.00 22.46 ? 145  GLU A CA  1 
ATOM   820  C  C   . GLU A 1 141 ? -3.605  4.693   9.618   1.00 22.30 ? 145  GLU A C   1 
ATOM   821  O  O   . GLU A 1 141 ? -2.942  3.726   10.022  1.00 22.02 ? 145  GLU A O   1 
ATOM   822  C  CB  . GLU A 1 141 ? -6.065  4.386   9.185   1.00 23.42 ? 145  GLU A CB  1 
ATOM   823  C  CG  . GLU A 1 141 ? -7.532  4.547   9.700   1.00 25.09 ? 145  GLU A CG  1 
ATOM   824  C  CD  . GLU A 1 141 ? -7.866  3.713   10.947  1.00 30.47 ? 145  GLU A CD  1 
ATOM   825  O  OE1 . GLU A 1 141 ? -7.179  2.716   11.220  1.00 30.34 ? 145  GLU A OE1 1 
ATOM   826  O  OE2 . GLU A 1 141 ? -8.855  4.033   11.644  1.00 30.74 ? 145  GLU A OE2 1 
ATOM   827  N  N   . ALA A 1 142 ? -3.130  5.591   8.757   1.00 20.80 ? 146  ALA A N   1 
ATOM   828  C  CA  . ALA A 1 142 ? -1.753  5.483   8.238   1.00 20.89 ? 146  ALA A CA  1 
ATOM   829  C  C   . ALA A 1 142 ? -0.713  5.487   9.363   1.00 19.86 ? 146  ALA A C   1 
ATOM   830  O  O   . ALA A 1 142 ? 0.287   4.773   9.283   1.00 20.85 ? 146  ALA A O   1 
ATOM   831  C  CB  . ALA A 1 142 ? -1.448  6.605   7.247   1.00 20.60 ? 146  ALA A CB  1 
ATOM   832  N  N   . ALA A 1 143 ? -0.947  6.279   10.412  1.00 20.58 ? 147  ALA A N   1 
ATOM   833  C  CA  . ALA A 1 143 ? 0.019   6.385   11.510  1.00 20.78 ? 147  ALA A CA  1 
ATOM   834  C  C   . ALA A 1 143 ? 0.230   5.016   12.175  1.00 22.03 ? 147  ALA A C   1 
ATOM   835  O  O   . ALA A 1 143 ? 1.321   4.734   12.705  1.00 20.53 ? 147  ALA A O   1 
ATOM   836  C  CB  . ALA A 1 143 ? -0.417  7.427   12.545  1.00 21.27 ? 147  ALA A CB  1 
ATOM   837  N  N   . LYS A 1 144 ? -0.785  4.157   12.119  1.00 21.83 ? 148  LYS A N   1 
ATOM   838  C  CA  . LYS A 1 144 ? -0.699  2.850   12.806  1.00 24.05 ? 148  LYS A CA  1 
ATOM   839  C  C   . LYS A 1 144 ? 0.313   1.968   12.083  1.00 23.39 ? 148  LYS A C   1 
ATOM   840  O  O   . LYS A 1 144 ? 0.778   0.973   12.632  1.00 21.87 ? 148  LYS A O   1 
ATOM   841  C  CB  . LYS A 1 144 ? -2.058  2.137   12.825  1.00 22.97 ? 148  LYS A CB  1 
ATOM   842  C  CG  . LYS A 1 144 ? -3.167  2.768   13.663  1.00 25.73 ? 148  LYS A CG  1 
ATOM   843  C  CD  . LYS A 1 144 ? -4.505  2.081   13.278  1.00 25.86 ? 148  LYS A CD  1 
ATOM   844  C  CE  . LYS A 1 144 ? -5.699  2.527   14.127  1.00 29.09 ? 148  LYS A CE  1 
ATOM   845  N  NZ  . LYS A 1 144 ? -6.949  1.837   13.686  1.00 25.62 ? 148  LYS A NZ  1 
ATOM   846  N  N   . TYR A 1 145 ? 0.581   2.309   10.806  1.00 24.33 ? 149  TYR A N   1 
ATOM   847  C  CA  . TYR A 1 145 ? 1.548   1.615   9.956   1.00 23.98 ? 149  TYR A CA  1 
ATOM   848  C  C   . TYR A 1 145 ? 2.948   2.302   9.890   1.00 24.89 ? 149  TYR A C   1 
ATOM   849  O  O   . TYR A 1 145 ? 3.851   1.838   9.173   1.00 24.52 ? 149  TYR A O   1 
ATOM   850  C  CB  . TYR A 1 145 ? 0.960   1.424   8.545   1.00 23.45 ? 149  TYR A CB  1 
ATOM   851  C  CG  . TYR A 1 145 ? -0.135  0.380   8.528   1.00 23.37 ? 149  TYR A CG  1 
ATOM   852  C  CD1 . TYR A 1 145 ? -1.460  0.736   8.778   1.00 23.00 ? 149  TYR A CD1 1 
ATOM   853  C  CD2 . TYR A 1 145 ? 0.159   -0.964  8.270   1.00 25.93 ? 149  TYR A CD2 1 
ATOM   854  C  CE1 . TYR A 1 145 ? -2.470  -0.209  8.797   1.00 24.60 ? 149  TYR A CE1 1 
ATOM   855  C  CE2 . TYR A 1 145 ? -0.850  -1.933  8.248   1.00 25.92 ? 149  TYR A CE2 1 
ATOM   856  C  CZ  . TYR A 1 145 ? -2.158  -1.543  8.511   1.00 24.84 ? 149  TYR A CZ  1 
ATOM   857  O  OH  . TYR A 1 145 ? -3.157  -2.468  8.529   1.00 24.55 ? 149  TYR A OH  1 
ATOM   858  N  N   . GLY A 1 146 ? 3.107   3.392   10.651  1.00 25.00 ? 150  GLY A N   1 
ATOM   859  C  CA  . GLY A 1 146 ? 4.313   4.215   10.606  1.00 25.39 ? 150  GLY A CA  1 
ATOM   860  C  C   . GLY A 1 146 ? 4.408   5.187   9.433   1.00 25.08 ? 150  GLY A C   1 
ATOM   861  O  O   . GLY A 1 146 ? 5.467   5.759   9.177   1.00 24.67 ? 150  GLY A O   1 
ATOM   862  N  N   . ALA A 1 147 ? 3.300   5.380   8.721   1.00 24.58 ? 151  ALA A N   1 
ATOM   863  C  CA  . ALA A 1 147 ? 3.232   6.372   7.673   1.00 23.47 ? 151  ALA A CA  1 
ATOM   864  C  C   . ALA A 1 147 ? 2.746   7.722   8.249   1.00 23.37 ? 151  ALA A C   1 
ATOM   865  O  O   . ALA A 1 147 ? 1.569   7.879   8.589   1.00 22.67 ? 151  ALA A O   1 
ATOM   866  C  CB  . ALA A 1 147 ? 2.343   5.867   6.525   1.00 23.68 ? 151  ALA A CB  1 
ATOM   867  N  N   . THR A 1 148 ? 3.668   8.676   8.394   1.00 23.13 ? 152  THR A N   1 
ATOM   868  C  CA  . THR A 1 148 ? 3.345   9.961   9.026   1.00 24.40 ? 152  THR A CA  1 
ATOM   869  C  C   . THR A 1 148 ? 3.880   11.197  8.275   1.00 24.33 ? 152  THR A C   1 
ATOM   870  O  O   . THR A 1 148 ? 3.729   12.333  8.737   1.00 24.68 ? 152  THR A O   1 
ATOM   871  C  CB  . THR A 1 148 ? 3.849   9.999   10.512  1.00 25.02 ? 152  THR A CB  1 
ATOM   872  O  OG1 . THR A 1 148 ? 5.254   9.739   10.545  1.00 26.22 ? 152  THR A OG1 1 
ATOM   873  C  CG2 . THR A 1 148 ? 3.141   8.903   11.362  1.00 24.71 ? 152  THR A CG2 1 
ATOM   874  N  N   . THR A 1 149 ? 4.528   10.990  7.141   1.00 24.88 ? 153  THR A N   1 
ATOM   875  C  CA  . THR A 1 149 ? 5.074   12.125  6.404   1.00 26.48 ? 153  THR A CA  1 
ATOM   876  C  C   . THR A 1 149 ? 4.007   12.541  5.390   1.00 26.54 ? 153  THR A C   1 
ATOM   877  O  O   . THR A 1 149 ? 3.673   11.766  4.491   1.00 24.66 ? 153  THR A O   1 
ATOM   878  C  CB  . THR A 1 149 ? 6.414   11.756  5.715   1.00 26.40 ? 153  THR A CB  1 
ATOM   879  O  OG1 . THR A 1 149 ? 7.314   11.209  6.698   1.00 28.73 ? 153  THR A OG1 1 
ATOM   880  C  CG2 . THR A 1 149 ? 7.070   13.005  5.046   1.00 27.93 ? 153  THR A CG2 1 
ATOM   881  N  N   . GLU A 1 150 ? 3.505   13.764  5.539   1.00 27.81 ? 154  GLU A N   1 
ATOM   882  C  CA  . GLU A 1 150 ? 2.310   14.224  4.830   1.00 30.59 ? 154  GLU A CA  1 
ATOM   883  C  C   . GLU A 1 150 ? 2.690   15.037  3.619   1.00 31.89 ? 154  GLU A C   1 
ATOM   884  O  O   . GLU A 1 150 ? 3.729   15.705  3.641   1.00 31.77 ? 154  GLU A O   1 
ATOM   885  C  CB  . GLU A 1 150 ? 1.450   15.115  5.735   1.00 29.33 ? 154  GLU A CB  1 
ATOM   886  C  CG  . GLU A 1 150 ? 0.609   14.385  6.771   1.00 31.72 ? 154  GLU A CG  1 
ATOM   887  C  CD  . GLU A 1 150 ? -0.441  15.284  7.393   1.00 32.11 ? 154  GLU A CD  1 
ATOM   888  O  OE1 . GLU A 1 150 ? -0.206  16.503  7.484   1.00 38.52 ? 154  GLU A OE1 1 
ATOM   889  O  OE2 . GLU A 1 150 ? -1.521  14.789  7.773   1.00 36.32 ? 154  GLU A OE2 1 
ATOM   890  N  N   . SER A 1 151 ? 1.840   14.998  2.581   1.00 32.90 ? 155  SER A N   1 
ATOM   891  C  CA  . SER A 1 151 ? 1.924   15.951  1.445   1.00 34.21 ? 155  SER A CA  1 
ATOM   892  C  C   . SER A 1 151 ? 0.607   16.104  0.660   1.00 34.54 ? 155  SER A C   1 
ATOM   893  O  O   . SER A 1 151 ? -0.345  15.342  0.847   1.00 33.26 ? 155  SER A O   1 
ATOM   894  C  CB  . SER A 1 151 ? 3.100   15.636  0.497   1.00 34.34 ? 155  SER A CB  1 
ATOM   895  O  OG  . SER A 1 151 ? 2.930   14.398  -0.157  1.00 36.83 ? 155  SER A OG  1 
ATOM   896  N  N   . SER A 1 152 ? 0.560   17.146  -0.173  1.00 35.31 ? 156  SER A N   1 
ATOM   897  C  CA  . SER A 1 152 ? -0.570  17.433  -1.056  1.00 35.28 ? 156  SER A CA  1 
ATOM   898  C  C   . SER A 1 152 ? -0.022  18.119  -2.315  1.00 36.27 ? 156  SER A C   1 
ATOM   899  O  O   . SER A 1 152 ? 0.628   19.164  -2.226  1.00 36.29 ? 156  SER A O   1 
ATOM   900  C  CB  . SER A 1 152 ? -1.594  18.331  -0.349  1.00 35.59 ? 156  SER A CB  1 
ATOM   901  O  OG  . SER A 1 152 ? -2.681  18.721  -1.208  1.00 33.53 ? 156  SER A OG  1 
ATOM   902  N  N   . LEU A 1 153 ? -0.253  17.514  -3.482  1.00 36.78 ? 157  LEU A N   1 
ATOM   903  C  CA  . LEU A 1 153 ? 0.107   18.144  -4.768  1.00 36.44 ? 157  LEU A CA  1 
ATOM   904  C  C   . LEU A 1 153 ? -0.818  19.296  -5.134  1.00 35.67 ? 157  LEU A C   1 
ATOM   905  O  O   . LEU A 1 153 ? -0.448  20.135  -5.961  1.00 35.67 ? 157  LEU A O   1 
ATOM   906  C  CB  . LEU A 1 153 ? 0.144   17.108  -5.911  1.00 36.99 ? 157  LEU A CB  1 
ATOM   907  C  CG  . LEU A 1 153 ? 1.248   16.037  -5.864  1.00 37.88 ? 157  LEU A CG  1 
ATOM   908  C  CD1 . LEU A 1 153 ? 1.066   15.012  -6.987  1.00 39.82 ? 157  LEU A CD1 1 
ATOM   909  C  CD2 . LEU A 1 153 ? 2.657   16.649  -5.904  1.00 37.97 ? 157  LEU A CD2 1 
ATOM   910  N  N   . PHE A 1 154 ? -2.009  19.327  -4.524  1.00 34.86 ? 158  PHE A N   1 
ATOM   911  C  CA  . PHE A 1 154 ? -3.028  20.400  -4.715  1.00 34.17 ? 158  PHE A CA  1 
ATOM   912  C  C   . PHE A 1 154 ? -4.223  20.222  -3.758  1.00 33.49 ? 158  PHE A C   1 
ATOM   913  O  O   . PHE A 1 154 ? -4.403  19.153  -3.225  1.00 32.95 ? 158  PHE A O   1 
ATOM   914  C  CB  . PHE A 1 154 ? -3.539  20.433  -6.167  1.00 34.35 ? 158  PHE A CB  1 
ATOM   915  C  CG  . PHE A 1 154 ? -3.643  19.068  -6.809  1.00 34.25 ? 158  PHE A CG  1 
ATOM   916  C  CD1 . PHE A 1 154 ? -4.573  18.129  -6.359  1.00 35.07 ? 158  PHE A CD1 1 
ATOM   917  C  CD2 . PHE A 1 154 ? -2.806  18.721  -7.860  1.00 34.68 ? 158  PHE A CD2 1 
ATOM   918  C  CE1 . PHE A 1 154 ? -4.664  16.872  -6.949  1.00 36.05 ? 158  PHE A CE1 1 
ATOM   919  C  CE2 . PHE A 1 154 ? -2.890  17.476  -8.460  1.00 36.44 ? 158  PHE A CE2 1 
ATOM   920  C  CZ  . PHE A 1 154 ? -3.823  16.539  -7.996  1.00 36.26 ? 158  PHE A CZ  1 
ATOM   921  N  N   . ASN A 1 155 ? -5.031  21.269  -3.544  1.00 33.61 ? 159  ASN A N   1 
ATOM   922  C  CA  . ASN A 1 155 ? -6.291  21.156  -2.749  1.00 32.79 ? 159  ASN A CA  1 
ATOM   923  C  C   . ASN A 1 155 ? -7.345  22.243  -3.036  1.00 32.34 ? 159  ASN A C   1 
ATOM   924  O  O   . ASN A 1 155 ? -7.407  23.291  -2.375  1.00 33.23 ? 159  ASN A O   1 
ATOM   925  C  CB  . ASN A 1 155 ? -6.029  21.071  -1.251  1.00 32.66 ? 159  ASN A CB  1 
ATOM   926  C  CG  . ASN A 1 155 ? -7.313  20.898  -0.454  1.00 34.21 ? 159  ASN A CG  1 
ATOM   927  O  OD1 . ASN A 1 155 ? -7.394  21.279  0.707   1.00 38.96 ? 159  ASN A OD1 1 
ATOM   928  N  ND2 . ASN A 1 155 ? -8.316  20.327  -1.074  1.00 35.05 ? 159  ASN A ND2 1 
ATOM   929  N  N   . GLU A 1 156 ? -8.191  21.967  -4.011  1.00 30.29 ? 160  GLU A N   1 
ATOM   930  C  CA  . GLU A 1 156 ? -9.078  22.973  -4.553  1.00 28.79 ? 160  GLU A CA  1 
ATOM   931  C  C   . GLU A 1 156 ? -10.238 22.241  -5.184  1.00 26.88 ? 160  GLU A C   1 
ATOM   932  O  O   . GLU A 1 156 ? -10.212 21.014  -5.249  1.00 24.90 ? 160  GLU A O   1 
ATOM   933  C  CB  . GLU A 1 156 ? -8.320  23.802  -5.589  1.00 29.15 ? 160  GLU A CB  1 
ATOM   934  C  CG  . GLU A 1 156 ? -7.246  23.025  -6.364  1.00 30.77 ? 160  GLU A CG  1 
ATOM   935  C  CD  . GLU A 1 156 ? -6.218  23.954  -7.006  1.00 33.78 ? 160  GLU A CD  1 
ATOM   936  O  OE1 . GLU A 1 156 ? -6.333  25.165  -6.788  1.00 34.23 ? 160  GLU A OE1 1 
ATOM   937  O  OE2 . GLU A 1 156 ? -5.286  23.479  -7.704  1.00 36.66 ? 160  GLU A OE2 1 
ATOM   938  N  N   . SER A 1 157 ? -11.248 22.978  -5.651  1.00 25.63 ? 161  SER A N   1 
ATOM   939  C  CA  . SER A 1 157 ? -12.353 22.345  -6.365  1.00 25.41 ? 161  SER A CA  1 
ATOM   940  C  C   . SER A 1 157 ? -11.842 21.446  -7.489  1.00 25.04 ? 161  SER A C   1 
ATOM   941  O  O   . SER A 1 157 ? -12.285 20.310  -7.600  1.00 25.26 ? 161  SER A O   1 
ATOM   942  C  CB  . SER A 1 157 ? -13.379 23.372  -6.877  1.00 25.06 ? 161  SER A CB  1 
ATOM   943  O  OG  . SER A 1 157 ? -12.744 24.569  -7.244  1.00 26.74 ? 161  SER A OG  1 
ATOM   944  N  N   . ALA A 1 158 ? -10.869 21.929  -8.268  1.00 24.42 ? 162  ALA A N   1 
ATOM   945  C  CA  . ALA A 1 158 ? -10.322 21.175  -9.406  1.00 24.38 ? 162  ALA A CA  1 
ATOM   946  C  C   . ALA A 1 158 ? -9.693  19.823  -9.037  1.00 24.42 ? 162  ALA A C   1 
ATOM   947  O  O   . ALA A 1 158 ? -9.855  18.849  -9.777  1.00 25.39 ? 162  ALA A O   1 
ATOM   948  C  CB  . ALA A 1 158 ? -9.329  22.025  -10.184 1.00 25.25 ? 162  ALA A CB  1 
ATOM   949  N  N   . LYS A 1 159 ? -8.980  19.775  -7.907  1.00 22.33 ? 163  LYS A N   1 
ATOM   950  C  CA  . LYS A 1 159 ? -8.279  18.597  -7.476  1.00 22.01 ? 163  LYS A CA  1 
ATOM   951  C  C   . LYS A 1 159 ? -7.979  18.668  -5.993  1.00 20.66 ? 163  LYS A C   1 
ATOM   952  O  O   . LYS A 1 159 ? -7.616  19.737  -5.463  1.00 19.86 ? 163  LYS A O   1 
ATOM   953  C  CB  . LYS A 1 159 ? -6.955  18.469  -8.229  1.00 22.70 ? 163  LYS A CB  1 
ATOM   954  N  N   . ARG A 1 160 ? -8.132  17.538  -5.324  1.00 18.69 ? 164  ARG A N   1 
ATOM   955  C  CA  . ARG A 1 160 ? -7.755  17.437  -3.930  1.00 19.10 ? 164  ARG A CA  1 
ATOM   956  C  C   . ARG A 1 160 ? -6.945  16.172  -3.762  1.00 19.71 ? 164  ARG A C   1 
ATOM   957  O  O   . ARG A 1 160 ? -7.346  15.094  -4.228  1.00 18.24 ? 164  ARG A O   1 
ATOM   958  C  CB  . ARG A 1 160 ? -8.965  17.437  -2.984  1.00 19.01 ? 164  ARG A CB  1 
ATOM   959  C  CG  . ARG A 1 160 ? -10.075 18.462  -3.325  1.00 17.89 ? 164  ARG A CG  1 
ATOM   960  C  CD  . ARG A 1 160 ? -11.179 18.421  -2.265  1.00 19.56 ? 164  ARG A CD  1 
ATOM   961  N  NE  . ARG A 1 160 ? -12.352 19.214  -2.670  1.00 21.16 ? 164  ARG A NE  1 
ATOM   962  C  CZ  . ARG A 1 160 ? -12.445 20.546  -2.645  1.00 21.68 ? 164  ARG A CZ  1 
ATOM   963  N  NH1 . ARG A 1 160 ? -11.454 21.301  -2.212  1.00 23.08 ? 164  ARG A NH1 1 
ATOM   964  N  NH2 . ARG A 1 160 ? -13.554 21.124  -3.060  1.00 24.38 ? 164  ARG A NH2 1 
ATOM   965  N  N   . ASP A 1 161 ? -5.809  16.321  -3.086  1.00 19.22 ? 165  ASP A N   1 
ATOM   966  C  CA  . ASP A 1 161 ? -4.851  15.239  -2.923  1.00 20.14 ? 165  ASP A CA  1 
ATOM   967  C  C   . ASP A 1 161 ? -4.369  15.282  -1.482  1.00 19.58 ? 165  ASP A C   1 
ATOM   968  O  O   . ASP A 1 161 ? -4.084  16.373  -0.948  1.00 18.83 ? 165  ASP A O   1 
ATOM   969  C  CB  . ASP A 1 161 ? -3.676  15.477  -3.846  1.00 20.45 ? 165  ASP A CB  1 
ATOM   970  C  CG  . ASP A 1 161 ? -2.748  14.298  -3.923  1.00 23.99 ? 165  ASP A CG  1 
ATOM   971  O  OD1 . ASP A 1 161 ? -3.091  13.204  -3.418  1.00 28.26 ? 165  ASP A OD1 1 
ATOM   972  O  OD2 . ASP A 1 161 ? -1.678  14.467  -4.526  1.00 27.48 ? 165  ASP A OD2 1 
ATOM   973  N  N   . TYR A 1 162 ? -4.323  14.115  -0.863  1.00 18.68 ? 166  TYR A N   1 
ATOM   974  C  CA  . TYR A 1 162 ? -3.729  13.953  0.444   1.00 20.47 ? 166  TYR A CA  1 
ATOM   975  C  C   . TYR A 1 162 ? -2.912  12.691  0.393   1.00 20.34 ? 166  TYR A C   1 
ATOM   976  O  O   . TYR A 1 162 ? -3.442  11.610  0.133   1.00 19.69 ? 166  TYR A O   1 
ATOM   977  C  CB  . TYR A 1 162 ? -4.780  13.867  1.574   1.00 21.17 ? 166  TYR A CB  1 
ATOM   978  C  CG  . TYR A 1 162 ? -4.121  13.635  2.914   1.00 22.42 ? 166  TYR A CG  1 
ATOM   979  C  CD1 . TYR A 1 162 ? -4.130  12.375  3.497   1.00 22.65 ? 166  TYR A CD1 1 
ATOM   980  C  CD2 . TYR A 1 162 ? -3.442  14.671  3.576   1.00 22.68 ? 166  TYR A CD2 1 
ATOM   981  C  CE1 . TYR A 1 162 ? -3.498  12.130  4.710   1.00 24.01 ? 166  TYR A CE1 1 
ATOM   982  C  CE2 . TYR A 1 162 ? -2.799  14.432  4.810   1.00 23.77 ? 166  TYR A CE2 1 
ATOM   983  C  CZ  . TYR A 1 162 ? -2.849  13.158  5.358   1.00 22.87 ? 166  TYR A CZ  1 
ATOM   984  O  OH  . TYR A 1 162 ? -2.228  12.851  6.544   1.00 26.20 ? 166  TYR A OH  1 
ATOM   985  N  N   . ASP A 1 163 ? -1.615  12.811  0.673   1.00 20.16 ? 167  ASP A N   1 
ATOM   986  C  CA  . ASP A 1 163 ? -0.759  11.631  0.589   1.00 21.45 ? 167  ASP A CA  1 
ATOM   987  C  C   . ASP A 1 163 ? 0.061   11.581  1.890   1.00 21.53 ? 167  ASP A C   1 
ATOM   988  O  O   . ASP A 1 163 ? 0.554   12.618  2.343   1.00 21.35 ? 167  ASP A O   1 
ATOM   989  C  CB  . ASP A 1 163 ? 0.127   11.779  -0.653  1.00 21.20 ? 167  ASP A CB  1 
ATOM   990  C  CG  . ASP A 1 163 ? 0.942   10.531  -0.964  1.00 25.49 ? 167  ASP A CG  1 
ATOM   991  O  OD1 . ASP A 1 163 ? 1.992   10.338  -0.328  1.00 26.20 ? 167  ASP A OD1 1 
ATOM   992  O  OD2 . ASP A 1 163 ? 0.544   9.765   -1.878  1.00 27.25 ? 167  ASP A OD2 1 
ATOM   993  N  N   . VAL A 1 164 ? 0.150   10.405  2.504   1.00 21.16 ? 168  VAL A N   1 
ATOM   994  C  CA  . VAL A 1 164 ? 0.958   10.217  3.712   1.00 21.20 ? 168  VAL A CA  1 
ATOM   995  C  C   . VAL A 1 164 ? 1.754   8.907   3.573   1.00 21.52 ? 168  VAL A C   1 
ATOM   996  O  O   . VAL A 1 164 ? 1.192   7.831   3.183   1.00 20.29 ? 168  VAL A O   1 
ATOM   997  C  CB  . VAL A 1 164 ? 0.116   10.352  5.037   1.00 21.07 ? 168  VAL A CB  1 
ATOM   998  C  CG1 . VAL A 1 164 ? -0.985  9.305   5.144   1.00 22.26 ? 168  VAL A CG1 1 
ATOM   999  C  CG2 . VAL A 1 164 ? 1.029   10.320  6.310   1.00 22.23 ? 168  VAL A CG2 1 
ATOM   1000 N  N   . GLN A 1 165 ? 3.067   9.018   3.824   1.00 21.90 ? 169  GLN A N   1 
ATOM   1001 C  CA  . GLN A 1 165 ? 3.988   7.901   3.630   1.00 21.56 ? 169  GLN A CA  1 
ATOM   1002 C  C   . GLN A 1 165 ? 4.925   7.743   4.812   1.00 20.86 ? 169  GLN A C   1 
ATOM   1003 O  O   . GLN A 1 165 ? 5.120   8.653   5.606   1.00 19.58 ? 169  GLN A O   1 
ATOM   1004 C  CB  . GLN A 1 165 ? 4.882   8.116   2.407   1.00 22.17 ? 169  GLN A CB  1 
ATOM   1005 C  CG  . GLN A 1 165 ? 4.221   8.488   1.128   1.00 27.74 ? 169  GLN A CG  1 
ATOM   1006 C  CD  . GLN A 1 165 ? 5.250   8.858   0.090   1.00 30.24 ? 169  GLN A CD  1 
ATOM   1007 O  OE1 . GLN A 1 165 ? 6.447   8.609   0.285   1.00 31.91 ? 169  GLN A OE1 1 
ATOM   1008 N  NE2 . GLN A 1 165 ? 4.802   9.430   -1.020  1.00 30.13 ? 169  GLN A NE2 1 
ATOM   1009 N  N   . GLY A 1 166 ? 5.532   6.567   4.886   1.00 20.72 ? 170  GLY A N   1 
ATOM   1010 C  CA  . GLY A 1 166 ? 6.512   6.286   5.913   1.00 20.66 ? 170  GLY A CA  1 
ATOM   1011 C  C   . GLY A 1 166 ? 6.565   4.788   6.099   1.00 21.63 ? 170  GLY A C   1 
ATOM   1012 O  O   . GLY A 1 166 ? 5.552   4.100   5.913   1.00 20.41 ? 170  GLY A O   1 
ATOM   1013 N  N   . ASN A 1 167 ? 7.751   4.289   6.462   1.00 21.60 ? 171  ASN A N   1 
ATOM   1014 C  CA  . ASN A 1 167 ? 7.919   2.892   6.808   1.00 22.74 ? 171  ASN A CA  1 
ATOM   1015 C  C   . ASN A 1 167 ? 7.651   2.027   5.577   1.00 22.87 ? 171  ASN A C   1 
ATOM   1016 O  O   . ASN A 1 167 ? 7.345   0.837   5.673   1.00 22.26 ? 171  ASN A O   1 
ATOM   1017 C  CB  . ASN A 1 167 ? 7.001   2.558   7.991   1.00 23.63 ? 171  ASN A CB  1 
ATOM   1018 C  CG  . ASN A 1 167 ? 7.381   1.257   8.710   1.00 29.01 ? 171  ASN A CG  1 
ATOM   1019 O  OD1 . ASN A 1 167 ? 8.560   0.889   8.796   1.00 33.20 ? 171  ASN A OD1 1 
ATOM   1020 N  ND2 . ASN A 1 167 ? 6.373   0.587   9.283   1.00 30.19 ? 171  ASN A ND2 1 
ATOM   1021 N  N   . GLY A 1 168 ? 7.821   2.620   4.402   1.00 21.64 ? 172  GLY A N   1 
ATOM   1022 C  CA  . GLY A 1 168 ? 7.546   1.904   3.162   1.00 23.15 ? 172  GLY A CA  1 
ATOM   1023 C  C   . GLY A 1 168 ? 6.069   1.793   2.761   1.00 23.52 ? 172  GLY A C   1 
ATOM   1024 O  O   . GLY A 1 168 ? 5.774   1.199   1.712   1.00 24.06 ? 172  GLY A O   1 
ATOM   1025 N  N   . TYR A 1 169 ? 5.171   2.408   3.538   1.00 22.46 ? 173  TYR A N   1 
ATOM   1026 C  CA  . TYR A 1 169 ? 3.738   2.511   3.160   1.00 21.69 ? 173  TYR A CA  1 
ATOM   1027 C  C   . TYR A 1 169 ? 3.414   3.849   2.531   1.00 21.58 ? 173  TYR A C   1 
ATOM   1028 O  O   . TYR A 1 169 ? 4.150   4.861   2.725   1.00 20.70 ? 173  TYR A O   1 
ATOM   1029 C  CB  . TYR A 1 169 ? 2.800   2.275   4.363   1.00 22.67 ? 173  TYR A CB  1 
ATOM   1030 C  CG  . TYR A 1 169 ? 2.938   0.899   4.951   1.00 26.12 ? 173  TYR A CG  1 
ATOM   1031 C  CD1 . TYR A 1 169 ? 4.043   0.588   5.771   1.00 25.99 ? 173  TYR A CD1 1 
ATOM   1032 C  CD2 . TYR A 1 169 ? 1.979   -0.097  4.707   1.00 26.96 ? 173  TYR A CD2 1 
ATOM   1033 C  CE1 . TYR A 1 169 ? 4.182   -0.663  6.338   1.00 27.87 ? 173  TYR A CE1 1 
ATOM   1034 C  CE2 . TYR A 1 169 ? 2.140   -1.381  5.248   1.00 27.65 ? 173  TYR A CE2 1 
ATOM   1035 C  CZ  . TYR A 1 169 ? 3.261   -1.632  6.051   1.00 27.62 ? 173  TYR A CZ  1 
ATOM   1036 O  OH  . TYR A 1 169 ? 3.448   -2.852  6.621   1.00 30.43 ? 173  TYR A OH  1 
ATOM   1037 N  N   . GLU A 1 170 ? 2.323   3.859   1.750   1.00 20.26 ? 174  GLU A N   1 
ATOM   1038 C  CA  . GLU A 1 170 ? 1.841   5.105   1.167   1.00 20.92 ? 174  GLU A CA  1 
ATOM   1039 C  C   . GLU A 1 170 ? 0.317   5.028   1.118   1.00 20.02 ? 174  GLU A C   1 
ATOM   1040 O  O   . GLU A 1 170 ? -0.211  4.074   0.588   1.00 20.04 ? 174  GLU A O   1 
ATOM   1041 C  CB  . GLU A 1 170 ? 2.465   5.397   -0.224  1.00 20.50 ? 174  GLU A CB  1 
ATOM   1042 C  CG  . GLU A 1 170 ? 1.903   6.726   -0.897  1.00 20.63 ? 174  GLU A CG  1 
ATOM   1043 C  CD  . GLU A 1 170 ? 2.458   7.043   -2.295  1.00 24.64 ? 174  GLU A CD  1 
ATOM   1044 O  OE1 . GLU A 1 170 ? 3.229   6.241   -2.871  1.00 29.43 ? 174  GLU A OE1 1 
ATOM   1045 O  OE2 . GLU A 1 170 ? 2.127   8.114   -2.852  1.00 27.19 ? 174  GLU A OE2 1 
ATOM   1046 N  N   . PHE A 1 171 ? -0.362  6.016   1.707   1.00 19.95 ? 175  PHE A N   1 
ATOM   1047 C  CA  . PHE A 1 171 ? -1.830  6.093   1.703   1.00 20.07 ? 175  PHE A CA  1 
ATOM   1048 C  C   . PHE A 1 171 ? -2.186  7.316   0.937   1.00 20.15 ? 175  PHE A C   1 
ATOM   1049 O  O   . PHE A 1 171 ? -1.680  8.387   1.245   1.00 20.59 ? 175  PHE A O   1 
ATOM   1050 C  CB  . PHE A 1 171 ? -2.379  6.225   3.135   1.00 20.01 ? 175  PHE A CB  1 
ATOM   1051 C  CG  . PHE A 1 171 ? -2.147  5.000   4.009   1.00 21.33 ? 175  PHE A CG  1 
ATOM   1052 C  CD1 . PHE A 1 171 ? -0.862  4.620   4.387   1.00 21.15 ? 175  PHE A CD1 1 
ATOM   1053 C  CD2 . PHE A 1 171 ? -3.225  4.241   4.467   1.00 21.60 ? 175  PHE A CD2 1 
ATOM   1054 C  CE1 . PHE A 1 171 ? -0.664  3.492   5.206   1.00 20.51 ? 175  PHE A CE1 1 
ATOM   1055 C  CE2 . PHE A 1 171 ? -3.021  3.112   5.258   1.00 22.27 ? 175  PHE A CE2 1 
ATOM   1056 C  CZ  . PHE A 1 171 ? -1.752  2.743   5.630   1.00 20.27 ? 175  PHE A CZ  1 
ATOM   1057 N  N   . ARG A 1 172 ? -3.088  7.195   -0.043  1.00 19.89 ? 176  ARG A N   1 
ATOM   1058 C  CA  . ARG A 1 172 ? -3.409  8.351   -0.883  1.00 19.48 ? 176  ARG A CA  1 
ATOM   1059 C  C   . ARG A 1 172 ? -4.913  8.464   -1.148  1.00 19.83 ? 176  ARG A C   1 
ATOM   1060 O  O   . ARG A 1 172 ? -5.549  7.515   -1.628  1.00 16.89 ? 176  ARG A O   1 
ATOM   1061 C  CB  . ARG A 1 172 ? -2.688  8.270   -2.226  1.00 20.64 ? 176  ARG A CB  1 
ATOM   1062 C  CG  . ARG A 1 172 ? -2.681  9.624   -2.936  1.00 22.27 ? 176  ARG A CG  1 
ATOM   1063 C  CD  . ARG A 1 172 ? -1.930  9.559   -4.251  1.00 25.43 ? 176  ARG A CD  1 
ATOM   1064 N  NE  . ARG A 1 172 ? -1.852  10.884  -4.851  1.00 26.37 ? 176  ARG A NE  1 
ATOM   1065 C  CZ  . ARG A 1 172 ? -1.333  11.140  -6.047  1.00 29.72 ? 176  ARG A CZ  1 
ATOM   1066 N  NH1 . ARG A 1 172 ? -1.301  12.386  -6.492  1.00 28.38 ? 176  ARG A NH1 1 
ATOM   1067 N  NH2 . ARG A 1 172 ? -0.862  10.145  -6.803  1.00 29.46 ? 176  ARG A NH2 1 
ATOM   1068 N  N   . LEU A 1 173 ? -5.437  9.636   -0.821  1.00 19.35 ? 177  LEU A N   1 
ATOM   1069 C  CA  . LEU A 1 173 ? -6.788  10.005  -1.105  1.00 21.42 ? 177  LEU A CA  1 
ATOM   1070 C  C   . LEU A 1 173 ? -6.694  11.086  -2.178  1.00 20.64 ? 177  LEU A C   1 
ATOM   1071 O  O   . LEU A 1 173 ? -6.215  12.189  -1.916  1.00 20.13 ? 177  LEU A O   1 
ATOM   1072 C  CB  . LEU A 1 173 ? -7.451  10.533  0.187   1.00 21.19 ? 177  LEU A CB  1 
ATOM   1073 C  CG  . LEU A 1 173 ? -8.908  10.978  0.164   1.00 23.94 ? 177  LEU A CG  1 
ATOM   1074 C  CD1 . LEU A 1 173 ? -9.767  9.735   0.013   1.00 21.50 ? 177  LEU A CD1 1 
ATOM   1075 C  CD2 . LEU A 1 173 ? -9.278  11.713  1.475   1.00 24.02 ? 177  LEU A CD2 1 
ATOM   1076 N  N   . LEU A 1 174 ? -7.125  10.756  -3.397  1.00 20.29 ? 178  LEU A N   1 
ATOM   1077 C  CA  . LEU A 1 174 ? -6.990  11.644  -4.514  1.00 19.99 ? 178  LEU A CA  1 
ATOM   1078 C  C   . LEU A 1 174 ? -8.338  11.863  -5.172  1.00 19.28 ? 178  LEU A C   1 
ATOM   1079 O  O   . LEU A 1 174 ? -9.073  10.923  -5.410  1.00 19.68 ? 178  LEU A O   1 
ATOM   1080 C  CB  . LEU A 1 174 ? -6.005  11.054  -5.542  1.00 19.30 ? 178  LEU A CB  1 
ATOM   1081 C  CG  . LEU A 1 174 ? -5.840  11.772  -6.886  1.00 19.98 ? 178  LEU A CG  1 
ATOM   1082 C  CD1 . LEU A 1 174 ? -5.175  13.127  -6.755  1.00 17.90 ? 178  LEU A CD1 1 
ATOM   1083 C  CD2 . LEU A 1 174 ? -5.029  10.892  -7.832  1.00 21.02 ? 178  LEU A CD2 1 
ATOM   1084 N  N   . GLN A 1 175 ? -8.622  13.107  -5.506  1.00 18.37 ? 179  GLN A N   1 
ATOM   1085 C  CA  . GLN A 1 175 ? -9.852  13.454  -6.175  1.00 17.62 ? 179  GLN A CA  1 
ATOM   1086 C  C   . GLN A 1 175 ? -9.538  14.407  -7.285  1.00 18.19 ? 179  GLN A C   1 
ATOM   1087 O  O   . GLN A 1 175 ? -9.019  15.506  -7.035  1.00 17.48 ? 179  GLN A O   1 
ATOM   1088 C  CB  . GLN A 1 175 ? -10.810 14.138  -5.214  1.00 17.68 ? 179  GLN A CB  1 
ATOM   1089 C  CG  . GLN A 1 175 ? -12.070 14.742  -5.894  1.00 17.53 ? 179  GLN A CG  1 
ATOM   1090 C  CD  . GLN A 1 175 ? -13.004 15.363  -4.877  1.00 17.67 ? 179  GLN A CD  1 
ATOM   1091 O  OE1 . GLN A 1 175 ? -13.281 16.584  -4.875  1.00 21.32 ? 179  GLN A OE1 1 
ATOM   1092 N  NE2 . GLN A 1 175 ? -13.480 14.551  -4.013  1.00 14.04 ? 179  GLN A NE2 1 
ATOM   1093 N  N   . ILE A 1 176 ? -9.852  13.997  -8.504  1.00 17.11 ? 180  ILE A N   1 
ATOM   1094 C  CA  . ILE A 1 176 ? -9.844  14.912  -9.603  1.00 18.90 ? 180  ILE A CA  1 
ATOM   1095 C  C   . ILE A 1 176 ? -11.309 15.082  -10.059 1.00 18.66 ? 180  ILE A C   1 
ATOM   1096 O  O   . ILE A 1 176 ? -11.988 16.073  -9.683  1.00 18.75 ? 180  ILE A O   1 
ATOM   1097 C  CB  . ILE A 1 176 ? -8.892  14.424  -10.752 1.00 18.83 ? 180  ILE A CB  1 
ATOM   1098 C  CG1 . ILE A 1 176 ? -7.542  13.970  -10.190 1.00 21.88 ? 180  ILE A CG1 1 
ATOM   1099 C  CG2 . ILE A 1 176 ? -8.738  15.498  -11.852 1.00 21.60 ? 180  ILE A CG2 1 
ATOM   1100 C  CD1 . ILE A 1 176 ? -6.777  15.064  -9.504  1.00 25.51 ? 180  ILE A CD1 1 
ATOM   1101 N  N   . LYS A 1 177 ? -11.783 14.134  -10.872 1.00 18.34 ? 181  LYS A N   1 
ATOM   1102 C  CA  . LYS A 1 177 ? -13.186 14.122  -11.325 1.00 18.50 ? 181  LYS A CA  1 
ATOM   1103 C  C   . LYS A 1 177 ? -14.031 13.271  -10.366 1.00 18.35 ? 181  LYS A C   1 
ATOM   1104 O  O   . LYS A 1 177 ? -15.234 13.501  -10.193 1.00 19.07 ? 181  LYS A O   1 
ATOM   1105 C  CB  . LYS A 1 177 ? -13.269 13.608  -12.770 1.00 18.58 ? 181  LYS A CB  1 
ATOM   1106 C  CG  . LYS A 1 177 ? -12.522 14.498  -13.744 1.00 20.81 ? 181  LYS A CG  1 
ATOM   1107 C  CD  . LYS A 1 177 ? -12.778 14.130  -15.191 1.00 25.38 ? 181  LYS A CD  1 
ATOM   1108 C  CE  . LYS A 1 177 ? -12.116 15.132  -16.112 1.00 28.79 ? 181  LYS A CE  1 
ATOM   1109 N  NZ  . LYS A 1 177 ? -12.956 15.370  -17.324 1.00 29.11 ? 181  LYS A NZ  1 
ATOM   1110 N  N   . PHE A 1 178 ? -13.379 12.315  -9.713  1.00 17.57 ? 182  PHE A N   1 
ATOM   1111 C  CA  . PHE A 1 178 ? -14.025 11.398  -8.746  1.00 17.31 ? 182  PHE A CA  1 
ATOM   1112 C  C   . PHE A 1 178 ? -12.948 11.080  -7.714  1.00 17.42 ? 182  PHE A C   1 
ATOM   1113 O  O   . PHE A 1 178 ? -11.772 11.297  -8.002  1.00 17.46 ? 182  PHE A O   1 
ATOM   1114 C  CB  . PHE A 1 178 ? -14.535 10.111  -9.426  1.00 17.01 ? 182  PHE A CB  1 
ATOM   1115 C  CG  . PHE A 1 178 ? -13.489 9.394   -10.276 1.00 18.12 ? 182  PHE A CG  1 
ATOM   1116 C  CD1 . PHE A 1 178 ? -13.306 9.743   -11.588 1.00 16.98 ? 182  PHE A CD1 1 
ATOM   1117 C  CD2 . PHE A 1 178 ? -12.704 8.361   -9.726  1.00 20.60 ? 182  PHE A CD2 1 
ATOM   1118 C  CE1 . PHE A 1 178 ? -12.327 9.119   -12.375 1.00 19.59 ? 182  PHE A CE1 1 
ATOM   1119 C  CE2 . PHE A 1 178 ? -11.738 7.698   -10.511 1.00 19.60 ? 182  PHE A CE2 1 
ATOM   1120 C  CZ  . PHE A 1 178 ? -11.529 8.099   -11.824 1.00 15.79 ? 182  PHE A CZ  1 
ATOM   1121 N  N   . ALA A 1 179 ? -13.342 10.591  -6.530  1.00 17.27 ? 183  ALA A N   1 
ATOM   1122 C  CA  . ALA A 1 179 ? -12.414 10.361  -5.447  1.00 17.47 ? 183  ALA A CA  1 
ATOM   1123 C  C   . ALA A 1 179 ? -12.085 8.890   -5.197  1.00 18.59 ? 183  ALA A C   1 
ATOM   1124 O  O   . ALA A 1 179 ? -12.973 8.035   -5.204  1.00 16.98 ? 183  ALA A O   1 
ATOM   1125 C  CB  . ALA A 1 179 ? -12.917 11.012  -4.162  1.00 18.37 ? 183  ALA A CB  1 
ATOM   1126 N  N   . THR A 1 180 ? -10.798 8.609   -4.975  1.00 18.54 ? 184  THR A N   1 
ATOM   1127 C  CA  . THR A 1 180 ? -10.361 7.247   -4.704  1.00 20.22 ? 184  THR A CA  1 
ATOM   1128 C  C   . THR A 1 180 ? -9.485  7.252   -3.469  1.00 20.20 ? 184  THR A C   1 
ATOM   1129 O  O   . THR A 1 180 ? -8.935  8.285   -3.094  1.00 19.42 ? 184  THR A O   1 
ATOM   1130 C  CB  . THR A 1 180 ? -9.558  6.670   -5.908  1.00 21.22 ? 184  THR A CB  1 
ATOM   1131 O  OG1 . THR A 1 180 ? -8.441  7.533   -6.208  1.00 22.32 ? 184  THR A OG1 1 
ATOM   1132 C  CG2 . THR A 1 180 ? -10.452 6.553   -7.153  1.00 21.81 ? 184  THR A CG2 1 
ATOM   1133 N  N   . LEU A 1 181 ? -9.374  6.086   -2.839  1.00 20.27 ? 185  LEU A N   1 
ATOM   1134 C  CA  . LEU A 1 181 ? -8.383  5.826   -1.841  1.00 20.42 ? 185  LEU A CA  1 
ATOM   1135 C  C   . LEU A 1 181 ? -7.494  4.670   -2.328  1.00 21.17 ? 185  LEU A C   1 
ATOM   1136 O  O   . LEU A 1 181 ? -8.003  3.582   -2.717  1.00 18.37 ? 185  LEU A O   1 
ATOM   1137 C  CB  . LEU A 1 181 ? -9.094  5.418   -0.506  1.00 19.93 ? 185  LEU A CB  1 
ATOM   1138 C  CG  . LEU A 1 181 ? -8.253  4.805   0.601   1.00 21.10 ? 185  LEU A CG  1 
ATOM   1139 C  CD1 . LEU A 1 181 ? -7.244  5.849   1.130   1.00 20.62 ? 185  LEU A CD1 1 
ATOM   1140 C  CD2 . LEU A 1 181 ? -9.120  4.250   1.780   1.00 22.45 ? 185  LEU A CD2 1 
ATOM   1141 N  N   . ASN A 1 182 ? -6.164  4.877   -2.266  1.00 21.07 ? 186  ASN A N   1 
ATOM   1142 C  CA  . ASN A 1 182 ? -5.253  3.795   -2.575  1.00 21.74 ? 186  ASN A CA  1 
ATOM   1143 C  C   . ASN A 1 182 ? -4.215  3.640   -1.485  1.00 22.12 ? 186  ASN A C   1 
ATOM   1144 O  O   . ASN A 1 182 ? -3.916  4.599   -0.787  1.00 20.82 ? 186  ASN A O   1 
ATOM   1145 C  CB  . ASN A 1 182 ? -4.585  4.025   -3.912  1.00 22.68 ? 186  ASN A CB  1 
ATOM   1146 C  CG  . ASN A 1 182 ? -5.496  3.687   -5.055  1.00 26.52 ? 186  ASN A CG  1 
ATOM   1147 O  OD1 . ASN A 1 182 ? -5.659  2.506   -5.395  1.00 32.10 ? 186  ASN A OD1 1 
ATOM   1148 N  ND2 . ASN A 1 182 ? -6.109  4.710   -5.653  1.00 26.09 ? 186  ASN A ND2 1 
ATOM   1149 N  N   . ILE A 1 183 ? -3.725  2.413   -1.333  1.00 20.81 ? 187  ILE A N   1 
ATOM   1150 C  CA  . ILE A 1 183 ? -2.712  2.133   -0.341  1.00 21.54 ? 187  ILE A CA  1 
ATOM   1151 C  C   . ILE A 1 183 ? -1.726  1.153   -0.940  1.00 21.82 ? 187  ILE A C   1 
ATOM   1152 O  O   . ILE A 1 183 ? -2.132  0.102   -1.488  1.00 22.02 ? 187  ILE A O   1 
ATOM   1153 C  CB  . ILE A 1 183 ? -3.320  1.493   0.959   1.00 20.72 ? 187  ILE A CB  1 
ATOM   1154 C  CG1 . ILE A 1 183 ? -4.515  2.293   1.515   1.00 22.04 ? 187  ILE A CG1 1 
ATOM   1155 C  CG2 . ILE A 1 183 ? -2.227  1.316   2.056   1.00 21.71 ? 187  ILE A CG2 1 
ATOM   1156 C  CD1 . ILE A 1 183 ? -5.269  1.559   2.611   1.00 22.49 ? 187  ILE A CD1 1 
ATOM   1157 N  N   . THR A 1 184 ? -0.445  1.459   -0.778  1.00 22.43 ? 188  THR A N   1 
ATOM   1158 C  CA  . THR A 1 184 ? 0.607   0.538   -1.150  1.00 22.61 ? 188  THR A CA  1 
ATOM   1159 C  C   . THR A 1 184 ? 1.406   0.273   0.107   1.00 21.69 ? 188  THR A C   1 
ATOM   1160 O  O   . THR A 1 184 ? 1.660   1.193   0.899   1.00 20.77 ? 188  THR A O   1 
ATOM   1161 C  CB  . THR A 1 184 ? 1.517   1.166   -2.226  1.00 23.95 ? 188  THR A CB  1 
ATOM   1162 O  OG1 . THR A 1 184 ? 0.704   1.476   -3.356  1.00 24.23 ? 188  THR A OG1 1 
ATOM   1163 C  CG2 . THR A 1 184 ? 2.592   0.184   -2.682  1.00 24.35 ? 188  THR A CG2 1 
ATOM   1164 N  N   . GLY A 1 185 ? 1.784   -0.976  0.297   1.00 20.49 ? 189  GLY A N   1 
ATOM   1165 C  CA  . GLY A 1 185 ? 2.518   -1.328  1.518   1.00 20.73 ? 189  GLY A CA  1 
ATOM   1166 C  C   . GLY A 1 185 ? 4.016   -1.401  1.304   1.00 20.67 ? 189  GLY A C   1 
ATOM   1167 O  O   . GLY A 1 185 ? 4.543   -1.119  0.236   1.00 20.70 ? 189  GLY A O   1 
ATOM   1168 N  N   . ASP A 1 186 ? 4.708   -1.771  2.374   1.00 21.86 ? 190  ASP A N   1 
ATOM   1169 C  CA  . ASP A 1 186 ? 6.113   -2.009  2.343   1.00 23.43 ? 190  ASP A CA  1 
ATOM   1170 C  C   . ASP A 1 186 ? 6.335   -3.300  1.536   1.00 23.42 ? 190  ASP A C   1 
ATOM   1171 O  O   . ASP A 1 186 ? 5.363   -3.949  1.145   1.00 22.84 ? 190  ASP A O   1 
ATOM   1172 C  CB  . ASP A 1 186 ? 6.577   -2.156  3.798   1.00 23.20 ? 190  ASP A CB  1 
ATOM   1173 C  CG  . ASP A 1 186 ? 8.076   -2.207  3.943   1.00 24.40 ? 190  ASP A CG  1 
ATOM   1174 O  OD1 . ASP A 1 186 ? 8.791   -1.807  3.028   1.00 23.86 ? 190  ASP A OD1 1 
ATOM   1175 O  OD2 . ASP A 1 186 ? 8.534   -2.615  5.019   1.00 26.21 ? 190  ASP A OD2 1 
ATOM   1176 N  N   . CYS A 1 187 ? 7.606   -3.644  1.295   1.00 24.79 ? 191  CYS A N   1 
ATOM   1177 C  CA  . CYS A 1 187 ? 8.012   -4.815  0.546   1.00 25.09 ? 191  CYS A CA  1 
ATOM   1178 C  C   . CYS A 1 187 ? 7.870   -6.056  1.438   1.00 23.91 ? 191  CYS A C   1 
ATOM   1179 O  O   . CYS A 1 187 ? 8.262   -6.016  2.619   1.00 24.34 ? 191  CYS A O   1 
ATOM   1180 C  CB  . CYS A 1 187 ? 9.486   -4.641  0.059   1.00 26.94 ? 191  CYS A CB  1 
ATOM   1181 S  SG  . CYS A 1 187 ? 10.086  -6.039  -0.925  1.00 31.52 ? 191  CYS A SG  1 
ATOM   1182 N  N   . PHE A 1 188 ? 7.280   -7.133  0.911   1.00 21.43 ? 192  PHE A N   1 
ATOM   1183 C  CA  . PHE A 1 188 ? 7.185   -8.407  1.678   1.00 19.70 ? 192  PHE A CA  1 
ATOM   1184 C  C   . PHE A 1 188 ? 7.565   -9.518  0.736   1.00 19.07 ? 192  PHE A C   1 
ATOM   1185 O  O   . PHE A 1 188 ? 7.245   -9.446  -0.417  1.00 18.43 ? 192  PHE A O   1 
ATOM   1186 C  CB  . PHE A 1 188 ? 5.744   -8.701  2.178   1.00 19.18 ? 192  PHE A CB  1 
ATOM   1187 C  CG  . PHE A 1 188 ? 5.234   -7.728  3.215   1.00 18.97 ? 192  PHE A CG  1 
ATOM   1188 C  CD1 . PHE A 1 188 ? 4.774   -6.464  2.830   1.00 20.31 ? 192  PHE A CD1 1 
ATOM   1189 C  CD2 . PHE A 1 188 ? 5.225   -8.062  4.576   1.00 20.50 ? 192  PHE A CD2 1 
ATOM   1190 C  CE1 . PHE A 1 188 ? 4.331   -5.525  3.790   1.00 19.95 ? 192  PHE A CE1 1 
ATOM   1191 C  CE2 . PHE A 1 188 ? 4.746   -7.136  5.554   1.00 21.06 ? 192  PHE A CE2 1 
ATOM   1192 C  CZ  . PHE A 1 188 ? 4.292   -5.858  5.127   1.00 19.88 ? 192  PHE A CZ  1 
ATOM   1193 N  N   . LEU A 1 189 ? 8.247   -10.537 1.249   1.00 18.02 ? 193  LEU A N   1 
ATOM   1194 C  CA  . LEU A 1 189 ? 8.508   -11.767 0.515   1.00 17.16 ? 193  LEU A CA  1 
ATOM   1195 C  C   . LEU A 1 189 ? 7.209   -12.463 0.172   1.00 18.02 ? 193  LEU A C   1 
ATOM   1196 O  O   . LEU A 1 189 ? 6.291   -12.541 0.993   1.00 17.87 ? 193  LEU A O   1 
ATOM   1197 C  CB  . LEU A 1 189 ? 9.362   -12.722 1.393   1.00 16.63 ? 193  LEU A CB  1 
ATOM   1198 C  CG  . LEU A 1 189 ? 10.728  -12.260 1.929   1.00 16.18 ? 193  LEU A CG  1 
ATOM   1199 C  CD1 . LEU A 1 189 ? 11.428  -13.338 2.777   1.00 15.66 ? 193  LEU A CD1 1 
ATOM   1200 C  CD2 . LEU A 1 189 ? 11.606  -11.938 0.702   1.00 13.75 ? 193  LEU A CD2 1 
ATOM   1201 N  N   . LEU A 1 190 ? 7.138   -13.014 -1.038  1.00 18.08 ? 194  LEU A N   1 
ATOM   1202 C  CA  . LEU A 1 190 ? 6.043   -13.877 -1.403  1.00 18.15 ? 194  LEU A CA  1 
ATOM   1203 C  C   . LEU A 1 190 ? 6.017   -15.118 -0.496  1.00 17.77 ? 194  LEU A C   1 
ATOM   1204 O  O   . LEU A 1 190 ? 7.067   -15.587 -0.075  1.00 17.29 ? 194  LEU A O   1 
ATOM   1205 C  CB  . LEU A 1 190 ? 6.251   -14.316 -2.865  1.00 18.79 ? 194  LEU A CB  1 
ATOM   1206 C  CG  . LEU A 1 190 ? 6.374   -13.187 -3.915  1.00 20.35 ? 194  LEU A CG  1 
ATOM   1207 C  CD1 . LEU A 1 190 ? 6.684   -13.752 -5.313  1.00 21.21 ? 194  LEU A CD1 1 
ATOM   1208 C  CD2 . LEU A 1 190 ? 5.085   -12.349 -3.971  1.00 22.56 ? 194  LEU A CD2 1 
ATOM   1209 N  N   . GLN A 1 191 ? 4.833   -15.656 -0.208  1.00 17.74 ? 195  GLN A N   1 
ATOM   1210 C  CA  . GLN A 1 191 ? 4.766   -16.891 0.565   1.00 18.79 ? 195  GLN A CA  1 
ATOM   1211 C  C   . GLN A 1 191 ? 5.621   -18.026 -0.046  1.00 18.41 ? 195  GLN A C   1 
ATOM   1212 O  O   . GLN A 1 191 ? 6.235   -18.793 0.680   1.00 17.87 ? 195  GLN A O   1 
ATOM   1213 C  CB  . GLN A 1 191 ? 3.316   -17.354 0.801   1.00 18.65 ? 195  GLN A CB  1 
ATOM   1214 C  CG  . GLN A 1 191 ? 3.266   -18.656 1.603   1.00 20.38 ? 195  GLN A CG  1 
ATOM   1215 C  CD  . GLN A 1 191 ? 3.760   -18.437 3.019   1.00 21.40 ? 195  GLN A CD  1 
ATOM   1216 O  OE1 . GLN A 1 191 ? 3.472   -17.397 3.618   1.00 22.44 ? 195  GLN A OE1 1 
ATOM   1217 N  NE2 . GLN A 1 191 ? 4.488   -19.395 3.563   1.00 21.79 ? 195  GLN A NE2 1 
ATOM   1218 N  N   . LYS A 1 192 ? 5.729   -18.099 -1.370  1.00 19.65 ? 196  LYS A N   1 
ATOM   1219 C  CA  . LYS A 1 192 ? 6.570   -19.165 -1.963  1.00 20.23 ? 196  LYS A CA  1 
ATOM   1220 C  C   . LYS A 1 192 ? 8.054   -19.082 -1.560  1.00 20.33 ? 196  LYS A C   1 
ATOM   1221 O  O   . LYS A 1 192 ? 8.738   -20.114 -1.426  1.00 20.68 ? 196  LYS A O   1 
ATOM   1222 C  CB  . LYS A 1 192 ? 6.407   -19.205 -3.479  1.00 21.73 ? 196  LYS A CB  1 
ATOM   1223 C  CG  . LYS A 1 192 ? 6.776   -17.914 -4.216  1.00 23.93 ? 196  LYS A CG  1 
ATOM   1224 C  CD  . LYS A 1 192 ? 6.850   -18.239 -5.725  1.00 32.22 ? 196  LYS A CD  1 
ATOM   1225 C  CE  . LYS A 1 192 ? 7.277   -17.044 -6.545  1.00 32.00 ? 196  LYS A CE  1 
ATOM   1226 N  NZ  . LYS A 1 192 ? 7.126   -17.336 -8.018  1.00 38.90 ? 196  LYS A NZ  1 
ATOM   1227 N  N   . VAL A 1 193 ? 8.548   -17.855 -1.351  1.00 19.28 ? 197  VAL A N   1 
ATOM   1228 C  CA  . VAL A 1 193 ? 9.906   -17.651 -0.806  1.00 19.00 ? 197  VAL A CA  1 
ATOM   1229 C  C   . VAL A 1 193 ? 9.985   -18.017 0.679   1.00 18.53 ? 197  VAL A C   1 
ATOM   1230 O  O   . VAL A 1 193 ? 10.959  -18.652 1.132   1.00 16.97 ? 197  VAL A O   1 
ATOM   1231 C  CB  . VAL A 1 193 ? 10.444  -16.202 -1.106  1.00 19.08 ? 197  VAL A CB  1 
ATOM   1232 C  CG1 . VAL A 1 193 ? 11.870  -16.014 -0.594  1.00 17.83 ? 197  VAL A CG1 1 
ATOM   1233 C  CG2 . VAL A 1 193 ? 10.372  -15.931 -2.623  1.00 19.55 ? 197  VAL A CG2 1 
ATOM   1234 N  N   . LEU A 1 194 ? 8.945   -17.655 1.441   1.00 19.62 ? 198  LEU A N   1 
ATOM   1235 C  CA  . LEU A 1 194 ? 8.900   -18.044 2.862   1.00 20.06 ? 198  LEU A CA  1 
ATOM   1236 C  C   . LEU A 1 194 ? 8.903   -19.550 3.009   1.00 20.11 ? 198  LEU A C   1 
ATOM   1237 O  O   . LEU A 1 194 ? 9.440   -20.065 3.981   1.00 21.32 ? 198  LEU A O   1 
ATOM   1238 C  CB  . LEU A 1 194 ? 7.693   -17.423 3.570   1.00 19.43 ? 198  LEU A CB  1 
ATOM   1239 C  CG  . LEU A 1 194 ? 7.750   -15.892 3.579   1.00 21.15 ? 198  LEU A CG  1 
ATOM   1240 C  CD1 . LEU A 1 194 ? 6.462   -15.267 4.051   1.00 23.19 ? 198  LEU A CD1 1 
ATOM   1241 C  CD2 . LEU A 1 194 ? 8.847   -15.410 4.451   1.00 20.07 ? 198  LEU A CD2 1 
ATOM   1242 N  N   . ASP A 1 195 ? 8.341   -20.262 2.034   1.00 20.89 ? 199  ASP A N   1 
ATOM   1243 C  CA  . ASP A 1 195 ? 8.369   -21.742 2.057   1.00 22.19 ? 199  ASP A CA  1 
ATOM   1244 C  C   . ASP A 1 195 ? 9.729   -22.343 1.694   1.00 22.89 ? 199  ASP A C   1 
ATOM   1245 O  O   . ASP A 1 195 ? 9.935   -23.541 1.853   1.00 23.58 ? 199  ASP A O   1 
ATOM   1246 C  CB  . ASP A 1 195 ? 7.267   -22.340 1.180   1.00 22.44 ? 199  ASP A CB  1 
ATOM   1247 C  CG  . ASP A 1 195 ? 5.891   -22.138 1.777   1.00 23.96 ? 199  ASP A CG  1 
ATOM   1248 O  OD1 . ASP A 1 195 ? 5.811   -21.762 2.973   1.00 25.54 ? 199  ASP A OD1 1 
ATOM   1249 O  OD2 . ASP A 1 195 ? 4.885   -22.333 1.065   1.00 26.63 ? 199  ASP A OD2 1 
ATOM   1250 N  N   . LEU A 1 196 ? 10.650  -21.510 1.206   1.00 23.62 ? 200  LEU A N   1 
ATOM   1251 C  CA  . LEU A 1 196 ? 12.022  -21.967 0.953   1.00 24.67 ? 200  LEU A CA  1 
ATOM   1252 C  C   . LEU A 1 196 ? 12.792  -22.010 2.254   1.00 24.18 ? 200  LEU A C   1 
ATOM   1253 O  O   . LEU A 1 196 ? 12.606  -21.146 3.091   1.00 23.11 ? 200  LEU A O   1 
ATOM   1254 C  CB  . LEU A 1 196 ? 12.730  -21.038 -0.040  1.00 25.46 ? 200  LEU A CB  1 
ATOM   1255 C  CG  . LEU A 1 196 ? 12.010  -20.892 -1.375  1.00 27.31 ? 200  LEU A CG  1 
ATOM   1256 C  CD1 . LEU A 1 196 ? 12.824  -20.006 -2.270  1.00 31.02 ? 200  LEU A CD1 1 
ATOM   1257 C  CD2 . LEU A 1 196 ? 11.763  -22.266 -2.029  1.00 29.80 ? 200  LEU A CD2 1 
ATOM   1258 N  N   . PRO A 1 197 ? 13.684  -23.012 2.422   1.00 25.37 ? 201  PRO A N   1 
ATOM   1259 C  CA  . PRO A 1 197 ? 14.404  -23.104 3.687   1.00 25.27 ? 201  PRO A CA  1 
ATOM   1260 C  C   . PRO A 1 197 ? 15.287  -21.863 3.784   1.00 25.25 ? 201  PRO A C   1 
ATOM   1261 O  O   . PRO A 1 197 ? 15.759  -21.374 2.759   1.00 24.54 ? 201  PRO A O   1 
ATOM   1262 C  CB  . PRO A 1 197 ? 15.282  -24.340 3.514   1.00 25.61 ? 201  PRO A CB  1 
ATOM   1263 C  CG  . PRO A 1 197 ? 14.754  -25.060 2.322   1.00 26.50 ? 201  PRO A CG  1 
ATOM   1264 C  CD  . PRO A 1 197 ? 14.124  -24.030 1.457   1.00 25.63 ? 201  PRO A CD  1 
ATOM   1265 N  N   . ALA A 1 198 ? 15.498  -21.368 4.994   1.00 25.81 ? 202  ALA A N   1 
ATOM   1266 C  CA  . ALA A 1 198 ? 16.331  -20.180 5.210   1.00 26.42 ? 202  ALA A CA  1 
ATOM   1267 C  C   . ALA A 1 198 ? 17.817  -20.431 4.846   1.00 26.86 ? 202  ALA A C   1 
ATOM   1268 O  O   . ALA A 1 198 ? 18.328  -21.550 5.006   1.00 26.64 ? 202  ALA A O   1 
ATOM   1269 C  CB  . ALA A 1 198 ? 16.197  -19.730 6.656   1.00 26.35 ? 202  ALA A CB  1 
ATOM   1270 N  N   . GLY A 1 199 ? 18.500  -19.406 4.338   1.00 26.74 ? 203  GLY A N   1 
ATOM   1271 C  CA  . GLY A 1 199 ? 19.917  -19.513 4.023   1.00 27.35 ? 203  GLY A CA  1 
ATOM   1272 C  C   . GLY A 1 199 ? 20.205  -20.034 2.624   1.00 28.21 ? 203  GLY A C   1 
ATOM   1273 O  O   . GLY A 1 199 ? 21.344  -20.337 2.269   1.00 27.22 ? 203  GLY A O   1 
ATOM   1274 N  N   . GLN A 1 200 ? 19.167  -20.125 1.815   1.00 29.43 ? 204  GLN A N   1 
ATOM   1275 C  CA  . GLN A 1 200 ? 19.324  -20.613 0.462   1.00 31.10 ? 204  GLN A CA  1 
ATOM   1276 C  C   . GLN A 1 200 ? 18.941  -19.519 -0.503  1.00 31.91 ? 204  GLN A C   1 
ATOM   1277 O  O   . GLN A 1 200 ? 18.018  -18.760 -0.224  1.00 30.71 ? 204  GLN A O   1 
ATOM   1278 C  CB  . GLN A 1 200 ? 18.414  -21.813 0.252   1.00 31.56 ? 204  GLN A CB  1 
ATOM   1279 C  CG  . GLN A 1 200 ? 18.859  -23.061 1.015   1.00 34.23 ? 204  GLN A CG  1 
ATOM   1280 C  CD  . GLN A 1 200 ? 19.539  -24.055 0.117   1.00 38.13 ? 204  GLN A CD  1 
ATOM   1281 O  OE1 . GLN A 1 200 ? 18.935  -24.375 -0.945  1.00 39.53 ? 204  GLN A OE1 1 
ATOM   1282 N  NE2 . GLN A 1 200 ? 20.670  -24.504 0.462   1.00 37.99 ? 204  GLN A NE2 1 
ATOM   1283 N  N   . LEU A 1 201 ? 19.625  -19.448 -1.646  1.00 32.95 ? 205  LEU A N   1 
ATOM   1284 C  CA  . LEU A 1 201 ? 19.218  -18.502 -2.688  1.00 35.05 ? 205  LEU A CA  1 
ATOM   1285 C  C   . LEU A 1 201 ? 17.966  -18.997 -3.409  1.00 35.74 ? 205  LEU A C   1 
ATOM   1286 O  O   . LEU A 1 201 ? 17.885  -20.169 -3.780  1.00 35.55 ? 205  LEU A O   1 
ATOM   1287 C  CB  . LEU A 1 201 ? 20.353  -18.224 -3.686  1.00 35.39 ? 205  LEU A CB  1 
ATOM   1288 C  CG  . LEU A 1 201 ? 20.216  -16.875 -4.422  1.00 36.10 ? 205  LEU A CG  1 
ATOM   1289 C  CD1 . LEU A 1 201 ? 20.647  -15.695 -3.554  1.00 37.71 ? 205  LEU A CD1 1 
ATOM   1290 C  CD2 . LEU A 1 201 ? 20.983  -16.870 -5.742  1.00 38.11 ? 205  LEU A CD2 1 
ATOM   1291 N  N   . PRO A 1 202 ? 16.968  -18.118 -3.604  1.00 37.18 ? 206  PRO A N   1 
ATOM   1292 C  CA  . PRO A 1 202 ? 15.850  -18.655 -4.360  1.00 38.01 ? 206  PRO A CA  1 
ATOM   1293 C  C   . PRO A 1 202 ? 16.313  -18.962 -5.780  1.00 39.26 ? 206  PRO A C   1 
ATOM   1294 O  O   . PRO A 1 202 ? 17.102  -18.191 -6.346  1.00 38.99 ? 206  PRO A O   1 
ATOM   1295 C  CB  . PRO A 1 202 ? 14.834  -17.511 -4.356  1.00 38.15 ? 206  PRO A CB  1 
ATOM   1296 C  CG  . PRO A 1 202 ? 15.230  -16.656 -3.198  1.00 38.49 ? 206  PRO A CG  1 
ATOM   1297 C  CD  . PRO A 1 202 ? 16.728  -16.721 -3.207  1.00 36.83 ? 206  PRO A CD  1 
ATOM   1298 N  N   . PRO A 1 203 ? 15.875  -20.109 -6.333  1.00 40.32 ? 207  PRO A N   1 
ATOM   1299 C  CA  . PRO A 1 203 ? 16.175  -20.420 -7.731  1.00 40.99 ? 207  PRO A CA  1 
ATOM   1300 C  C   . PRO A 1 203 ? 15.524  -19.414 -8.681  1.00 41.32 ? 207  PRO A C   1 
ATOM   1301 O  O   . PRO A 1 203 ? 16.136  -19.056 -9.695  1.00 42.28 ? 207  PRO A O   1 
ATOM   1302 C  CB  . PRO A 1 203 ? 15.577  -21.820 -7.933  1.00 40.94 ? 207  PRO A CB  1 
ATOM   1303 C  CG  . PRO A 1 203 ? 14.609  -22.014 -6.819  1.00 41.65 ? 207  PRO A CG  1 
ATOM   1304 C  CD  . PRO A 1 203 ? 15.106  -21.181 -5.671  1.00 40.68 ? 207  PRO A CD  1 
HETATM 1305 C  C1  . GOL B 2 .   ? -20.149 4.977   -6.917  1.00 43.81 ? 1208 GOL A C1  1 
HETATM 1306 O  O1  . GOL B 2 .   ? -18.994 5.579   -7.482  1.00 44.28 ? 1208 GOL A O1  1 
HETATM 1307 C  C2  . GOL B 2 .   ? -19.801 4.418   -5.543  1.00 44.19 ? 1208 GOL A C2  1 
HETATM 1308 O  O2  . GOL B 2 .   ? -18.446 4.048   -5.512  1.00 42.72 ? 1208 GOL A O2  1 
HETATM 1309 C  C3  . GOL B 2 .   ? -20.705 3.252   -5.170  1.00 44.45 ? 1208 GOL A C3  1 
HETATM 1310 O  O3  . GOL B 2 .   ? -21.343 3.536   -3.948  1.00 43.48 ? 1208 GOL A O3  1 
HETATM 1311 C  C1  . GOL C 2 .   ? -17.117 -2.795  -1.264  1.00 43.19 ? 1209 GOL A C1  1 
HETATM 1312 O  O1  . GOL C 2 .   ? -17.486 -3.071  -2.596  1.00 36.40 ? 1209 GOL A O1  1 
HETATM 1313 C  C2  . GOL C 2 .   ? -18.014 -3.505  -0.247  1.00 45.34 ? 1209 GOL A C2  1 
HETATM 1314 O  O2  . GOL C 2 .   ? -17.270 -4.564  0.333   1.00 47.92 ? 1209 GOL A O2  1 
HETATM 1315 C  C3  . GOL C 2 .   ? -18.491 -2.553  0.857   1.00 46.30 ? 1209 GOL A C3  1 
HETATM 1316 O  O3  . GOL C 2 .   ? -19.100 -1.368  0.364   1.00 45.77 ? 1209 GOL A O3  1 
HETATM 1317 C  C1  . GOL D 2 .   ? -15.507 25.555  -0.334  1.00 38.78 ? 1210 GOL A C1  1 
HETATM 1318 O  O1  . GOL D 2 .   ? -14.425 25.939  -1.166  1.00 39.34 ? 1210 GOL A O1  1 
HETATM 1319 C  C2  . GOL D 2 .   ? -15.382 24.095  0.090   1.00 37.86 ? 1210 GOL A C2  1 
HETATM 1320 O  O2  . GOL D 2 .   ? -15.661 23.187  -0.986  1.00 34.66 ? 1210 GOL A O2  1 
HETATM 1321 C  C3  . GOL D 2 .   ? -16.234 23.913  1.351   1.00 37.60 ? 1210 GOL A C3  1 
HETATM 1322 O  O3  . GOL D 2 .   ? -16.025 22.696  2.043   1.00 32.33 ? 1210 GOL A O3  1 
HETATM 1323 O  O   . HOH E 3 .   ? 26.625  -9.007  5.341   1.00 34.43 ? 2001 HOH A O   1 
HETATM 1324 O  O   . HOH E 3 .   ? 21.085  -15.745 5.782   1.00 31.09 ? 2002 HOH A O   1 
HETATM 1325 O  O   . HOH E 3 .   ? 16.682  -17.380 1.776   1.00 36.42 ? 2003 HOH A O   1 
HETATM 1326 O  O   . HOH E 3 .   ? 13.636  -12.800 9.559   1.00 26.96 ? 2004 HOH A O   1 
HETATM 1327 O  O   . HOH E 3 .   ? 8.601   -10.571 4.071   1.00 14.44 ? 2005 HOH A O   1 
HETATM 1328 O  O   . HOH E 3 .   ? -8.051  -6.537  9.833   1.00 32.25 ? 2006 HOH A O   1 
HETATM 1329 O  O   . HOH E 3 .   ? 2.656   -10.179 6.227   1.00 15.17 ? 2007 HOH A O   1 
HETATM 1330 O  O   . HOH E 3 .   ? 1.987   -14.824 5.985   1.00 25.29 ? 2008 HOH A O   1 
HETATM 1331 O  O   . HOH E 3 .   ? 3.767   -16.900 -3.263  1.00 20.21 ? 2009 HOH A O   1 
HETATM 1332 O  O   . HOH E 3 .   ? -4.072  -12.168 -0.344  1.00 29.76 ? 2010 HOH A O   1 
HETATM 1333 O  O   . HOH E 3 .   ? -9.129  -8.445  3.258   1.00 31.93 ? 2011 HOH A O   1 
HETATM 1334 O  O   . HOH E 3 .   ? -5.913  -5.153  8.673   1.00 16.99 ? 2012 HOH A O   1 
HETATM 1335 O  O   . HOH E 3 .   ? 0.630   -1.391  -10.227 1.00 38.67 ? 2013 HOH A O   1 
HETATM 1336 O  O   . HOH E 3 .   ? 4.728   -7.180  -10.858 1.00 45.58 ? 2014 HOH A O   1 
HETATM 1337 O  O   . HOH E 3 .   ? -11.953 -4.626  7.488   1.00 28.53 ? 2015 HOH A O   1 
HETATM 1338 O  O   . HOH E 3 .   ? -15.224 -1.172  8.884   1.00 31.83 ? 2016 HOH A O   1 
HETATM 1339 O  O   . HOH E 3 .   ? -19.918 3.221   7.396   1.00 34.52 ? 2017 HOH A O   1 
HETATM 1340 O  O   . HOH E 3 .   ? -16.247 8.081   11.388  1.00 38.66 ? 2018 HOH A O   1 
HETATM 1341 O  O   . HOH E 3 .   ? -21.150 2.686   1.285   1.00 26.35 ? 2019 HOH A O   1 
HETATM 1342 O  O   . HOH E 3 .   ? -11.035 -3.173  -6.023  1.00 26.93 ? 2020 HOH A O   1 
HETATM 1343 O  O   . HOH E 3 .   ? -14.834 -0.070  -15.810 1.00 31.69 ? 2021 HOH A O   1 
HETATM 1344 O  O   . HOH E 3 .   ? -7.853  -7.003  -6.456  1.00 24.99 ? 2022 HOH A O   1 
HETATM 1345 O  O   . HOH E 3 .   ? -1.247  -6.415  -3.981  1.00 18.05 ? 2023 HOH A O   1 
HETATM 1346 O  O   . HOH E 3 .   ? -8.727  -4.321  -6.626  1.00 23.41 ? 2024 HOH A O   1 
HETATM 1347 O  O   . HOH E 3 .   ? 0.329   -4.085  -10.356 1.00 33.77 ? 2025 HOH A O   1 
HETATM 1348 O  O   . HOH E 3 .   ? 4.468   -4.784  -11.101 1.00 39.40 ? 2026 HOH A O   1 
HETATM 1349 O  O   . HOH E 3 .   ? 9.044   0.444   -4.907  1.00 35.16 ? 2027 HOH A O   1 
HETATM 1350 O  O   . HOH E 3 .   ? 5.760   -0.952  -9.363  1.00 30.35 ? 2028 HOH A O   1 
HETATM 1351 O  O   . HOH E 3 .   ? 12.923  -3.699  -8.688  1.00 34.08 ? 2029 HOH A O   1 
HETATM 1352 O  O   . HOH E 3 .   ? 19.204  -6.578  -4.723  1.00 44.06 ? 2030 HOH A O   1 
HETATM 1353 O  O   . HOH E 3 .   ? 16.201  -9.766  -6.634  1.00 29.14 ? 2031 HOH A O   1 
HETATM 1354 O  O   . HOH E 3 .   ? 11.069  -7.717  -11.134 1.00 28.92 ? 2032 HOH A O   1 
HETATM 1355 O  O   . HOH E 3 .   ? 9.572   -6.687  -6.700  1.00 19.30 ? 2033 HOH A O   1 
HETATM 1356 O  O   . HOH E 3 .   ? 6.371   -14.517 -9.599  1.00 35.18 ? 2034 HOH A O   1 
HETATM 1357 O  O   . HOH E 3 .   ? 5.796   4.791   -1.858  1.00 35.65 ? 2035 HOH A O   1 
HETATM 1358 O  O   . HOH E 3 .   ? -4.957  0.567   -3.350  1.00 18.72 ? 2036 HOH A O   1 
HETATM 1359 O  O   . HOH E 3 .   ? -12.997 -6.810  -3.574  1.00 36.77 ? 2037 HOH A O   1 
HETATM 1360 O  O   . HOH E 3 .   ? -18.675 14.008  -0.078  1.00 33.89 ? 2038 HOH A O   1 
HETATM 1361 O  O   . HOH E 3 .   ? -18.936 20.579  3.384   1.00 37.81 ? 2039 HOH A O   1 
HETATM 1362 O  O   . HOH E 3 .   ? -18.552 16.406  0.820   1.00 22.32 ? 2040 HOH A O   1 
HETATM 1363 O  O   . HOH E 3 .   ? -11.677 13.157  10.831  1.00 36.46 ? 2041 HOH A O   1 
HETATM 1364 O  O   . HOH E 3 .   ? -3.522  6.678   14.953  1.00 33.00 ? 2042 HOH A O   1 
HETATM 1365 O  O   . HOH E 3 .   ? -10.218 2.451   13.557  1.00 30.25 ? 2043 HOH A O   1 
HETATM 1366 O  O   . HOH E 3 .   ? -0.219  9.557   9.701   1.00 16.14 ? 2044 HOH A O   1 
HETATM 1367 O  O   . HOH E 3 .   ? 1.822   13.377  10.434  1.00 40.93 ? 2045 HOH A O   1 
HETATM 1368 O  O   . HOH E 3 .   ? 6.628   8.999   8.482   1.00 30.67 ? 2046 HOH A O   1 
HETATM 1369 O  O   . HOH E 3 .   ? 4.433   15.563  7.677   1.00 31.83 ? 2047 HOH A O   1 
HETATM 1370 O  O   . HOH E 3 .   ? -3.867  16.259  8.336   1.00 43.31 ? 2048 HOH A O   1 
HETATM 1371 O  O   . HOH E 3 .   ? 3.699   12.222  1.419   1.00 40.40 ? 2049 HOH A O   1 
HETATM 1372 O  O   . HOH E 3 .   ? -12.106 17.781  -7.571  1.00 31.63 ? 2050 HOH A O   1 
HETATM 1373 O  O   . HOH E 3 .   ? -15.409 19.593  -5.192  1.00 43.80 ? 2051 HOH A O   1 
HETATM 1374 O  O   . HOH E 3 .   ? -13.645 12.226  -18.574 1.00 34.92 ? 2052 HOH A O   1 
HETATM 1375 O  O   . HOH E 3 .   ? -16.423 15.601  -11.226 1.00 28.37 ? 2053 HOH A O   1 
HETATM 1376 O  O   . HOH E 3 .   ? -9.057  10.073  -8.538  1.00 37.76 ? 2054 HOH A O   1 
HETATM 1377 O  O   . HOH E 3 .   ? -15.960 10.397  -6.015  1.00 16.51 ? 2055 HOH A O   1 
HETATM 1378 O  O   . HOH E 3 .   ? -7.440  1.235   -1.227  1.00 19.68 ? 2056 HOH A O   1 
HETATM 1379 O  O   . HOH E 3 .   ? -5.977  7.185   -4.537  1.00 19.51 ? 2057 HOH A O   1 
HETATM 1380 O  O   . HOH E 3 .   ? -0.730  4.464   -2.724  1.00 27.57 ? 2058 HOH A O   1 
HETATM 1381 O  O   . HOH E 3 .   ? 10.885  -21.928 6.135   1.00 38.79 ? 2059 HOH A O   1 
HETATM 1382 O  O   . HOH E 3 .   ? 9.642   -18.841 6.700   1.00 36.90 ? 2060 HOH A O   1 
HETATM 1383 O  O   . HOH E 3 .   ? -17.991 8.044   -8.064  1.00 21.92 ? 2061 HOH A O   1 
HETATM 1384 O  O   . HOH E 3 .   ? -17.525 -3.986  -5.519  1.00 34.44 ? 2062 HOH A O   1 
# 
